data_1L7X
#
_entry.id   1L7X
#
_cell.length_a   124.072
_cell.length_b   124.072
_cell.length_c   122.849
_cell.angle_alpha   90.00
_cell.angle_beta   90.00
_cell.angle_gamma   120.00
#
_symmetry.space_group_name_H-M   'P 31'
#
loop_
_entity.id
_entity.type
_entity.pdbx_description
1 polymer 'Glycogen phosphorylase, liver form'
2 non-polymer N-acetyl-beta-D-glucopyranosylamine
3 non-polymer "PYRIDOXAL-5'-PHOSPHATE"
4 non-polymer '[5-CHLORO-1H-INDOL-2-CARBONYL-PHENYLALANINYL]-AZETIDINE-3-CARBOXYLIC ACID'
5 non-polymer CAFFEINE
6 non-polymer (4R)-2-METHYLPENTANE-2,4-DIOL
7 water water
#
_entity_poly.entity_id   1
_entity_poly.type   'polypeptide(L)'
_entity_poly.pdbx_seq_one_letter_code
;MAKPLTDQEKRRQISIRGIVGVENVAELKKSFNRHLHFTLVKDRNVATTRDYYFALAHTVRDHLVGRWIRTQQHYYDKCP
KRVYYLSLEFYMGRTLQNTMINLGLQNACDEAIYQLGLDIEELEEIEEDAGLGNGGLGRLAACFLDSMATLGLAAYGYGI
RYEYGIFNQKIRDGWQVEEADDWLRYGNPWEKSRPEFMLPVHFYGKVEHTNTGTKWIDTQVVLALPYDTPVPGYMNNTVN
TMRLWSARAPNDFNLRDFNVGDYIQAVLDRNLAENISRVLYPNDNFFEGKELRLKQEYFVVAATLQDIIRRFKASKFGST
RGAGTVFDAFPDQVAIQLNDTHPALAIPELMRIFVDIEKLPWSKAWELTQKTFAYTNHTVLPEALERWPVDLVEKLLPRH
LEIIYEINQKHLDRIVALFPKDVDRLRRMSLIEEEGSKRINMAHLCIVGSHAVNGVAKIHSDIVKTKVFKDFSELEPDKF
QNKTNGITPRRWLLLCNPGLAELIAEKIGEDYVKDLSQLTKLHSFLGDDVFLRELAKVKQENKLKFSQFLETEYKVKINP
SSMFDVQVKRIHEYKRQLLNCLHVITMYNRIKKDPKKLFVPRTVIIGGKAAPGYHMAKMIIKLITSVADVVNNDPMVGSK
LKVIFLENYRVSLAEKVIPATDLSEQISTAGTEASGTGNMKFMLNGALTIGTMDGANVEMAEEAGEENLFIFGMRIDDVA
ALDKKGYEAKEYYEALPELKLVIDQIDNGFFSPKQPDLFKDIINMLFYHDRFKVFADYEAYVKCQDKVSQLYMNPKAWNT
MVLKNIAASGKFSSDRTIKEYAQNIWNVEPSDLKISLSNESNKVNGN
;
_entity_poly.pdbx_strand_id   A,B
#
# COMPACT_ATOMS: atom_id res chain seq x y z
N GLU A 23 12.65 17.75 24.91
CA GLU A 23 11.94 17.81 26.21
C GLU A 23 11.50 19.24 26.54
N ASN A 24 12.41 20.21 26.35
CA ASN A 24 12.08 21.61 26.63
C ASN A 24 11.58 22.26 25.34
N VAL A 25 11.02 23.46 25.45
CA VAL A 25 10.47 24.17 24.29
C VAL A 25 11.43 24.43 23.12
N ALA A 26 12.57 25.03 23.43
CA ALA A 26 13.54 25.35 22.39
C ALA A 26 13.95 24.12 21.59
N GLU A 27 14.20 23.01 22.28
CA GLU A 27 14.62 21.78 21.61
C GLU A 27 13.50 21.11 20.82
N LEU A 28 12.25 21.37 21.21
CA LEU A 28 11.11 20.80 20.50
C LEU A 28 10.94 21.59 19.20
N LYS A 29 11.30 22.87 19.23
CA LYS A 29 11.15 23.68 18.02
C LYS A 29 12.19 23.22 16.99
N LYS A 30 13.40 22.95 17.46
CA LYS A 30 14.47 22.50 16.57
C LYS A 30 14.14 21.15 15.97
N SER A 31 13.64 20.24 16.79
CA SER A 31 13.30 18.91 16.30
C SER A 31 12.21 19.01 15.25
N PHE A 32 11.21 19.85 15.51
CA PHE A 32 10.10 20.05 14.57
C PHE A 32 10.63 20.54 13.23
N ASN A 33 11.47 21.57 13.27
CA ASN A 33 12.03 22.12 12.05
C ASN A 33 12.94 21.11 11.36
N ARG A 34 13.56 20.25 12.15
CA ARG A 34 14.46 19.24 11.62
C ARG A 34 13.68 18.19 10.84
N HIS A 35 12.51 17.82 11.34
CA HIS A 35 11.65 16.86 10.67
C HIS A 35 10.96 17.48 9.46
N LEU A 36 10.51 18.72 9.59
CA LEU A 36 9.84 19.36 8.46
C LEU A 36 10.79 19.32 7.27
N HIS A 37 12.07 19.59 7.57
CA HIS A 37 13.14 19.63 6.57
C HIS A 37 13.57 18.24 6.02
N PHE A 38 14.19 17.42 6.88
CA PHE A 38 14.68 16.10 6.50
C PHE A 38 13.62 15.01 6.31
N THR A 39 12.51 15.10 7.02
CA THR A 39 11.49 14.06 6.91
C THR A 39 10.35 14.40 5.95
N LEU A 40 10.03 15.70 5.81
CA LEU A 40 8.96 16.11 4.91
C LEU A 40 9.49 16.84 3.67
N VAL A 41 10.80 17.09 3.66
CA VAL A 41 11.47 17.77 2.55
C VAL A 41 10.75 19.07 2.21
N LYS A 42 10.47 19.85 3.24
CA LYS A 42 9.78 21.12 3.07
C LYS A 42 10.39 22.26 3.85
N ASP A 43 9.96 23.47 3.53
CA ASP A 43 10.39 24.67 4.21
C ASP A 43 9.09 25.38 4.55
N ARG A 44 9.16 26.50 5.27
CA ARG A 44 7.92 27.18 5.66
C ARG A 44 7.09 27.77 4.52
N ASN A 45 7.72 28.06 3.39
CA ASN A 45 6.97 28.64 2.27
C ASN A 45 6.14 27.62 1.48
N VAL A 46 6.56 26.37 1.47
CA VAL A 46 5.85 25.35 0.71
C VAL A 46 5.21 24.25 1.57
N ALA A 47 5.44 24.29 2.88
CA ALA A 47 4.89 23.27 3.78
C ALA A 47 3.36 23.31 3.91
N THR A 48 2.72 22.16 3.75
CA THR A 48 1.26 22.06 3.89
C THR A 48 0.91 21.84 5.36
N THR A 49 -0.39 21.86 5.66
CA THR A 49 -0.84 21.65 7.05
C THR A 49 -0.55 20.21 7.42
N ARG A 50 -0.71 19.32 6.45
CA ARG A 50 -0.45 17.91 6.68
C ARG A 50 1.04 17.77 7.00
N ASP A 51 1.87 18.51 6.28
CA ASP A 51 3.32 18.48 6.52
C ASP A 51 3.64 18.88 7.97
N TYR A 52 3.09 20.00 8.43
CA TYR A 52 3.35 20.42 9.80
C TYR A 52 2.91 19.33 10.77
N TYR A 53 1.73 18.78 10.55
CA TYR A 53 1.23 17.72 11.41
C TYR A 53 2.17 16.53 11.45
N PHE A 54 2.69 16.12 10.31
CA PHE A 54 3.61 14.98 10.28
C PHE A 54 4.92 15.32 10.98
N ALA A 55 5.39 16.56 10.84
CA ALA A 55 6.62 16.97 11.49
C ALA A 55 6.41 16.97 13.00
N LEU A 56 5.24 17.39 13.46
CA LEU A 56 4.97 17.41 14.89
C LEU A 56 4.85 15.98 15.38
N ALA A 57 4.12 15.17 14.62
CA ALA A 57 3.91 13.76 14.95
C ALA A 57 5.24 13.03 15.13
N HIS A 58 6.17 13.25 14.20
CA HIS A 58 7.49 12.60 14.27
C HIS A 58 8.27 13.13 15.48
N THR A 59 8.11 14.42 15.75
CA THR A 59 8.81 15.03 16.88
C THR A 59 8.37 14.38 18.19
N VAL A 60 7.07 14.14 18.31
CA VAL A 60 6.54 13.53 19.53
C VAL A 60 6.88 12.05 19.55
N ARG A 61 6.76 11.41 18.40
CA ARG A 61 7.03 9.99 18.27
C ARG A 61 8.44 9.60 18.73
N ASP A 62 9.42 10.49 18.53
CA ASP A 62 10.79 10.22 18.94
C ASP A 62 10.92 10.01 20.45
N HIS A 63 10.04 10.63 21.23
CA HIS A 63 10.04 10.54 22.68
C HIS A 63 9.61 9.19 23.27
N LEU A 64 9.05 8.34 22.42
CA LEU A 64 8.57 7.02 22.79
C LEU A 64 9.60 5.91 22.57
N VAL A 65 10.41 6.06 21.53
CA VAL A 65 11.38 5.04 21.16
C VAL A 65 12.22 4.47 22.29
N GLY A 66 12.84 5.34 23.09
CA GLY A 66 13.67 4.89 24.18
C GLY A 66 12.96 3.95 25.14
N ARG A 67 11.78 4.37 25.59
CA ARG A 67 10.99 3.59 26.52
C ARG A 67 10.32 2.37 25.87
N TRP A 68 10.10 2.43 24.57
CA TRP A 68 9.47 1.30 23.89
C TRP A 68 10.43 0.13 23.79
N ILE A 69 11.68 0.42 23.44
CA ILE A 69 12.72 -0.60 23.32
C ILE A 69 13.06 -1.12 24.72
N ARG A 70 13.16 -0.18 25.65
CA ARG A 70 13.49 -0.47 27.03
C ARG A 70 12.41 -1.35 27.66
N THR A 71 11.14 -1.00 27.41
CA THR A 71 10.03 -1.77 27.96
C THR A 71 10.00 -3.21 27.43
N GLN A 72 10.12 -3.36 26.12
CA GLN A 72 10.09 -4.69 25.53
C GLN A 72 11.31 -5.52 25.91
N GLN A 73 12.43 -4.84 26.16
CA GLN A 73 13.65 -5.54 26.56
C GLN A 73 13.48 -6.01 27.99
N HIS A 74 12.81 -5.20 28.79
CA HIS A 74 12.57 -5.54 30.17
C HIS A 74 11.70 -6.80 30.27
N TYR A 75 10.67 -6.88 29.43
CA TYR A 75 9.79 -8.04 29.45
C TYR A 75 10.53 -9.32 29.11
N TYR A 76 11.55 -9.21 28.26
CA TYR A 76 12.34 -10.36 27.85
C TYR A 76 13.28 -10.81 28.97
N ASP A 77 13.90 -9.86 29.65
CA ASP A 77 14.85 -10.18 30.72
C ASP A 77 14.23 -10.71 32.01
N LYS A 78 13.05 -10.22 32.37
CA LYS A 78 12.40 -10.64 33.60
C LYS A 78 11.27 -11.66 33.38
N CYS A 79 10.84 -11.78 32.13
CA CYS A 79 9.77 -12.70 31.76
C CYS A 79 8.55 -12.72 32.67
N PRO A 80 7.83 -11.60 32.77
CA PRO A 80 6.63 -11.58 33.63
C PRO A 80 5.55 -12.26 32.82
N LYS A 81 4.48 -12.73 33.46
CA LYS A 81 3.42 -13.38 32.68
C LYS A 81 2.89 -12.34 31.68
N ARG A 82 2.69 -12.78 30.44
CA ARG A 82 2.20 -11.88 29.40
C ARG A 82 0.69 -12.03 29.15
N VAL A 83 0.04 -10.90 28.88
CA VAL A 83 -1.39 -10.88 28.61
C VAL A 83 -1.58 -10.49 27.16
N TYR A 84 -2.38 -11.26 26.45
CA TYR A 84 -2.62 -10.97 25.05
C TYR A 84 -4.11 -10.74 24.85
N TYR A 85 -4.45 -9.52 24.46
CA TYR A 85 -5.83 -9.17 24.20
C TYR A 85 -6.07 -9.37 22.71
N LEU A 86 -6.74 -10.47 22.39
CA LEU A 86 -7.01 -10.82 21.01
C LEU A 86 -8.39 -10.34 20.56
N SER A 87 -8.41 -9.44 19.59
CA SER A 87 -9.65 -8.86 19.13
C SER A 87 -9.64 -8.46 17.66
N LEU A 88 -10.78 -8.60 17.00
CA LEU A 88 -10.87 -8.20 15.62
C LEU A 88 -11.02 -6.68 15.56
N GLU A 89 -11.25 -6.06 16.72
CA GLU A 89 -11.43 -4.61 16.75
C GLU A 89 -10.65 -3.78 17.79
N PHE A 90 -10.16 -2.63 17.33
CA PHE A 90 -9.45 -1.68 18.17
C PHE A 90 -9.85 -0.30 17.67
N TYR A 91 -10.78 0.34 18.38
CA TYR A 91 -11.31 1.66 18.04
C TYR A 91 -10.42 2.68 18.73
N MET A 92 -9.24 2.90 18.16
CA MET A 92 -8.24 3.79 18.72
C MET A 92 -8.38 5.31 18.59
N GLY A 93 -9.11 5.80 17.58
CA GLY A 93 -9.23 7.24 17.41
C GLY A 93 -7.88 7.84 17.03
N ARG A 94 -7.59 9.06 17.49
CA ARG A 94 -6.33 9.75 17.19
C ARG A 94 -5.24 9.46 18.22
N THR A 95 -3.98 9.49 17.78
CA THR A 95 -2.86 9.17 18.64
C THR A 95 -1.98 10.33 19.15
N LEU A 96 -1.84 11.40 18.37
CA LEU A 96 -0.99 12.52 18.73
C LEU A 96 -1.22 13.15 20.11
N GLN A 97 -2.40 13.68 20.35
CA GLN A 97 -2.69 14.31 21.62
C GLN A 97 -2.55 13.30 22.76
N ASN A 98 -3.15 12.12 22.58
CA ASN A 98 -3.10 11.10 23.60
C ASN A 98 -1.66 10.84 24.03
N THR A 99 -0.78 10.71 23.05
CA THR A 99 0.63 10.44 23.29
C THR A 99 1.32 11.60 24.00
N MET A 100 0.97 12.83 23.65
CA MET A 100 1.57 13.99 24.30
C MET A 100 1.19 14.06 25.78
N ILE A 101 -0.06 13.69 26.08
CA ILE A 101 -0.53 13.73 27.46
C ILE A 101 0.14 12.65 28.32
N ASN A 102 0.14 11.41 27.82
CA ASN A 102 0.73 10.32 28.56
C ASN A 102 2.24 10.47 28.74
N LEU A 103 2.88 11.26 27.90
CA LEU A 103 4.33 11.48 27.99
C LEU A 103 4.67 12.81 28.65
N GLY A 104 3.64 13.58 29.01
CA GLY A 104 3.84 14.87 29.65
C GLY A 104 4.44 15.92 28.72
N LEU A 105 4.04 15.90 27.44
CA LEU A 105 4.59 16.84 26.47
C LEU A 105 3.63 17.90 25.92
N GLN A 106 2.33 17.65 26.06
CA GLN A 106 1.32 18.58 25.55
C GLN A 106 1.65 20.06 25.72
N ASN A 107 1.74 20.52 26.96
CA ASN A 107 2.01 21.93 27.23
C ASN A 107 3.26 22.45 26.54
N ALA A 108 4.31 21.64 26.51
CA ALA A 108 5.55 22.05 25.86
C ALA A 108 5.34 22.14 24.36
N CYS A 109 4.70 21.13 23.77
CA CYS A 109 4.46 21.13 22.34
C CYS A 109 3.53 22.27 21.95
N ASP A 110 2.51 22.50 22.77
CA ASP A 110 1.58 23.58 22.48
C ASP A 110 2.33 24.90 22.38
N GLU A 111 3.27 25.12 23.30
CA GLU A 111 4.05 26.35 23.33
C GLU A 111 5.01 26.44 22.13
N ALA A 112 5.72 25.34 21.86
CA ALA A 112 6.65 25.29 20.73
C ALA A 112 5.94 25.60 19.41
N ILE A 113 4.84 24.89 19.15
CA ILE A 113 4.05 25.09 17.93
C ILE A 113 3.58 26.52 17.81
N TYR A 114 3.04 27.06 18.90
CA TYR A 114 2.57 28.44 18.91
C TYR A 114 3.73 29.39 18.57
N GLN A 115 4.92 29.11 19.11
CA GLN A 115 6.09 29.95 18.84
C GLN A 115 6.57 29.85 17.39
N LEU A 116 6.18 28.78 16.70
CA LEU A 116 6.57 28.61 15.31
C LEU A 116 5.53 29.27 14.39
N GLY A 117 4.53 29.89 15.00
CA GLY A 117 3.49 30.57 14.23
C GLY A 117 2.34 29.67 13.84
N LEU A 118 2.23 28.52 14.47
CA LEU A 118 1.18 27.58 14.12
C LEU A 118 0.18 27.34 15.25
N ASP A 119 -0.94 26.72 14.90
CA ASP A 119 -2.00 26.40 15.85
C ASP A 119 -2.04 24.87 15.98
N ILE A 120 -1.56 24.36 17.10
CA ILE A 120 -1.52 22.93 17.32
C ILE A 120 -2.88 22.24 17.15
N GLU A 121 -3.96 22.94 17.50
CA GLU A 121 -5.29 22.37 17.37
C GLU A 121 -5.65 22.07 15.91
N GLU A 122 -5.20 22.93 15.00
CA GLU A 122 -5.47 22.74 13.59
C GLU A 122 -4.67 21.57 13.04
N LEU A 123 -3.43 21.42 13.53
CA LEU A 123 -2.58 20.33 13.09
C LEU A 123 -3.16 19.01 13.55
N GLU A 124 -3.71 19.00 14.76
CA GLU A 124 -4.30 17.78 15.32
C GLU A 124 -5.48 17.26 14.50
N GLU A 125 -6.27 18.17 13.92
CA GLU A 125 -7.43 17.77 13.13
C GLU A 125 -7.04 17.08 11.81
N ILE A 126 -5.78 17.17 11.43
CA ILE A 126 -5.29 16.54 10.21
C ILE A 126 -5.26 15.02 10.40
N GLU A 127 -4.86 14.59 11.59
CA GLU A 127 -4.76 13.16 11.85
C GLU A 127 -6.06 12.39 11.64
N GLU A 128 -5.97 11.32 10.85
CA GLU A 128 -7.12 10.47 10.57
C GLU A 128 -7.37 9.57 11.77
N ASP A 129 -8.62 9.25 12.05
CA ASP A 129 -8.92 8.35 13.16
C ASP A 129 -8.51 6.94 12.77
N ALA A 130 -8.00 6.18 13.72
CA ALA A 130 -7.69 4.80 13.43
C ALA A 130 -8.99 4.10 13.88
N GLY A 131 -9.99 4.11 13.02
CA GLY A 131 -11.28 3.51 13.34
C GLY A 131 -11.44 2.06 12.95
N LEU A 132 -10.61 1.20 13.54
CA LEU A 132 -10.63 -0.22 13.25
C LEU A 132 -11.58 -0.95 14.20
N GLY A 133 -12.73 -0.30 14.44
CA GLY A 133 -13.75 -0.86 15.31
C GLY A 133 -15.13 -0.36 14.91
N ASN A 134 -16.15 -0.93 15.52
CA ASN A 134 -17.53 -0.56 15.22
C ASN A 134 -18.16 0.30 16.29
N GLY A 135 -17.78 0.03 17.53
CA GLY A 135 -18.31 0.77 18.66
C GLY A 135 -17.69 0.35 19.97
N GLY A 136 -18.53 0.12 20.97
CA GLY A 136 -18.06 -0.25 22.30
C GLY A 136 -17.01 -1.34 22.39
N LEU A 137 -17.32 -2.49 21.81
CA LEU A 137 -16.42 -3.64 21.82
C LEU A 137 -15.01 -3.26 21.37
N GLY A 138 -14.92 -2.45 20.33
CA GLY A 138 -13.62 -2.03 19.82
C GLY A 138 -12.98 -0.94 20.63
N ARG A 139 -13.80 -0.07 21.22
CA ARG A 139 -13.30 1.03 22.02
C ARG A 139 -12.89 0.52 23.39
N LEU A 140 -13.57 -0.51 23.87
CA LEU A 140 -13.23 -1.08 25.17
C LEU A 140 -11.79 -1.58 25.08
N ALA A 141 -11.50 -2.34 24.02
CA ALA A 141 -10.17 -2.90 23.80
C ALA A 141 -9.11 -1.80 23.80
N ALA A 142 -9.43 -0.66 23.18
CA ALA A 142 -8.50 0.45 23.12
C ALA A 142 -8.27 1.05 24.51
N CYS A 143 -9.34 1.17 25.30
CA CYS A 143 -9.19 1.74 26.64
C CYS A 143 -8.38 0.78 27.53
N PHE A 144 -8.53 -0.51 27.26
CA PHE A 144 -7.83 -1.54 28.03
C PHE A 144 -6.32 -1.48 27.84
N LEU A 145 -5.89 -1.24 26.61
CA LEU A 145 -4.46 -1.16 26.33
C LEU A 145 -3.90 0.02 27.09
N ASP A 146 -4.58 1.16 27.02
CA ASP A 146 -4.13 2.34 27.73
C ASP A 146 -3.99 2.02 29.23
N SER A 147 -5.01 1.40 29.79
CA SER A 147 -5.00 1.03 31.20
C SER A 147 -3.89 0.03 31.52
N MET A 148 -3.77 -1.01 30.70
CA MET A 148 -2.73 -2.03 30.90
C MET A 148 -1.33 -1.41 30.83
N ALA A 149 -1.14 -0.39 30.01
CA ALA A 149 0.16 0.27 29.92
C ALA A 149 0.35 1.18 31.13
N THR A 150 -0.73 1.82 31.57
CA THR A 150 -0.62 2.71 32.72
C THR A 150 -0.31 1.92 34.01
N LEU A 151 -0.85 0.71 34.10
CA LEU A 151 -0.62 -0.14 35.25
C LEU A 151 0.70 -0.90 35.16
N GLY A 152 1.43 -0.72 34.06
CA GLY A 152 2.70 -1.39 33.91
C GLY A 152 2.64 -2.89 33.63
N LEU A 153 1.58 -3.35 32.98
CA LEU A 153 1.46 -4.76 32.66
C LEU A 153 2.17 -5.11 31.36
N ALA A 154 2.61 -6.36 31.24
CA ALA A 154 3.28 -6.81 30.03
C ALA A 154 2.16 -7.28 29.11
N ALA A 155 1.38 -6.33 28.62
CA ALA A 155 0.24 -6.63 27.76
C ALA A 155 0.48 -6.33 26.29
N TYR A 156 -0.17 -7.11 25.44
CA TYR A 156 -0.05 -6.96 24.00
C TYR A 156 -1.45 -7.06 23.39
N GLY A 157 -1.78 -6.15 22.48
CA GLY A 157 -3.07 -6.23 21.82
C GLY A 157 -2.83 -6.82 20.44
N TYR A 158 -3.69 -7.72 19.98
CA TYR A 158 -3.53 -8.33 18.66
C TYR A 158 -4.78 -8.25 17.80
N GLY A 159 -4.67 -7.56 16.67
CA GLY A 159 -5.80 -7.41 15.77
C GLY A 159 -5.39 -7.46 14.32
N ILE A 160 -6.24 -6.90 13.47
CA ILE A 160 -6.01 -6.85 12.04
C ILE A 160 -5.82 -5.39 11.64
N ARG A 161 -4.84 -5.15 10.78
CA ARG A 161 -4.57 -3.79 10.30
C ARG A 161 -5.42 -3.61 9.04
N TYR A 162 -6.68 -3.23 9.24
CA TYR A 162 -7.58 -3.03 8.11
C TYR A 162 -7.13 -1.86 7.25
N GLU A 163 -7.11 -2.07 5.93
CA GLU A 163 -6.73 -0.97 5.04
C GLU A 163 -7.83 0.08 5.20
N TYR A 164 -9.06 -0.40 5.39
CA TYR A 164 -10.19 0.49 5.60
C TYR A 164 -10.88 0.13 6.89
N GLY A 165 -11.11 1.13 7.73
CA GLY A 165 -11.78 0.89 9.00
C GLY A 165 -13.26 1.10 8.80
N ILE A 166 -13.93 1.47 9.89
CA ILE A 166 -15.35 1.73 9.83
C ILE A 166 -15.51 2.88 8.83
N PHE A 167 -16.43 2.72 7.89
CA PHE A 167 -16.68 3.73 6.85
C PHE A 167 -16.97 5.12 7.37
N ASN A 168 -16.72 6.11 6.52
CA ASN A 168 -17.02 7.49 6.86
C ASN A 168 -18.46 7.74 6.43
N GLN A 169 -19.24 8.30 7.34
CA GLN A 169 -20.65 8.56 7.11
C GLN A 169 -20.97 9.97 6.68
N LYS A 170 -21.83 10.07 5.68
CA LYS A 170 -22.29 11.36 5.21
C LYS A 170 -23.80 11.27 5.05
N ILE A 171 -24.46 12.42 5.07
CA ILE A 171 -25.90 12.44 4.91
C ILE A 171 -26.18 13.21 3.63
N ARG A 172 -26.81 12.55 2.68
CA ARG A 172 -27.14 13.19 1.41
C ARG A 172 -28.64 13.05 1.27
N ASP A 173 -29.34 14.18 1.22
CA ASP A 173 -30.78 14.17 1.07
C ASP A 173 -31.45 13.47 2.28
N GLY A 174 -30.90 13.70 3.46
CA GLY A 174 -31.46 13.10 4.66
C GLY A 174 -31.04 11.66 4.95
N TRP A 175 -30.40 10.99 3.99
CA TRP A 175 -29.98 9.60 4.17
C TRP A 175 -28.48 9.39 4.41
N GLN A 176 -28.17 8.34 5.16
CA GLN A 176 -26.78 7.99 5.40
C GLN A 176 -26.20 7.48 4.09
N VAL A 177 -25.01 7.96 3.77
CA VAL A 177 -24.28 7.53 2.57
C VAL A 177 -22.90 7.11 3.07
N GLU A 178 -22.39 5.99 2.56
CA GLU A 178 -21.09 5.50 3.00
C GLU A 178 -19.94 5.78 2.04
N GLU A 179 -18.81 6.18 2.61
CA GLU A 179 -17.61 6.44 1.84
C GLU A 179 -16.48 5.65 2.49
N ALA A 180 -15.63 5.05 1.67
CA ALA A 180 -14.52 4.25 2.18
C ALA A 180 -13.67 5.12 3.10
N ASP A 181 -13.19 4.55 4.19
CA ASP A 181 -12.35 5.29 5.12
C ASP A 181 -10.89 4.90 4.87
N ASP A 182 -10.36 5.47 3.80
CA ASP A 182 -8.99 5.25 3.35
C ASP A 182 -8.01 5.94 4.29
N TRP A 183 -8.00 5.51 5.55
CA TRP A 183 -7.15 6.10 6.58
C TRP A 183 -5.63 6.01 6.46
N LEU A 184 -5.12 5.09 5.65
CA LEU A 184 -3.66 4.94 5.49
C LEU A 184 -3.10 5.66 4.26
N ARG A 185 -3.99 6.18 3.42
CA ARG A 185 -3.61 6.87 2.20
C ARG A 185 -2.40 7.80 2.32
N TYR A 186 -2.41 8.67 3.32
CA TYR A 186 -1.32 9.62 3.48
C TYR A 186 -0.19 9.10 4.37
N GLY A 187 -0.28 7.86 4.79
CA GLY A 187 0.75 7.29 5.65
C GLY A 187 0.42 7.37 7.13
N ASN A 188 1.00 6.47 7.91
CA ASN A 188 0.75 6.41 9.35
C ASN A 188 2.06 6.40 10.12
N PRO A 189 2.41 7.52 10.76
CA PRO A 189 3.66 7.61 11.53
C PRO A 189 3.68 6.78 12.83
N TRP A 190 2.50 6.44 13.34
CA TRP A 190 2.42 5.70 14.58
C TRP A 190 2.53 4.18 14.45
N GLU A 191 2.72 3.68 13.24
CA GLU A 191 2.85 2.24 13.05
C GLU A 191 4.25 1.85 12.59
N LYS A 192 4.71 0.68 13.04
CA LYS A 192 6.03 0.23 12.67
C LYS A 192 6.01 -1.18 12.12
N SER A 193 6.26 -1.28 10.82
CA SER A 193 6.32 -2.54 10.13
C SER A 193 7.40 -3.43 10.81
N ARG A 194 7.10 -4.70 11.01
CA ARG A 194 8.05 -5.66 11.61
C ARG A 194 8.17 -6.82 10.62
N PRO A 195 8.84 -6.59 9.48
CA PRO A 195 9.00 -7.63 8.47
C PRO A 195 9.66 -8.93 8.93
N GLU A 196 10.62 -8.85 9.85
CA GLU A 196 11.28 -10.06 10.32
C GLU A 196 10.33 -11.03 11.05
N PHE A 197 9.15 -10.56 11.42
CA PHE A 197 8.20 -11.42 12.13
C PHE A 197 7.04 -11.86 11.25
N MET A 198 7.17 -11.69 9.95
CA MET A 198 6.14 -12.08 9.00
C MET A 198 5.84 -13.57 9.21
N LEU A 199 4.62 -13.99 8.91
CA LEU A 199 4.21 -15.38 9.09
C LEU A 199 3.19 -15.85 8.05
N PRO A 200 3.23 -17.15 7.74
CA PRO A 200 2.29 -17.70 6.75
C PRO A 200 1.04 -18.22 7.45
N VAL A 201 -0.12 -17.99 6.84
CA VAL A 201 -1.38 -18.48 7.39
C VAL A 201 -1.97 -19.32 6.27
N HIS A 202 -2.44 -20.51 6.62
CA HIS A 202 -3.01 -21.45 5.65
C HIS A 202 -4.52 -21.50 5.59
N PHE A 203 -5.05 -21.90 4.43
CA PHE A 203 -6.49 -22.00 4.25
C PHE A 203 -6.77 -23.14 3.32
N TYR A 204 -7.98 -23.69 3.42
CA TYR A 204 -8.41 -24.79 2.58
C TYR A 204 -7.54 -26.05 2.75
N GLY A 205 -7.14 -26.65 1.64
CA GLY A 205 -6.35 -27.85 1.70
C GLY A 205 -7.16 -29.03 2.22
N LYS A 206 -6.47 -30.08 2.65
CA LYS A 206 -7.14 -31.26 3.18
C LYS A 206 -6.29 -31.84 4.31
N VAL A 207 -6.87 -32.79 5.05
CA VAL A 207 -6.18 -33.39 6.18
C VAL A 207 -5.61 -34.77 5.85
N GLU A 208 -4.43 -35.03 6.40
CA GLU A 208 -3.73 -36.29 6.18
C GLU A 208 -3.29 -36.86 7.53
N HIS A 209 -3.89 -37.97 7.92
CA HIS A 209 -3.56 -38.61 9.19
C HIS A 209 -2.50 -39.69 8.96
N THR A 210 -1.23 -39.27 9.00
CA THR A 210 -0.12 -40.18 8.78
C THR A 210 0.47 -40.72 10.06
N ASN A 211 1.50 -41.57 9.92
CA ASN A 211 2.15 -42.18 11.07
C ASN A 211 3.19 -41.29 11.73
N THR A 212 3.37 -40.08 11.21
CA THR A 212 4.31 -39.13 11.78
C THR A 212 3.53 -37.93 12.33
N GLY A 213 2.21 -38.07 12.36
CA GLY A 213 1.34 -37.00 12.83
C GLY A 213 0.34 -36.59 11.77
N THR A 214 -0.64 -35.79 12.15
CA THR A 214 -1.63 -35.33 11.19
C THR A 214 -1.03 -34.19 10.36
N LYS A 215 -1.29 -34.21 9.07
CA LYS A 215 -0.75 -33.19 8.18
C LYS A 215 -1.82 -32.44 7.39
N TRP A 216 -1.84 -31.12 7.55
CA TRP A 216 -2.79 -30.27 6.87
C TRP A 216 -2.05 -29.78 5.61
N ILE A 217 -2.43 -30.34 4.46
CA ILE A 217 -1.74 -30.03 3.21
C ILE A 217 -2.55 -29.48 2.04
N ASP A 218 -1.82 -29.18 0.97
CA ASP A 218 -2.40 -28.62 -0.26
C ASP A 218 -3.23 -27.40 0.09
N THR A 219 -2.68 -26.55 0.94
CA THR A 219 -3.37 -25.36 1.39
C THR A 219 -3.02 -24.11 0.57
N GLN A 220 -3.85 -23.08 0.71
CA GLN A 220 -3.59 -21.81 0.06
C GLN A 220 -2.91 -20.98 1.13
N VAL A 221 -1.76 -20.38 0.81
CA VAL A 221 -1.05 -19.60 1.79
C VAL A 221 -1.22 -18.09 1.60
N VAL A 222 -1.31 -17.40 2.73
CA VAL A 222 -1.42 -15.95 2.75
C VAL A 222 -0.45 -15.55 3.84
N LEU A 223 0.34 -14.53 3.57
CA LEU A 223 1.30 -14.08 4.55
C LEU A 223 0.69 -12.99 5.40
N ALA A 224 1.12 -12.94 6.66
CA ALA A 224 0.64 -11.92 7.58
C ALA A 224 1.84 -11.12 8.01
N LEU A 225 1.82 -9.83 7.70
CA LEU A 225 2.90 -8.92 8.06
C LEU A 225 2.40 -8.09 9.23
N PRO A 226 3.10 -8.17 10.37
CA PRO A 226 2.69 -7.43 11.57
C PRO A 226 3.18 -5.99 11.57
N TYR A 227 2.34 -5.12 12.11
CA TYR A 227 2.65 -3.71 12.24
C TYR A 227 2.46 -3.42 13.73
N ASP A 228 3.48 -2.86 14.35
CA ASP A 228 3.43 -2.53 15.76
C ASP A 228 3.14 -1.06 15.99
N THR A 229 2.26 -0.78 16.96
CA THR A 229 1.92 0.58 17.33
C THR A 229 2.17 0.67 18.82
N PRO A 230 2.95 1.66 19.25
CA PRO A 230 3.26 1.82 20.67
C PRO A 230 2.04 2.28 21.50
N VAL A 231 1.91 1.72 22.68
CA VAL A 231 0.82 2.07 23.61
C VAL A 231 1.51 2.64 24.86
N PRO A 232 1.57 3.98 24.96
CA PRO A 232 2.22 4.55 26.14
C PRO A 232 1.32 4.69 27.35
N GLY A 233 1.83 4.25 28.49
CA GLY A 233 1.07 4.37 29.72
C GLY A 233 1.13 5.82 30.19
N TYR A 234 0.26 6.21 31.11
CA TYR A 234 0.27 7.59 31.60
C TYR A 234 1.38 7.84 32.59
N MET A 235 2.33 8.69 32.20
CA MET A 235 3.44 9.07 33.06
C MET A 235 4.17 7.95 33.81
N ASN A 236 4.51 6.86 33.15
CA ASN A 236 5.19 5.78 33.86
C ASN A 236 6.38 5.18 33.14
N ASN A 237 6.73 5.72 31.98
CA ASN A 237 7.87 5.18 31.23
C ASN A 237 7.58 3.81 30.59
N THR A 238 6.35 3.34 30.66
CA THR A 238 6.03 2.05 30.04
C THR A 238 5.38 2.30 28.67
N VAL A 239 5.81 1.54 27.68
CA VAL A 239 5.22 1.63 26.36
C VAL A 239 5.05 0.21 25.87
N ASN A 240 3.81 -0.23 25.77
CA ASN A 240 3.53 -1.57 25.30
C ASN A 240 3.32 -1.55 23.81
N THR A 241 2.85 -2.67 23.28
CA THR A 241 2.66 -2.76 21.86
C THR A 241 1.31 -3.28 21.43
N MET A 242 0.79 -2.70 20.35
CA MET A 242 -0.45 -3.13 19.74
C MET A 242 0.01 -3.68 18.40
N ARG A 243 -0.06 -5.00 18.23
CA ARG A 243 0.37 -5.62 16.99
C ARG A 243 -0.81 -5.99 16.08
N LEU A 244 -0.90 -5.29 14.96
CA LEU A 244 -1.96 -5.48 13.98
C LEU A 244 -1.38 -6.18 12.75
N TRP A 245 -2.06 -7.24 12.28
CA TRP A 245 -1.58 -8.02 11.13
C TRP A 245 -2.19 -7.59 9.78
N SER A 246 -1.34 -7.63 8.75
CA SER A 246 -1.70 -7.25 7.40
C SER A 246 -1.53 -8.45 6.46
N ALA A 247 -2.49 -8.63 5.56
CA ALA A 247 -2.44 -9.76 4.64
C ALA A 247 -1.59 -9.47 3.38
N ARG A 248 -0.71 -10.40 3.05
CA ARG A 248 0.14 -10.23 1.87
C ARG A 248 0.23 -11.53 1.09
N ALA A 249 0.29 -11.41 -0.23
CA ALA A 249 0.36 -12.56 -1.11
C ALA A 249 1.76 -13.19 -1.07
N PRO A 250 1.84 -14.52 -1.11
CA PRO A 250 3.14 -15.20 -1.08
C PRO A 250 3.91 -14.98 -2.38
N ASN A 251 5.17 -15.39 -2.39
CA ASN A 251 6.01 -15.22 -3.56
C ASN A 251 6.77 -16.51 -3.86
N ASP A 252 6.35 -17.24 -4.89
CA ASP A 252 7.01 -18.49 -5.26
C ASP A 252 6.77 -18.82 -6.73
N GLY A 261 -1.50 -19.84 -17.47
CA GLY A 261 -2.45 -18.74 -17.38
C GLY A 261 -1.79 -17.40 -17.67
N ASP A 262 -2.60 -16.35 -17.78
CA ASP A 262 -2.12 -15.01 -18.07
C ASP A 262 -1.29 -14.47 -16.91
N TYR A 263 -0.13 -13.91 -17.22
CA TYR A 263 0.78 -13.35 -16.21
C TYR A 263 0.15 -12.15 -15.49
N ILE A 264 -0.43 -11.23 -16.26
CA ILE A 264 -1.05 -10.03 -15.70
C ILE A 264 -2.16 -10.35 -14.72
N GLN A 265 -3.09 -11.20 -15.13
CA GLN A 265 -4.20 -11.58 -14.27
C GLN A 265 -3.65 -12.18 -12.98
N ALA A 266 -2.68 -13.08 -13.11
CA ALA A 266 -2.05 -13.71 -11.96
C ALA A 266 -1.55 -12.67 -10.96
N VAL A 267 -0.82 -11.67 -11.45
CA VAL A 267 -0.32 -10.63 -10.55
C VAL A 267 -1.46 -9.86 -9.89
N LEU A 268 -2.50 -9.54 -10.69
CA LEU A 268 -3.67 -8.83 -10.20
C LEU A 268 -4.42 -9.70 -9.17
N ASP A 269 -4.52 -11.00 -9.46
CA ASP A 269 -5.21 -11.92 -8.56
C ASP A 269 -4.58 -11.93 -7.16
N ARG A 270 -3.39 -11.34 -7.02
CA ARG A 270 -2.75 -11.29 -5.70
C ARG A 270 -3.66 -10.49 -4.76
N ASN A 271 -4.58 -9.72 -5.33
CA ASN A 271 -5.51 -8.92 -4.54
C ASN A 271 -6.42 -9.81 -3.68
N LEU A 272 -6.78 -10.98 -4.20
CA LEU A 272 -7.66 -11.88 -3.47
C LEU A 272 -7.15 -12.15 -2.05
N ALA A 273 -5.91 -12.62 -1.94
CA ALA A 273 -5.32 -12.91 -0.63
C ALA A 273 -5.30 -11.65 0.23
N GLU A 274 -4.81 -10.57 -0.34
CA GLU A 274 -4.69 -9.32 0.36
C GLU A 274 -6.03 -8.69 0.73
N ASN A 275 -7.12 -9.25 0.19
CA ASN A 275 -8.43 -8.73 0.52
C ASN A 275 -8.83 -9.17 1.92
N ILE A 276 -8.06 -10.07 2.51
CA ILE A 276 -8.38 -10.56 3.84
C ILE A 276 -8.33 -9.47 4.90
N SER A 277 -7.31 -8.62 4.87
CA SER A 277 -7.22 -7.53 5.83
C SER A 277 -7.56 -6.21 5.14
N ARG A 278 -8.46 -6.27 4.18
CA ARG A 278 -8.83 -5.07 3.42
C ARG A 278 -9.78 -4.14 4.16
N VAL A 279 -10.90 -4.69 4.62
CA VAL A 279 -11.87 -3.86 5.30
C VAL A 279 -12.57 -4.49 6.49
N LEU A 280 -12.84 -3.64 7.48
CA LEU A 280 -13.53 -4.02 8.70
C LEU A 280 -15.03 -4.23 8.42
N TYR A 281 -15.60 -5.34 8.91
CA TYR A 281 -17.02 -5.55 8.71
C TYR A 281 -17.68 -4.52 9.62
N PRO A 282 -18.50 -3.63 9.05
CA PRO A 282 -19.24 -2.54 9.68
C PRO A 282 -20.48 -2.87 10.46
N ASN A 283 -20.51 -4.05 11.06
CA ASN A 283 -21.66 -4.47 11.82
C ASN A 283 -21.43 -4.42 13.31
N ASP A 284 -22.34 -3.76 14.01
CA ASP A 284 -22.28 -3.65 15.45
C ASP A 284 -23.40 -4.56 15.98
N ASN A 285 -23.03 -5.54 16.80
CA ASN A 285 -24.01 -6.46 17.40
C ASN A 285 -24.86 -7.24 16.40
N PHE A 286 -24.25 -7.73 15.34
CA PHE A 286 -25.00 -8.48 14.34
C PHE A 286 -24.09 -9.46 13.62
N PHE A 287 -24.51 -10.71 13.53
CA PHE A 287 -23.69 -11.71 12.87
C PHE A 287 -24.00 -11.90 11.40
N GLU A 288 -22.96 -11.74 10.58
CA GLU A 288 -23.03 -11.91 9.14
C GLU A 288 -22.07 -13.06 8.84
N GLY A 289 -22.63 -14.19 8.43
CA GLY A 289 -21.80 -15.35 8.12
C GLY A 289 -21.20 -15.32 6.73
N LYS A 290 -20.28 -14.39 6.52
CA LYS A 290 -19.61 -14.25 5.23
C LYS A 290 -18.26 -14.93 5.29
N GLU A 291 -17.94 -15.71 4.26
CA GLU A 291 -16.69 -16.43 4.20
C GLU A 291 -15.48 -15.52 4.42
N LEU A 292 -15.53 -14.29 3.88
CA LEU A 292 -14.40 -13.39 4.05
C LEU A 292 -14.17 -13.09 5.55
N ARG A 293 -15.26 -12.91 6.29
CA ARG A 293 -15.18 -12.63 7.72
C ARG A 293 -14.54 -13.82 8.44
N LEU A 294 -14.96 -15.02 8.06
CA LEU A 294 -14.41 -16.25 8.65
C LEU A 294 -12.90 -16.28 8.38
N LYS A 295 -12.49 -15.76 7.24
CA LYS A 295 -11.06 -15.72 6.89
C LYS A 295 -10.34 -14.72 7.77
N GLN A 296 -10.99 -13.59 8.05
CA GLN A 296 -10.37 -12.59 8.91
C GLN A 296 -10.21 -13.13 10.33
N GLU A 297 -11.22 -13.87 10.80
CA GLU A 297 -11.19 -14.43 12.15
C GLU A 297 -10.02 -15.40 12.27
N TYR A 298 -9.90 -16.33 11.33
CA TYR A 298 -8.80 -17.28 11.38
C TYR A 298 -7.46 -16.60 11.12
N PHE A 299 -7.43 -15.72 10.10
CA PHE A 299 -6.20 -15.00 9.78
C PHE A 299 -5.53 -14.42 11.04
N VAL A 300 -6.25 -13.55 11.75
CA VAL A 300 -5.72 -12.90 12.95
C VAL A 300 -5.38 -13.92 14.04
N VAL A 301 -6.16 -14.99 14.10
CA VAL A 301 -5.95 -16.02 15.09
C VAL A 301 -4.70 -16.88 14.82
N ALA A 302 -4.56 -17.37 13.59
CA ALA A 302 -3.41 -18.20 13.27
C ALA A 302 -2.10 -17.42 13.45
N ALA A 303 -2.06 -16.19 12.96
CA ALA A 303 -0.86 -15.35 13.09
C ALA A 303 -0.51 -15.08 14.54
N THR A 304 -1.49 -14.60 15.31
CA THR A 304 -1.27 -14.30 16.72
C THR A 304 -0.72 -15.48 17.51
N LEU A 305 -1.39 -16.61 17.44
CA LEU A 305 -0.98 -17.80 18.19
C LEU A 305 0.41 -18.33 17.79
N GLN A 306 0.79 -18.11 16.54
CA GLN A 306 2.10 -18.55 16.11
C GLN A 306 3.15 -17.57 16.62
N ASP A 307 2.78 -16.30 16.68
CA ASP A 307 3.67 -15.26 17.15
C ASP A 307 3.90 -15.39 18.67
N ILE A 308 2.86 -15.81 19.39
CA ILE A 308 2.98 -15.96 20.84
C ILE A 308 3.80 -17.20 21.18
N ILE A 309 3.60 -18.25 20.41
CA ILE A 309 4.33 -19.51 20.60
C ILE A 309 5.81 -19.28 20.32
N ARG A 310 6.10 -18.63 19.21
CA ARG A 310 7.48 -18.33 18.85
C ARG A 310 8.13 -17.54 19.98
N ARG A 311 7.48 -16.47 20.42
CA ARG A 311 8.00 -15.65 21.51
C ARG A 311 8.25 -16.53 22.75
N PHE A 312 7.26 -17.35 23.09
CA PHE A 312 7.36 -18.24 24.24
C PHE A 312 8.60 -19.13 24.14
N LYS A 313 8.76 -19.80 23.00
CA LYS A 313 9.90 -20.69 22.78
C LYS A 313 11.21 -19.92 22.68
N ALA A 314 11.13 -18.62 22.40
CA ALA A 314 12.33 -17.81 22.27
C ALA A 314 12.77 -17.23 23.61
N SER A 315 11.92 -17.34 24.63
CA SER A 315 12.24 -16.82 25.94
C SER A 315 12.95 -17.90 26.76
N LYS A 316 12.98 -17.73 28.07
CA LYS A 316 13.61 -18.72 28.93
C LYS A 316 12.60 -19.81 29.27
N PHE A 317 11.95 -20.32 28.24
CA PHE A 317 10.94 -21.37 28.36
C PHE A 317 9.93 -21.07 29.45
N THR A 325 6.64 -30.43 27.26
CA THR A 325 7.31 -30.39 28.55
C THR A 325 7.77 -28.96 28.79
N VAL A 326 8.42 -28.38 27.79
CA VAL A 326 8.88 -27.01 27.87
C VAL A 326 7.62 -26.14 27.98
N PHE A 327 6.56 -26.65 27.36
CA PHE A 327 5.27 -25.96 27.34
C PHE A 327 4.45 -26.03 28.62
N ASP A 328 4.88 -26.84 29.57
CA ASP A 328 4.14 -26.96 30.82
C ASP A 328 4.00 -25.58 31.49
N ALA A 329 5.01 -24.74 31.32
CA ALA A 329 5.02 -23.39 31.90
C ALA A 329 4.30 -22.37 31.02
N PHE A 330 3.72 -22.83 29.92
CA PHE A 330 3.03 -21.93 29.00
C PHE A 330 1.92 -21.09 29.66
N PRO A 331 0.95 -21.75 30.32
CA PRO A 331 -0.17 -21.04 30.97
C PRO A 331 0.27 -20.12 32.12
N ASP A 332 1.51 -20.27 32.55
CA ASP A 332 2.07 -19.45 33.64
C ASP A 332 2.79 -18.25 33.04
N GLN A 333 3.02 -18.32 31.73
CA GLN A 333 3.70 -17.26 31.02
C GLN A 333 2.79 -16.58 30.01
N VAL A 334 1.67 -17.23 29.71
CA VAL A 334 0.74 -16.70 28.72
C VAL A 334 -0.74 -16.78 29.04
N ALA A 335 -1.41 -15.64 28.86
CA ALA A 335 -2.83 -15.52 29.07
C ALA A 335 -3.38 -14.82 27.83
N ILE A 336 -4.39 -15.43 27.22
CA ILE A 336 -5.00 -14.87 26.03
C ILE A 336 -6.47 -14.59 26.30
N GLN A 337 -6.88 -13.33 26.12
CA GLN A 337 -8.28 -12.98 26.34
C GLN A 337 -9.00 -12.96 25.01
N LEU A 338 -10.15 -13.61 24.95
CA LEU A 338 -10.93 -13.62 23.73
C LEU A 338 -11.95 -12.49 23.79
N ASN A 339 -11.81 -11.49 22.93
CA ASN A 339 -12.78 -10.39 22.92
C ASN A 339 -13.96 -10.89 22.12
N ASP A 340 -14.99 -11.33 22.84
CA ASP A 340 -16.19 -11.90 22.25
C ASP A 340 -15.79 -13.19 21.56
N THR A 341 -16.70 -13.78 20.80
CA THR A 341 -16.42 -15.03 20.11
C THR A 341 -15.71 -14.86 18.77
N HIS A 342 -15.50 -13.61 18.35
CA HIS A 342 -14.85 -13.35 17.07
C HIS A 342 -13.56 -14.16 16.87
N PRO A 343 -12.71 -14.26 17.90
CA PRO A 343 -11.46 -15.03 17.79
C PRO A 343 -11.58 -16.42 18.40
N ALA A 344 -12.78 -16.99 18.33
CA ALA A 344 -13.04 -18.31 18.89
C ALA A 344 -12.14 -19.40 18.29
N LEU A 345 -11.80 -19.27 17.02
CA LEU A 345 -10.94 -20.24 16.37
C LEU A 345 -9.59 -20.41 17.04
N ALA A 346 -9.23 -19.49 17.93
CA ALA A 346 -7.94 -19.58 18.61
C ALA A 346 -7.85 -20.87 19.43
N ILE A 347 -8.98 -21.28 20.00
CA ILE A 347 -9.00 -22.49 20.82
C ILE A 347 -8.52 -23.70 20.01
N PRO A 348 -9.16 -24.00 18.87
CA PRO A 348 -8.67 -25.15 18.10
C PRO A 348 -7.30 -24.90 17.46
N GLU A 349 -7.02 -23.65 17.10
CA GLU A 349 -5.74 -23.32 16.48
C GLU A 349 -4.60 -23.66 17.43
N LEU A 350 -4.78 -23.34 18.71
CA LEU A 350 -3.74 -23.62 19.70
C LEU A 350 -3.60 -25.13 19.84
N MET A 351 -4.73 -25.82 19.84
CA MET A 351 -4.75 -27.27 19.93
C MET A 351 -4.02 -27.84 18.71
N ARG A 352 -4.33 -27.30 17.53
CA ARG A 352 -3.67 -27.75 16.30
C ARG A 352 -2.17 -27.62 16.45
N ILE A 353 -1.71 -26.48 16.93
CA ILE A 353 -0.29 -26.24 17.10
C ILE A 353 0.36 -27.22 18.09
N PHE A 354 -0.22 -27.33 19.28
CA PHE A 354 0.34 -28.22 20.31
C PHE A 354 0.41 -29.69 19.90
N VAL A 355 -0.62 -30.15 19.20
CA VAL A 355 -0.69 -31.55 18.78
C VAL A 355 0.02 -31.91 17.48
N ASP A 356 -0.28 -31.20 16.40
CA ASP A 356 0.32 -31.48 15.10
C ASP A 356 1.72 -30.91 14.90
N ILE A 357 2.03 -29.80 15.56
CA ILE A 357 3.35 -29.19 15.41
C ILE A 357 4.29 -29.53 16.54
N GLU A 358 3.86 -29.25 17.77
CA GLU A 358 4.71 -29.53 18.92
C GLU A 358 4.63 -30.97 19.41
N LYS A 359 3.80 -31.76 18.73
CA LYS A 359 3.65 -33.17 19.05
C LYS A 359 3.22 -33.52 20.48
N LEU A 360 2.40 -32.68 21.10
CA LEU A 360 1.95 -32.96 22.45
C LEU A 360 0.69 -33.85 22.41
N PRO A 361 0.50 -34.70 23.43
CA PRO A 361 -0.69 -35.55 23.41
C PRO A 361 -1.93 -34.69 23.65
N TRP A 362 -3.07 -35.13 23.12
CA TRP A 362 -4.31 -34.39 23.26
C TRP A 362 -4.60 -33.92 24.68
N SER A 363 -4.62 -34.86 25.61
CA SER A 363 -4.91 -34.58 27.01
C SER A 363 -4.13 -33.41 27.60
N LYS A 364 -2.85 -33.35 27.29
CA LYS A 364 -1.99 -32.26 27.78
C LYS A 364 -2.30 -30.97 27.04
N ALA A 365 -2.36 -31.07 25.73
CA ALA A 365 -2.66 -29.91 24.89
C ALA A 365 -3.91 -29.22 25.41
N TRP A 366 -4.97 -30.01 25.60
CA TRP A 366 -6.25 -29.49 26.07
C TRP A 366 -6.15 -28.78 27.42
N GLU A 367 -5.36 -29.35 28.33
CA GLU A 367 -5.17 -28.76 29.66
C GLU A 367 -4.54 -27.37 29.57
N LEU A 368 -3.47 -27.27 28.79
CA LEU A 368 -2.77 -26.01 28.64
C LEU A 368 -3.66 -24.95 28.00
N THR A 369 -4.48 -25.39 27.06
CA THR A 369 -5.39 -24.49 26.36
C THR A 369 -6.38 -23.83 27.30
N GLN A 370 -7.00 -24.64 28.14
CA GLN A 370 -7.98 -24.14 29.09
C GLN A 370 -7.35 -23.20 30.09
N LYS A 371 -6.07 -23.42 30.39
CA LYS A 371 -5.37 -22.56 31.34
C LYS A 371 -4.94 -21.25 30.67
N THR A 372 -4.81 -21.28 29.35
CA THR A 372 -4.39 -20.12 28.56
C THR A 372 -5.50 -19.13 28.22
N PHE A 373 -6.65 -19.66 27.80
CA PHE A 373 -7.76 -18.82 27.38
C PHE A 373 -8.80 -18.41 28.42
N ALA A 374 -9.32 -17.20 28.22
CA ALA A 374 -10.36 -16.63 29.04
C ALA A 374 -11.30 -15.97 28.04
N TYR A 375 -12.60 -16.12 28.26
CA TYR A 375 -13.58 -15.60 27.34
C TYR A 375 -14.49 -14.51 27.93
N THR A 376 -14.63 -13.41 27.20
CA THR A 376 -15.49 -12.30 27.59
C THR A 376 -16.71 -12.29 26.67
N ASN A 377 -17.89 -12.51 27.23
CA ASN A 377 -19.10 -12.46 26.43
C ASN A 377 -19.58 -11.01 26.44
N HIS A 378 -19.78 -10.41 25.27
CA HIS A 378 -20.18 -9.02 25.17
C HIS A 378 -21.61 -8.77 24.75
N THR A 379 -22.41 -9.81 24.59
CA THR A 379 -23.78 -9.59 24.18
C THR A 379 -24.72 -10.77 24.39
N VAL A 380 -26.02 -10.47 24.42
CA VAL A 380 -27.04 -11.50 24.61
C VAL A 380 -28.09 -11.43 23.51
N LEU A 381 -27.89 -10.51 22.57
CA LEU A 381 -28.82 -10.35 21.44
C LEU A 381 -28.69 -11.50 20.45
N PRO A 382 -29.76 -12.29 20.28
CA PRO A 382 -29.79 -13.45 19.37
C PRO A 382 -29.12 -13.22 18.01
N GLU A 383 -29.40 -12.07 17.40
CA GLU A 383 -28.86 -11.74 16.09
C GLU A 383 -27.35 -11.49 16.07
N ALA A 384 -26.76 -11.30 17.23
CA ALA A 384 -25.32 -11.06 17.32
C ALA A 384 -24.52 -12.34 17.52
N LEU A 385 -25.22 -13.44 17.79
CA LEU A 385 -24.55 -14.73 18.04
C LEU A 385 -23.93 -15.36 16.80
N GLU A 386 -22.67 -15.76 16.94
CA GLU A 386 -21.92 -16.36 15.86
C GLU A 386 -22.20 -17.85 15.70
N ARG A 387 -22.79 -18.22 14.58
CA ARG A 387 -23.11 -19.61 14.30
C ARG A 387 -22.69 -19.93 12.87
N TRP A 388 -21.48 -20.46 12.72
CA TRP A 388 -20.94 -20.79 11.40
C TRP A 388 -21.34 -22.15 10.86
N PRO A 389 -21.84 -22.19 9.62
CA PRO A 389 -22.26 -23.45 8.99
C PRO A 389 -21.05 -24.40 8.92
N VAL A 390 -21.17 -25.60 9.47
CA VAL A 390 -20.05 -26.54 9.43
C VAL A 390 -19.53 -26.77 8.00
N ASP A 391 -20.41 -26.64 7.01
CA ASP A 391 -20.00 -26.83 5.62
C ASP A 391 -18.93 -25.81 5.24
N LEU A 392 -19.17 -24.56 5.61
CA LEU A 392 -18.24 -23.48 5.31
C LEU A 392 -16.91 -23.76 6.03
N VAL A 393 -16.99 -24.13 7.31
CA VAL A 393 -15.80 -24.43 8.10
C VAL A 393 -15.05 -25.67 7.58
N GLU A 394 -15.77 -26.65 7.06
CA GLU A 394 -15.13 -27.87 6.56
C GLU A 394 -14.21 -27.57 5.37
N LYS A 395 -14.72 -26.77 4.45
CA LYS A 395 -13.98 -26.39 3.24
C LYS A 395 -12.78 -25.51 3.53
N LEU A 396 -12.99 -24.48 4.35
CA LEU A 396 -11.94 -23.53 4.67
C LEU A 396 -10.93 -23.99 5.73
N LEU A 397 -11.42 -24.62 6.78
CA LEU A 397 -10.56 -25.07 7.87
C LEU A 397 -10.79 -26.53 8.25
N PRO A 398 -10.49 -27.46 7.32
CA PRO A 398 -10.69 -28.90 7.55
C PRO A 398 -10.10 -29.44 8.86
N ARG A 399 -8.84 -29.13 9.13
CA ARG A 399 -8.20 -29.61 10.36
C ARG A 399 -8.87 -29.03 11.61
N HIS A 400 -9.42 -27.83 11.51
CA HIS A 400 -10.06 -27.21 12.66
C HIS A 400 -11.45 -27.77 12.92
N LEU A 401 -12.11 -28.26 11.87
CA LEU A 401 -13.42 -28.84 12.06
C LEU A 401 -13.24 -30.11 12.87
N GLU A 402 -12.26 -30.92 12.48
CA GLU A 402 -11.96 -32.18 13.17
C GLU A 402 -11.66 -31.95 14.64
N ILE A 403 -10.89 -30.90 14.93
CA ILE A 403 -10.55 -30.61 16.32
C ILE A 403 -11.74 -30.14 17.15
N ILE A 404 -12.64 -29.39 16.51
CA ILE A 404 -13.83 -28.88 17.17
C ILE A 404 -14.78 -30.05 17.44
N TYR A 405 -14.80 -31.02 16.52
CA TYR A 405 -15.63 -32.20 16.67
C TYR A 405 -15.12 -33.04 17.82
N GLU A 406 -13.81 -33.20 17.91
CA GLU A 406 -13.27 -33.99 18.98
C GLU A 406 -13.53 -33.28 20.31
N ILE A 407 -13.35 -31.96 20.33
CA ILE A 407 -13.60 -31.21 21.56
C ILE A 407 -15.04 -31.45 22.01
N ASN A 408 -15.96 -31.48 21.05
CA ASN A 408 -17.36 -31.69 21.40
C ASN A 408 -17.59 -33.12 21.89
N GLN A 409 -16.89 -34.08 21.30
CA GLN A 409 -17.06 -35.47 21.73
C GLN A 409 -16.65 -35.63 23.19
N LYS A 410 -15.43 -35.22 23.52
CA LYS A 410 -14.94 -35.31 24.90
C LYS A 410 -15.88 -34.54 25.83
N HIS A 411 -16.44 -33.47 25.30
CA HIS A 411 -17.35 -32.61 26.04
C HIS A 411 -18.68 -33.30 26.33
N LEU A 412 -19.28 -33.93 25.31
CA LEU A 412 -20.56 -34.59 25.51
C LEU A 412 -20.45 -35.92 26.23
N ASP A 413 -19.30 -36.59 26.11
CA ASP A 413 -19.12 -37.87 26.80
C ASP A 413 -19.22 -37.62 28.31
N ARG A 414 -18.69 -36.48 28.74
CA ARG A 414 -18.72 -36.10 30.15
C ARG A 414 -20.17 -35.91 30.61
N ILE A 415 -20.91 -35.08 29.88
CA ILE A 415 -22.31 -34.79 30.19
C ILE A 415 -23.13 -36.09 30.27
N VAL A 416 -22.95 -36.97 29.29
CA VAL A 416 -23.65 -38.25 29.25
C VAL A 416 -23.37 -39.04 30.53
N ALA A 417 -22.13 -38.95 31.01
CA ALA A 417 -21.73 -39.64 32.22
C ALA A 417 -22.47 -39.07 33.43
N LEU A 418 -22.35 -37.76 33.62
CA LEU A 418 -22.98 -37.06 34.75
C LEU A 418 -24.51 -36.98 34.65
N PHE A 419 -25.06 -37.21 33.46
CA PHE A 419 -26.50 -37.15 33.28
C PHE A 419 -26.96 -38.19 32.26
N PRO A 420 -26.83 -39.48 32.60
CA PRO A 420 -27.23 -40.59 31.72
C PRO A 420 -28.60 -40.46 31.07
N LYS A 421 -29.55 -39.88 31.79
CA LYS A 421 -30.90 -39.72 31.24
C LYS A 421 -30.98 -38.51 30.33
N ASP A 422 -30.95 -37.32 30.94
CA ASP A 422 -31.04 -36.05 30.22
C ASP A 422 -30.29 -35.99 28.89
N VAL A 423 -30.96 -36.36 27.81
CA VAL A 423 -30.37 -36.32 26.48
C VAL A 423 -30.62 -34.96 25.83
N ASP A 424 -31.64 -34.25 26.31
CA ASP A 424 -31.96 -32.94 25.77
C ASP A 424 -30.88 -31.96 26.23
N ARG A 425 -30.20 -32.32 27.33
CA ARG A 425 -29.14 -31.46 27.85
C ARG A 425 -27.95 -31.54 26.92
N LEU A 426 -27.77 -32.69 26.28
CA LEU A 426 -26.67 -32.88 25.35
C LEU A 426 -26.87 -31.96 24.14
N ARG A 427 -28.11 -31.87 23.69
CA ARG A 427 -28.43 -31.04 22.54
C ARG A 427 -28.25 -29.56 22.86
N ARG A 428 -28.58 -29.17 24.08
CA ARG A 428 -28.45 -27.77 24.47
C ARG A 428 -27.02 -27.33 24.80
N MET A 429 -26.13 -28.28 25.05
CA MET A 429 -24.75 -27.95 25.39
C MET A 429 -23.74 -28.31 24.30
N SER A 430 -24.25 -28.84 23.19
CA SER A 430 -23.40 -29.24 22.08
C SER A 430 -22.77 -28.03 21.37
N LEU A 431 -21.58 -28.21 20.82
CA LEU A 431 -20.90 -27.15 20.08
C LEU A 431 -21.50 -27.11 18.68
N ILE A 432 -22.27 -28.13 18.34
CA ILE A 432 -22.90 -28.21 17.04
C ILE A 432 -24.42 -28.12 17.15
N GLU A 433 -25.02 -27.31 16.29
CA GLU A 433 -26.47 -27.16 16.25
C GLU A 433 -26.93 -27.96 15.03
N GLU A 434 -27.91 -28.83 15.22
CA GLU A 434 -28.38 -29.69 14.14
C GLU A 434 -29.61 -29.21 13.35
N GLU A 435 -30.48 -28.44 14.00
CA GLU A 435 -31.70 -27.96 13.34
C GLU A 435 -31.46 -27.41 11.94
N GLY A 436 -31.82 -28.20 10.93
CA GLY A 436 -31.63 -27.77 9.55
C GLY A 436 -30.18 -27.90 9.11
N SER A 437 -29.60 -26.80 8.65
CA SER A 437 -28.20 -26.80 8.23
C SER A 437 -27.33 -26.71 9.48
N LYS A 438 -26.48 -27.71 9.68
CA LYS A 438 -25.61 -27.75 10.85
C LYS A 438 -24.76 -26.49 11.00
N ARG A 439 -24.67 -25.99 12.21
CA ARG A 439 -23.88 -24.79 12.52
C ARG A 439 -23.06 -25.01 13.78
N ILE A 440 -22.05 -24.17 13.98
CA ILE A 440 -21.19 -24.26 15.16
C ILE A 440 -21.46 -23.10 16.10
N ASN A 441 -21.74 -23.41 17.36
CA ASN A 441 -21.99 -22.38 18.37
C ASN A 441 -20.64 -21.97 18.96
N MET A 442 -20.05 -20.93 18.40
CA MET A 442 -18.73 -20.45 18.84
C MET A 442 -18.67 -20.10 20.32
N ALA A 443 -19.76 -19.57 20.86
CA ALA A 443 -19.80 -19.21 22.28
C ALA A 443 -19.60 -20.48 23.12
N HIS A 444 -20.28 -21.55 22.75
CA HIS A 444 -20.12 -22.81 23.48
C HIS A 444 -18.65 -23.22 23.40
N LEU A 445 -18.06 -23.08 22.21
CA LEU A 445 -16.65 -23.44 22.00
C LEU A 445 -15.72 -22.63 22.91
N CYS A 446 -16.05 -21.36 23.13
CA CYS A 446 -15.24 -20.52 23.99
C CYS A 446 -15.35 -20.91 25.45
N ILE A 447 -16.56 -21.27 25.87
CA ILE A 447 -16.79 -21.68 27.26
C ILE A 447 -15.96 -22.91 27.65
N VAL A 448 -16.01 -23.98 26.86
CA VAL A 448 -15.26 -25.20 27.17
C VAL A 448 -13.74 -25.07 27.05
N GLY A 449 -13.28 -24.24 26.12
CA GLY A 449 -11.85 -24.08 25.95
C GLY A 449 -11.26 -23.00 26.84
N SER A 450 -12.10 -22.36 27.66
CA SER A 450 -11.65 -21.31 28.57
C SER A 450 -11.81 -21.71 30.03
N HIS A 451 -11.06 -21.03 30.90
CA HIS A 451 -11.11 -21.30 32.33
C HIS A 451 -11.88 -20.20 33.04
N ALA A 452 -12.18 -19.15 32.29
CA ALA A 452 -12.92 -18.03 32.82
C ALA A 452 -13.79 -17.45 31.72
N VAL A 453 -15.00 -17.07 32.11
CA VAL A 453 -15.98 -16.48 31.21
C VAL A 453 -16.58 -15.33 32.01
N ASN A 454 -16.67 -14.15 31.40
CA ASN A 454 -17.27 -13.03 32.11
C ASN A 454 -18.16 -12.16 31.25
N GLY A 455 -19.16 -11.58 31.91
CA GLY A 455 -20.05 -10.66 31.25
C GLY A 455 -19.38 -9.33 31.47
N VAL A 456 -19.95 -8.26 30.96
CA VAL A 456 -19.34 -6.93 31.09
C VAL A 456 -20.06 -5.97 32.03
N ALA A 457 -20.96 -6.52 32.85
CA ALA A 457 -21.71 -5.75 33.84
C ALA A 457 -22.54 -6.73 34.68
N LYS A 458 -22.71 -6.41 35.95
CA LYS A 458 -23.45 -7.28 36.88
C LYS A 458 -24.71 -7.94 36.33
N ILE A 459 -25.64 -7.13 35.83
CA ILE A 459 -26.88 -7.64 35.30
C ILE A 459 -26.68 -8.50 34.04
N HIS A 460 -25.64 -8.17 33.26
CA HIS A 460 -25.35 -8.91 32.05
C HIS A 460 -24.70 -10.24 32.38
N SER A 461 -23.68 -10.20 33.22
CA SER A 461 -22.97 -11.40 33.64
C SER A 461 -23.92 -12.37 34.32
N ASP A 462 -24.85 -11.85 35.12
CA ASP A 462 -25.84 -12.66 35.82
C ASP A 462 -26.70 -13.40 34.81
N ILE A 463 -27.17 -12.66 33.80
CA ILE A 463 -28.01 -13.23 32.75
C ILE A 463 -27.23 -14.26 31.95
N VAL A 464 -25.93 -14.02 31.80
CA VAL A 464 -25.08 -14.93 31.05
C VAL A 464 -24.84 -16.22 31.82
N LYS A 465 -24.64 -16.09 33.12
CA LYS A 465 -24.37 -17.24 33.99
C LYS A 465 -25.56 -18.11 34.37
N THR A 466 -26.67 -17.48 34.76
CA THR A 466 -27.86 -18.22 35.19
C THR A 466 -28.92 -18.48 34.14
N LYS A 467 -28.87 -17.77 33.03
CA LYS A 467 -29.88 -17.94 32.01
C LYS A 467 -29.37 -18.49 30.67
N VAL A 468 -28.57 -17.71 29.95
CA VAL A 468 -28.06 -18.14 28.66
C VAL A 468 -27.15 -19.37 28.71
N PHE A 469 -26.31 -19.46 29.73
CA PHE A 469 -25.40 -20.60 29.83
C PHE A 469 -25.60 -21.43 31.11
N LYS A 470 -26.83 -21.41 31.60
CA LYS A 470 -27.23 -22.15 32.78
C LYS A 470 -26.56 -23.55 32.84
N ASP A 471 -26.82 -24.36 31.81
CA ASP A 471 -26.28 -25.72 31.73
C ASP A 471 -24.76 -25.81 31.92
N PHE A 472 -24.05 -24.73 31.62
CA PHE A 472 -22.61 -24.75 31.78
C PHE A 472 -22.15 -24.27 33.15
N SER A 473 -22.82 -23.24 33.68
CA SER A 473 -22.45 -22.70 34.98
C SER A 473 -22.84 -23.62 36.15
N GLU A 474 -23.81 -24.50 35.92
CA GLU A 474 -24.24 -25.42 36.97
C GLU A 474 -23.10 -26.41 37.23
N LEU A 475 -22.40 -26.80 36.17
CA LEU A 475 -21.29 -27.74 36.30
C LEU A 475 -20.01 -27.04 36.74
N GLU A 476 -19.75 -25.87 36.15
CA GLU A 476 -18.58 -25.08 36.48
C GLU A 476 -19.04 -23.69 36.93
N PRO A 477 -19.45 -23.56 38.20
CA PRO A 477 -19.91 -22.28 38.73
C PRO A 477 -18.79 -21.25 38.83
N ASP A 478 -17.66 -21.69 39.38
CA ASP A 478 -16.50 -20.83 39.58
C ASP A 478 -15.84 -20.35 38.29
N LYS A 479 -16.33 -20.85 37.15
CA LYS A 479 -15.80 -20.45 35.85
C LYS A 479 -16.35 -19.09 35.42
N PHE A 480 -17.61 -18.82 35.75
CA PHE A 480 -18.25 -17.56 35.39
C PHE A 480 -18.02 -16.43 36.38
N GLN A 481 -17.81 -15.23 35.85
CA GLN A 481 -17.56 -14.03 36.65
C GLN A 481 -18.12 -12.78 35.97
N ASN A 482 -17.94 -11.65 36.64
CA ASN A 482 -18.35 -10.38 36.10
C ASN A 482 -17.10 -9.50 36.12
N LYS A 483 -17.00 -8.62 35.13
CA LYS A 483 -15.91 -7.67 35.02
C LYS A 483 -16.55 -6.46 34.38
N THR A 484 -17.16 -5.62 35.20
CA THR A 484 -17.83 -4.43 34.72
C THR A 484 -16.89 -3.55 33.90
N ASN A 485 -17.38 -3.11 32.75
CA ASN A 485 -16.63 -2.27 31.84
C ASN A 485 -16.14 -0.97 32.44
N GLY A 486 -15.18 -0.36 31.76
CA GLY A 486 -14.60 0.89 32.21
C GLY A 486 -14.09 1.68 31.01
N ILE A 487 -13.72 2.93 31.25
CA ILE A 487 -13.23 3.80 30.19
C ILE A 487 -12.00 4.50 30.74
N THR A 488 -11.01 4.77 29.89
CA THR A 488 -9.80 5.44 30.37
C THR A 488 -9.96 6.93 30.63
N PRO A 489 -9.61 7.38 31.84
CA PRO A 489 -9.71 8.78 32.25
C PRO A 489 -8.67 9.68 31.58
N ARG A 490 -7.79 9.10 30.78
CA ARG A 490 -6.79 9.92 30.09
C ARG A 490 -7.43 10.52 28.86
N ARG A 491 -7.85 9.67 27.93
CA ARG A 491 -8.49 10.13 26.71
C ARG A 491 -9.85 10.73 27.01
N TRP A 492 -10.62 10.06 27.86
CA TRP A 492 -11.97 10.50 28.16
C TRP A 492 -12.18 11.52 29.26
N LEU A 493 -11.11 12.20 29.66
CA LEU A 493 -11.17 13.28 30.66
C LEU A 493 -10.02 14.26 30.40
N LEU A 494 -8.80 13.79 30.67
CA LEU A 494 -7.61 14.62 30.49
C LEU A 494 -7.47 15.14 29.07
N LEU A 495 -7.70 14.28 28.07
CA LEU A 495 -7.59 14.67 26.68
C LEU A 495 -8.80 15.42 26.15
N CYS A 496 -10.00 14.87 26.34
CA CYS A 496 -11.20 15.50 25.82
C CYS A 496 -11.74 16.68 26.62
N ASN A 497 -11.46 16.74 27.91
CA ASN A 497 -11.97 17.87 28.73
C ASN A 497 -10.91 18.41 29.68
N PRO A 498 -9.84 19.04 29.14
CA PRO A 498 -8.79 19.59 29.99
C PRO A 498 -9.29 20.56 31.06
N GLY A 499 -10.30 21.36 30.72
CA GLY A 499 -10.86 22.30 31.68
C GLY A 499 -11.38 21.64 32.94
N LEU A 500 -12.06 20.50 32.78
CA LEU A 500 -12.61 19.76 33.93
C LEU A 500 -11.52 19.03 34.69
N ALA A 501 -10.53 18.51 33.98
CA ALA A 501 -9.44 17.81 34.62
C ALA A 501 -8.62 18.80 35.46
N GLU A 502 -8.43 20.01 34.94
CA GLU A 502 -7.69 21.03 35.67
C GLU A 502 -8.47 21.49 36.90
N LEU A 503 -9.77 21.70 36.73
CA LEU A 503 -10.60 22.14 37.84
C LEU A 503 -10.52 21.09 38.95
N ILE A 504 -10.75 19.83 38.59
CA ILE A 504 -10.69 18.75 39.55
C ILE A 504 -9.30 18.71 40.19
N ALA A 505 -8.26 18.70 39.36
CA ALA A 505 -6.88 18.67 39.85
C ALA A 505 -6.54 19.78 40.84
N GLU A 506 -7.03 21.00 40.59
CA GLU A 506 -6.73 22.11 41.49
C GLU A 506 -7.39 21.93 42.86
N LYS A 507 -8.42 21.11 42.93
CA LYS A 507 -9.12 20.88 44.18
C LYS A 507 -8.65 19.66 44.97
N ILE A 508 -8.35 18.56 44.29
CA ILE A 508 -7.93 17.34 45.00
C ILE A 508 -6.60 16.75 44.54
N GLY A 509 -5.86 17.48 43.72
CA GLY A 509 -4.59 16.96 43.24
C GLY A 509 -4.76 16.13 41.98
N GLU A 510 -3.64 15.70 41.39
CA GLU A 510 -3.66 14.92 40.16
C GLU A 510 -3.66 13.42 40.40
N ASP A 511 -3.78 13.04 41.67
CA ASP A 511 -3.80 11.64 42.08
C ASP A 511 -4.85 10.83 41.33
N TYR A 512 -5.99 11.44 41.10
CA TYR A 512 -7.11 10.77 40.45
C TYR A 512 -6.88 10.19 39.05
N VAL A 513 -5.91 10.72 38.31
CA VAL A 513 -5.67 10.23 36.96
C VAL A 513 -5.34 8.73 36.92
N LYS A 514 -4.60 8.25 37.92
CA LYS A 514 -4.24 6.82 38.00
C LYS A 514 -5.15 6.04 38.95
N ASP A 515 -5.85 6.75 39.82
CA ASP A 515 -6.77 6.12 40.76
C ASP A 515 -8.05 6.97 40.77
N LEU A 516 -8.95 6.70 39.84
CA LEU A 516 -10.19 7.45 39.71
C LEU A 516 -11.14 7.43 40.90
N SER A 517 -10.98 6.46 41.80
CA SER A 517 -11.86 6.40 42.96
C SER A 517 -11.58 7.60 43.88
N GLN A 518 -10.55 8.37 43.55
CA GLN A 518 -10.16 9.55 44.31
C GLN A 518 -11.16 10.69 44.06
N LEU A 519 -11.98 10.55 43.03
CA LEU A 519 -12.96 11.59 42.72
C LEU A 519 -14.00 11.73 43.83
N THR A 520 -14.07 10.77 44.74
CA THR A 520 -15.04 10.80 45.84
C THR A 520 -14.74 11.97 46.79
N LYS A 521 -13.48 12.39 46.84
CA LYS A 521 -13.10 13.51 47.68
C LYS A 521 -13.91 14.72 47.22
N LEU A 522 -14.39 14.69 45.98
CA LEU A 522 -15.17 15.80 45.44
C LEU A 522 -16.42 16.10 46.27
N HIS A 523 -16.89 15.12 47.03
CA HIS A 523 -18.07 15.31 47.87
C HIS A 523 -17.84 16.39 48.92
N SER A 524 -16.58 16.62 49.25
CA SER A 524 -16.23 17.63 50.25
C SER A 524 -16.69 19.02 49.83
N PHE A 525 -16.94 19.21 48.54
CA PHE A 525 -17.34 20.53 48.05
C PHE A 525 -18.78 20.66 47.57
N LEU A 526 -19.68 19.80 48.03
CA LEU A 526 -21.07 19.86 47.61
C LEU A 526 -21.80 21.16 47.93
N GLY A 527 -21.39 21.83 49.01
CA GLY A 527 -22.01 23.09 49.37
C GLY A 527 -21.16 24.30 49.01
N ASP A 528 -20.07 24.08 48.27
CA ASP A 528 -19.16 25.15 47.86
C ASP A 528 -19.72 25.85 46.62
N ASP A 529 -20.44 26.94 46.84
CA ASP A 529 -21.05 27.69 45.76
C ASP A 529 -20.09 28.09 44.64
N VAL A 530 -18.89 28.55 45.00
CA VAL A 530 -17.90 28.95 44.00
C VAL A 530 -17.42 27.78 43.12
N PHE A 531 -17.09 26.65 43.74
CA PHE A 531 -16.65 25.48 42.99
C PHE A 531 -17.78 25.03 42.04
N LEU A 532 -19.02 25.31 42.43
CA LEU A 532 -20.15 24.94 41.61
C LEU A 532 -20.29 25.90 40.44
N ARG A 533 -19.92 27.17 40.65
CA ARG A 533 -20.01 28.12 39.55
C ARG A 533 -18.87 27.84 38.56
N GLU A 534 -17.72 27.39 39.09
CA GLU A 534 -16.56 27.06 38.28
C GLU A 534 -16.81 25.76 37.49
N LEU A 535 -17.58 24.85 38.08
CA LEU A 535 -17.91 23.60 37.42
C LEU A 535 -18.79 23.92 36.24
N ALA A 536 -19.78 24.80 36.47
CA ALA A 536 -20.70 25.21 35.41
C ALA A 536 -19.98 25.96 34.29
N LYS A 537 -19.04 26.84 34.65
CA LYS A 537 -18.31 27.60 33.64
C LYS A 537 -17.60 26.65 32.67
N VAL A 538 -16.97 25.62 33.22
CA VAL A 538 -16.27 24.63 32.41
C VAL A 538 -17.22 24.02 31.37
N LYS A 539 -18.39 23.56 31.81
CA LYS A 539 -19.37 22.97 30.91
C LYS A 539 -19.82 23.95 29.84
N GLN A 540 -20.08 25.19 30.25
CA GLN A 540 -20.53 26.23 29.33
C GLN A 540 -19.49 26.54 28.27
N GLU A 541 -18.21 26.53 28.66
CA GLU A 541 -17.14 26.79 27.70
C GLU A 541 -17.12 25.66 26.69
N ASN A 542 -17.30 24.43 27.19
CA ASN A 542 -17.33 23.28 26.31
C ASN A 542 -18.51 23.40 25.35
N LYS A 543 -19.61 23.98 25.83
CA LYS A 543 -20.80 24.14 25.01
C LYS A 543 -20.66 25.25 24.00
N LEU A 544 -19.94 26.30 24.38
CA LEU A 544 -19.75 27.42 23.48
C LEU A 544 -18.83 27.00 22.34
N LYS A 545 -17.78 26.26 22.69
CA LYS A 545 -16.85 25.79 21.68
C LYS A 545 -17.53 24.79 20.74
N PHE A 546 -18.19 23.80 21.32
CA PHE A 546 -18.89 22.80 20.50
C PHE A 546 -19.97 23.44 19.64
N SER A 547 -20.52 24.56 20.12
CA SER A 547 -21.55 25.28 19.37
C SER A 547 -20.93 25.85 18.10
N GLN A 548 -19.70 26.35 18.20
CA GLN A 548 -19.00 26.90 17.04
C GLN A 548 -18.82 25.79 16.01
N PHE A 549 -18.61 24.58 16.49
CA PHE A 549 -18.43 23.44 15.62
C PHE A 549 -19.73 23.14 14.90
N LEU A 550 -20.85 23.29 15.59
CA LEU A 550 -22.16 23.01 15.02
C LEU A 550 -22.64 24.02 14.00
N GLU A 551 -22.37 25.29 14.24
CA GLU A 551 -22.79 26.33 13.31
C GLU A 551 -21.87 26.32 12.11
N THR A 552 -20.69 25.73 12.27
CA THR A 552 -19.71 25.63 11.20
C THR A 552 -19.98 24.43 10.30
N GLU A 553 -20.38 23.32 10.91
CA GLU A 553 -20.67 22.11 10.14
C GLU A 553 -22.10 22.09 9.64
N TYR A 554 -23.02 22.64 10.42
CA TYR A 554 -24.43 22.67 10.03
C TYR A 554 -24.98 24.09 9.99
N LYS A 555 -26.01 24.30 9.17
CA LYS A 555 -26.63 25.61 9.03
C LYS A 555 -27.13 26.14 10.37
N VAL A 556 -28.01 25.36 10.98
CA VAL A 556 -28.63 25.67 12.27
C VAL A 556 -27.93 26.67 13.19
N LYS A 557 -28.74 27.49 13.85
CA LYS A 557 -28.28 28.50 14.81
C LYS A 557 -28.46 27.82 16.17
N ILE A 558 -27.41 27.82 16.98
CA ILE A 558 -27.48 27.17 18.28
C ILE A 558 -27.72 28.10 19.47
N ASN A 559 -28.69 27.74 20.29
CA ASN A 559 -29.00 28.49 21.49
C ASN A 559 -27.98 27.95 22.49
N PRO A 560 -26.91 28.72 22.75
CA PRO A 560 -25.86 28.29 23.69
C PRO A 560 -26.31 28.11 25.14
N SER A 561 -27.51 28.60 25.46
CA SER A 561 -28.02 28.47 26.82
C SER A 561 -28.96 27.28 26.93
N SER A 562 -29.41 26.77 25.80
CA SER A 562 -30.32 25.63 25.82
C SER A 562 -29.62 24.42 26.44
N MET A 563 -30.40 23.38 26.72
CA MET A 563 -29.89 22.15 27.30
C MET A 563 -29.41 21.21 26.20
N PHE A 564 -28.17 20.75 26.29
CA PHE A 564 -27.62 19.84 25.28
C PHE A 564 -28.01 18.38 25.57
N ASP A 565 -29.10 17.96 24.92
CA ASP A 565 -29.71 16.62 25.02
C ASP A 565 -29.02 15.72 23.98
N VAL A 566 -28.16 14.81 24.44
CA VAL A 566 -27.41 13.98 23.50
C VAL A 566 -27.51 12.44 23.54
N GLN A 567 -27.68 11.86 22.36
CA GLN A 567 -27.74 10.42 22.23
C GLN A 567 -26.89 10.06 21.02
N VAL A 568 -25.67 9.62 21.30
CA VAL A 568 -24.74 9.26 20.25
C VAL A 568 -24.20 7.87 20.50
N LYS A 569 -24.44 7.00 19.53
CA LYS A 569 -24.05 5.61 19.60
C LYS A 569 -24.49 5.00 18.26
N ARG A 570 -24.08 3.76 18.00
CA ARG A 570 -24.49 3.12 16.76
C ARG A 570 -26.02 3.04 16.70
N ILE A 571 -26.58 3.29 15.53
CA ILE A 571 -28.02 3.24 15.36
C ILE A 571 -28.52 1.80 15.45
N HIS A 572 -29.43 1.56 16.38
CA HIS A 572 -29.98 0.24 16.64
C HIS A 572 -31.43 0.36 17.09
N GLU A 573 -32.21 -0.70 16.86
CA GLU A 573 -33.59 -0.68 17.31
C GLU A 573 -33.58 -0.89 18.82
N TYR A 574 -32.66 -1.72 19.31
CA TYR A 574 -32.59 -1.98 20.75
C TYR A 574 -32.09 -0.77 21.55
N LYS A 575 -31.28 0.09 20.94
CA LYS A 575 -30.78 1.26 21.65
C LYS A 575 -31.87 2.32 21.70
N ARG A 576 -32.86 2.17 20.80
CA ARG A 576 -34.01 3.06 20.74
C ARG A 576 -33.81 4.53 20.40
N GLN A 577 -33.11 4.84 19.32
CA GLN A 577 -32.96 6.23 18.94
C GLN A 577 -34.38 6.70 18.54
N LEU A 578 -35.22 5.71 18.22
CA LEU A 578 -36.60 5.94 17.83
C LEU A 578 -37.41 6.51 18.97
N LEU A 579 -37.22 5.96 20.16
CA LEU A 579 -37.93 6.44 21.34
C LEU A 579 -37.62 7.92 21.52
N ASN A 580 -36.33 8.25 21.43
CA ASN A 580 -35.86 9.61 21.57
C ASN A 580 -36.55 10.50 20.52
N CYS A 581 -36.62 9.99 19.29
CA CYS A 581 -37.24 10.73 18.21
C CYS A 581 -38.71 11.04 18.51
N LEU A 582 -39.40 10.10 19.16
CA LEU A 582 -40.80 10.31 19.51
C LEU A 582 -40.91 11.48 20.48
N HIS A 583 -40.01 11.52 21.46
CA HIS A 583 -40.02 12.60 22.43
C HIS A 583 -39.76 13.97 21.78
N VAL A 584 -38.90 14.01 20.77
CA VAL A 584 -38.61 15.27 20.11
C VAL A 584 -39.85 15.78 19.40
N ILE A 585 -40.52 14.92 18.63
CA ILE A 585 -41.72 15.30 17.93
C ILE A 585 -42.75 15.72 18.98
N THR A 586 -42.72 15.05 20.13
CA THR A 586 -43.63 15.35 21.22
C THR A 586 -43.40 16.80 21.64
N MET A 587 -42.17 17.14 22.02
CA MET A 587 -41.84 18.49 22.44
C MET A 587 -42.23 19.52 21.37
N TYR A 588 -42.02 19.17 20.11
CA TYR A 588 -42.34 20.06 19.00
C TYR A 588 -43.83 20.41 18.98
N ASN A 589 -44.68 19.41 19.15
CA ASN A 589 -46.13 19.64 19.14
C ASN A 589 -46.58 20.49 20.32
N ARG A 590 -46.01 20.23 21.50
CA ARG A 590 -46.38 21.01 22.67
C ARG A 590 -46.09 22.47 22.43
N ILE A 591 -45.02 22.73 21.68
CA ILE A 591 -44.63 24.10 21.38
C ILE A 591 -45.59 24.74 20.39
N LYS A 592 -45.98 24.01 19.36
CA LYS A 592 -46.90 24.52 18.36
C LYS A 592 -48.25 24.77 19.02
N LYS A 593 -48.64 23.84 19.91
CA LYS A 593 -49.91 23.91 20.63
C LYS A 593 -50.08 25.17 21.47
N ASP A 594 -49.06 25.50 22.26
CA ASP A 594 -49.08 26.68 23.11
C ASP A 594 -47.74 27.37 23.02
N PRO A 595 -47.54 28.19 21.97
CA PRO A 595 -46.30 28.92 21.73
C PRO A 595 -45.87 29.82 22.88
N LYS A 596 -46.84 30.32 23.63
CA LYS A 596 -46.57 31.21 24.75
C LYS A 596 -46.32 30.47 26.06
N LYS A 597 -46.34 29.14 26.01
CA LYS A 597 -46.11 28.34 27.20
C LYS A 597 -44.62 28.13 27.48
N LEU A 598 -44.17 28.59 28.65
CA LEU A 598 -42.77 28.48 29.06
C LEU A 598 -42.18 27.11 28.69
N PHE A 599 -41.12 27.14 27.90
CA PHE A 599 -40.47 25.90 27.46
C PHE A 599 -38.96 25.96 27.66
N VAL A 600 -38.43 25.04 28.46
CA VAL A 600 -36.99 25.00 28.71
C VAL A 600 -36.31 24.61 27.40
N PRO A 601 -35.58 25.56 26.79
CA PRO A 601 -34.88 25.31 25.53
C PRO A 601 -33.92 24.13 25.52
N ARG A 602 -33.90 23.43 24.40
CA ARG A 602 -33.02 22.27 24.21
C ARG A 602 -32.43 22.19 22.81
N THR A 603 -31.24 21.60 22.75
CA THR A 603 -30.57 21.34 21.48
C THR A 603 -30.42 19.82 21.50
N VAL A 604 -31.31 19.14 20.80
CA VAL A 604 -31.25 17.68 20.77
C VAL A 604 -30.26 17.23 19.69
N ILE A 605 -29.30 16.43 20.12
CA ILE A 605 -28.28 15.93 19.21
C ILE A 605 -28.33 14.42 19.16
N ILE A 606 -28.51 13.88 17.97
CA ILE A 606 -28.55 12.45 17.82
C ILE A 606 -27.59 12.09 16.71
N GLY A 607 -26.67 11.17 17.02
CA GLY A 607 -25.70 10.77 16.02
C GLY A 607 -25.27 9.34 16.17
N GLY A 608 -24.74 8.78 15.09
CA GLY A 608 -24.27 7.41 15.10
C GLY A 608 -24.38 6.81 13.72
N LYS A 609 -23.50 5.86 13.41
CA LYS A 609 -23.53 5.22 12.11
C LYS A 609 -24.44 4.00 12.16
N ALA A 610 -25.06 3.70 11.03
CA ALA A 610 -25.92 2.54 10.93
C ALA A 610 -25.18 1.53 10.04
N ALA A 611 -25.28 0.24 10.38
CA ALA A 611 -24.64 -0.77 9.54
C ALA A 611 -25.26 -0.61 8.14
N PRO A 612 -24.42 -0.67 7.09
CA PRO A 612 -24.88 -0.51 5.70
C PRO A 612 -26.09 -1.35 5.27
N GLY A 613 -26.15 -2.60 5.70
CA GLY A 613 -27.25 -3.45 5.32
C GLY A 613 -28.39 -3.45 6.33
N TYR A 614 -28.29 -2.58 7.34
CA TYR A 614 -29.34 -2.51 8.37
C TYR A 614 -30.41 -1.53 7.91
N HIS A 615 -31.42 -2.04 7.22
CA HIS A 615 -32.50 -1.22 6.69
C HIS A 615 -33.24 -0.34 7.70
N MET A 616 -33.64 -0.94 8.82
CA MET A 616 -34.39 -0.20 9.82
C MET A 616 -33.55 0.92 10.43
N ALA A 617 -32.24 0.71 10.53
CA ALA A 617 -31.36 1.73 11.09
C ALA A 617 -31.29 2.91 10.12
N LYS A 618 -31.19 2.62 8.83
CA LYS A 618 -31.13 3.68 7.83
C LYS A 618 -32.41 4.50 7.81
N MET A 619 -33.56 3.81 7.90
CA MET A 619 -34.86 4.47 7.92
C MET A 619 -34.96 5.39 9.13
N ILE A 620 -34.49 4.91 10.28
CA ILE A 620 -34.51 5.69 11.51
C ILE A 620 -33.69 6.97 11.35
N ILE A 621 -32.60 6.89 10.59
CA ILE A 621 -31.77 8.06 10.37
C ILE A 621 -32.56 9.07 9.52
N LYS A 622 -33.24 8.58 8.49
CA LYS A 622 -34.05 9.44 7.63
C LYS A 622 -35.15 10.14 8.44
N LEU A 623 -35.76 9.41 9.37
CA LEU A 623 -36.82 9.99 10.18
C LEU A 623 -36.25 11.16 10.99
N ILE A 624 -35.17 10.91 11.71
CA ILE A 624 -34.56 11.96 12.51
C ILE A 624 -34.24 13.19 11.68
N THR A 625 -33.59 13.00 10.54
CA THR A 625 -33.23 14.11 9.67
C THR A 625 -34.47 14.82 9.14
N SER A 626 -35.57 14.09 8.96
CA SER A 626 -36.80 14.70 8.47
C SER A 626 -37.40 15.58 9.56
N VAL A 627 -37.35 15.09 10.80
CA VAL A 627 -37.88 15.83 11.94
C VAL A 627 -37.11 17.13 12.17
N ALA A 628 -35.78 17.03 12.18
CA ALA A 628 -34.93 18.20 12.38
C ALA A 628 -35.27 19.28 11.36
N ASP A 629 -35.42 18.89 10.09
CA ASP A 629 -35.73 19.83 9.03
C ASP A 629 -37.00 20.63 9.28
N VAL A 630 -38.03 19.96 9.79
CA VAL A 630 -39.30 20.62 10.11
C VAL A 630 -39.15 21.46 11.37
N VAL A 631 -38.46 20.91 12.36
CA VAL A 631 -38.25 21.58 13.62
C VAL A 631 -37.36 22.81 13.56
N ASN A 632 -36.18 22.64 12.97
CA ASN A 632 -35.22 23.74 12.90
C ASN A 632 -35.65 24.90 12.01
N ASN A 633 -36.64 24.68 11.15
CA ASN A 633 -37.10 25.72 10.26
C ASN A 633 -38.51 26.25 10.50
N ASP A 634 -39.09 25.94 11.65
CA ASP A 634 -40.44 26.43 11.95
C ASP A 634 -40.34 27.69 12.80
N PRO A 635 -40.79 28.84 12.25
CA PRO A 635 -40.76 30.14 12.93
C PRO A 635 -41.37 30.16 14.33
N MET A 636 -42.43 29.39 14.52
CA MET A 636 -43.11 29.34 15.82
C MET A 636 -42.25 28.72 16.94
N VAL A 637 -41.38 27.78 16.60
CA VAL A 637 -40.52 27.15 17.60
C VAL A 637 -39.27 27.99 17.90
N GLY A 638 -38.70 28.57 16.86
CA GLY A 638 -37.52 29.40 17.02
C GLY A 638 -36.38 28.78 17.81
N SER A 639 -35.77 29.58 18.69
CA SER A 639 -34.65 29.10 19.50
C SER A 639 -35.04 28.17 20.66
N LYS A 640 -36.30 27.76 20.71
CA LYS A 640 -36.77 26.85 21.75
C LYS A 640 -36.26 25.42 21.51
N LEU A 641 -36.16 25.03 20.24
CA LEU A 641 -35.75 23.67 19.94
C LEU A 641 -35.02 23.49 18.63
N LYS A 642 -33.83 22.91 18.72
CA LYS A 642 -33.01 22.62 17.56
C LYS A 642 -32.66 21.14 17.59
N VAL A 643 -32.65 20.51 16.41
CA VAL A 643 -32.34 19.10 16.30
C VAL A 643 -31.20 18.91 15.32
N ILE A 644 -30.20 18.14 15.73
CA ILE A 644 -29.02 17.89 14.90
C ILE A 644 -28.67 16.42 14.78
N PHE A 645 -28.53 15.93 13.55
CA PHE A 645 -28.10 14.54 13.39
C PHE A 645 -26.59 14.68 13.24
N LEU A 646 -25.85 14.35 14.29
CA LEU A 646 -24.40 14.47 14.29
C LEU A 646 -23.79 13.46 13.32
N GLU A 647 -23.30 13.96 12.21
CA GLU A 647 -22.71 13.12 11.16
C GLU A 647 -21.34 12.55 11.49
N ASN A 648 -21.12 11.33 11.02
CA ASN A 648 -19.85 10.64 11.18
C ASN A 648 -19.38 10.51 12.62
N TYR A 649 -20.23 9.97 13.47
CA TYR A 649 -19.86 9.81 14.85
C TYR A 649 -18.71 8.83 14.97
N ARG A 650 -17.64 9.30 15.58
CA ARG A 650 -16.42 8.52 15.76
C ARG A 650 -15.70 9.00 17.04
N VAL A 651 -14.64 8.32 17.43
CA VAL A 651 -13.90 8.67 18.64
C VAL A 651 -13.48 10.13 18.74
N SER A 652 -12.88 10.68 17.70
CA SER A 652 -12.47 12.08 17.78
C SER A 652 -13.67 13.02 17.92
N LEU A 653 -14.82 12.64 17.36
CA LEU A 653 -16.02 13.48 17.47
C LEU A 653 -16.65 13.32 18.86
N ALA A 654 -16.56 12.11 19.41
CA ALA A 654 -17.10 11.87 20.75
C ALA A 654 -16.31 12.72 21.76
N GLU A 655 -15.03 12.94 21.49
CA GLU A 655 -14.20 13.75 22.39
C GLU A 655 -14.64 15.20 22.42
N LYS A 656 -15.31 15.64 21.35
CA LYS A 656 -15.79 17.01 21.28
C LYS A 656 -17.18 17.18 21.89
N VAL A 657 -18.12 16.33 21.50
CA VAL A 657 -19.50 16.45 22.01
C VAL A 657 -19.73 16.00 23.46
N ILE A 658 -19.04 14.96 23.90
CA ILE A 658 -19.21 14.47 25.27
C ILE A 658 -18.96 15.50 26.36
N PRO A 659 -17.87 16.28 26.28
CA PRO A 659 -17.58 17.30 27.30
C PRO A 659 -18.64 18.42 27.26
N ALA A 660 -19.28 18.54 26.10
CA ALA A 660 -20.31 19.57 25.88
C ALA A 660 -21.74 19.14 26.20
N THR A 661 -21.92 17.94 26.73
CA THR A 661 -23.28 17.46 27.01
C THR A 661 -23.84 17.74 28.41
N ASP A 662 -25.14 18.07 28.46
CA ASP A 662 -25.85 18.31 29.71
C ASP A 662 -26.62 17.05 30.09
N LEU A 663 -27.27 16.45 29.08
CA LEU A 663 -28.09 15.27 29.27
C LEU A 663 -27.71 14.13 28.34
N SER A 664 -27.38 13.00 28.94
CA SER A 664 -26.98 11.80 28.21
C SER A 664 -28.11 10.77 28.12
N GLU A 665 -28.49 10.42 26.89
CA GLU A 665 -29.56 9.44 26.65
C GLU A 665 -28.98 8.03 26.60
N GLN A 666 -29.38 7.20 27.57
CA GLN A 666 -28.95 5.80 27.68
C GLN A 666 -30.26 5.04 27.89
N ILE A 667 -31.06 4.99 26.84
CA ILE A 667 -32.40 4.41 26.91
C ILE A 667 -32.73 3.10 26.20
N SER A 668 -31.77 2.19 26.11
CA SER A 668 -32.04 0.92 25.45
C SER A 668 -32.99 0.10 26.32
N THR A 669 -33.73 -0.83 25.72
CA THR A 669 -34.67 -1.66 26.47
C THR A 669 -33.94 -2.49 27.52
N ALA A 670 -34.46 -2.48 28.75
CA ALA A 670 -33.83 -3.21 29.85
C ALA A 670 -33.47 -4.65 29.46
N GLY A 671 -32.21 -5.03 29.68
CA GLY A 671 -31.74 -6.36 29.37
C GLY A 671 -31.13 -6.52 27.98
N THR A 672 -31.12 -5.45 27.20
CA THR A 672 -30.58 -5.51 25.85
C THR A 672 -29.17 -4.96 25.71
N GLU A 673 -28.79 -4.05 26.60
CA GLU A 673 -27.45 -3.46 26.57
C GLU A 673 -26.52 -4.18 27.57
N ALA A 674 -25.62 -5.02 27.07
CA ALA A 674 -24.72 -5.75 27.96
C ALA A 674 -24.10 -4.86 29.04
N SER A 675 -23.69 -3.66 28.65
CA SER A 675 -23.08 -2.70 29.59
C SER A 675 -23.19 -1.24 29.17
N GLY A 676 -22.49 -0.91 28.09
CA GLY A 676 -22.46 0.45 27.61
C GLY A 676 -21.22 1.09 28.19
N THR A 677 -20.63 2.04 27.47
CA THR A 677 -19.44 2.73 27.96
C THR A 677 -19.61 4.21 27.70
N GLY A 678 -20.40 4.55 26.68
CA GLY A 678 -20.63 5.95 26.37
C GLY A 678 -21.26 6.54 27.61
N ASN A 679 -22.15 5.77 28.23
CA ASN A 679 -22.82 6.23 29.43
C ASN A 679 -21.80 6.68 30.48
N MET A 680 -20.71 5.92 30.61
CA MET A 680 -19.66 6.24 31.57
C MET A 680 -18.91 7.50 31.15
N LYS A 681 -18.68 7.64 29.85
CA LYS A 681 -17.97 8.82 29.36
C LYS A 681 -18.69 10.11 29.76
N PHE A 682 -20.01 10.16 29.54
CA PHE A 682 -20.83 11.31 29.85
C PHE A 682 -20.88 11.59 31.35
N MET A 683 -20.86 10.53 32.15
CA MET A 683 -20.91 10.65 33.60
C MET A 683 -19.64 11.31 34.13
N LEU A 684 -18.50 10.90 33.58
CA LEU A 684 -17.24 11.44 34.03
C LEU A 684 -17.08 12.90 33.58
N ASN A 685 -17.76 13.28 32.49
CA ASN A 685 -17.63 14.64 31.97
C ASN A 685 -18.69 15.67 32.33
N GLY A 686 -19.46 15.41 33.40
CA GLY A 686 -20.44 16.39 33.83
C GLY A 686 -21.84 16.41 33.25
N ALA A 687 -22.30 15.30 32.70
CA ALA A 687 -23.66 15.27 32.18
C ALA A 687 -24.52 14.42 33.10
N LEU A 688 -25.82 14.68 33.11
CA LEU A 688 -26.72 13.87 33.90
C LEU A 688 -27.23 12.78 32.94
N THR A 689 -27.74 11.69 33.48
CA THR A 689 -28.21 10.61 32.64
C THR A 689 -29.70 10.31 32.75
N ILE A 690 -30.31 9.99 31.62
CA ILE A 690 -31.71 9.59 31.63
C ILE A 690 -31.69 8.26 30.92
N GLY A 691 -32.10 7.22 31.63
CA GLY A 691 -32.09 5.90 31.05
C GLY A 691 -32.85 4.86 31.84
N THR A 692 -32.74 3.63 31.37
CA THR A 692 -33.38 2.47 31.98
C THR A 692 -32.38 1.73 32.83
N MET A 693 -32.87 0.86 33.72
CA MET A 693 -31.99 0.06 34.55
C MET A 693 -31.48 -1.08 33.66
N ASP A 694 -30.47 -0.80 32.86
CA ASP A 694 -29.91 -1.81 31.99
C ASP A 694 -28.42 -1.59 31.89
N GLY A 695 -27.70 -2.63 31.47
CA GLY A 695 -26.26 -2.51 31.35
C GLY A 695 -25.62 -1.93 32.58
N ALA A 696 -24.56 -1.15 32.38
CA ALA A 696 -23.87 -0.51 33.50
C ALA A 696 -24.70 0.65 34.09
N ASN A 697 -25.79 1.05 33.44
CA ASN A 697 -26.62 2.13 33.97
C ASN A 697 -26.98 1.76 35.40
N VAL A 698 -27.26 0.47 35.61
CA VAL A 698 -27.61 -0.03 36.93
C VAL A 698 -26.52 0.25 37.95
N GLU A 699 -25.27 0.05 37.57
CA GLU A 699 -24.17 0.30 38.51
C GLU A 699 -23.88 1.78 38.72
N MET A 700 -24.23 2.61 37.76
CA MET A 700 -24.02 4.04 37.89
C MET A 700 -24.96 4.55 38.99
N ALA A 701 -26.20 4.08 38.96
CA ALA A 701 -27.20 4.44 39.95
C ALA A 701 -26.74 4.02 41.34
N GLU A 702 -26.13 2.85 41.44
CA GLU A 702 -25.64 2.33 42.72
C GLU A 702 -24.53 3.19 43.30
N GLU A 703 -23.59 3.61 42.44
CA GLU A 703 -22.46 4.41 42.88
C GLU A 703 -22.84 5.84 43.23
N ALA A 704 -23.64 6.47 42.38
CA ALA A 704 -24.03 7.86 42.61
C ALA A 704 -25.31 8.01 43.41
N GLY A 705 -26.11 6.96 43.46
CA GLY A 705 -27.38 7.03 44.16
C GLY A 705 -28.43 7.22 43.08
N GLU A 706 -29.43 6.35 43.09
CA GLU A 706 -30.51 6.37 42.10
C GLU A 706 -31.18 7.71 41.90
N GLU A 707 -31.39 8.46 42.97
CA GLU A 707 -32.05 9.75 42.86
C GLU A 707 -31.26 10.74 42.02
N ASN A 708 -29.95 10.54 41.92
CA ASN A 708 -29.13 11.46 41.15
C ASN A 708 -29.04 11.11 39.66
N LEU A 709 -29.96 10.28 39.21
CA LEU A 709 -30.07 9.91 37.81
C LEU A 709 -31.55 9.87 37.47
N PHE A 710 -31.89 10.04 36.20
CA PHE A 710 -33.28 9.99 35.79
C PHE A 710 -33.59 8.62 35.19
N ILE A 711 -33.88 7.67 36.06
CA ILE A 711 -34.22 6.31 35.68
C ILE A 711 -35.70 6.27 35.36
N PHE A 712 -36.08 5.38 34.44
CA PHE A 712 -37.48 5.26 34.06
C PHE A 712 -37.66 3.96 33.30
N GLY A 713 -38.90 3.69 32.95
CA GLY A 713 -39.21 2.52 32.16
C GLY A 713 -39.27 1.17 32.84
N MET A 714 -39.56 0.16 32.04
CA MET A 714 -39.65 -1.19 32.52
C MET A 714 -38.27 -1.67 32.91
N ARG A 715 -38.23 -2.65 33.78
CA ARG A 715 -36.98 -3.21 34.22
C ARG A 715 -36.93 -4.64 33.73
N ILE A 716 -35.81 -5.31 33.93
CA ILE A 716 -35.66 -6.69 33.47
C ILE A 716 -36.90 -7.54 33.72
N ASP A 717 -37.53 -7.36 34.88
CA ASP A 717 -38.71 -8.14 35.24
C ASP A 717 -39.99 -7.65 34.55
N ASP A 718 -40.12 -6.35 34.37
CA ASP A 718 -41.29 -5.79 33.72
C ASP A 718 -41.37 -6.22 32.26
N VAL A 719 -40.24 -6.22 31.58
CA VAL A 719 -40.20 -6.60 30.18
C VAL A 719 -40.57 -8.07 30.00
N ALA A 720 -40.14 -8.92 30.93
CA ALA A 720 -40.45 -10.34 30.86
C ALA A 720 -41.95 -10.58 31.05
N ALA A 721 -42.54 -9.87 32.01
CA ALA A 721 -43.96 -10.00 32.28
C ALA A 721 -44.75 -9.61 31.04
N LEU A 722 -44.37 -8.48 30.46
CA LEU A 722 -45.02 -7.98 29.26
C LEU A 722 -44.88 -8.97 28.11
N ASP A 723 -43.82 -9.79 28.16
CA ASP A 723 -43.58 -10.79 27.12
C ASP A 723 -44.48 -12.00 27.33
N LYS A 724 -44.46 -12.56 28.53
CA LYS A 724 -45.29 -13.72 28.84
C LYS A 724 -46.74 -13.38 28.49
N LYS A 725 -47.18 -12.19 28.90
CA LYS A 725 -48.53 -11.73 28.62
C LYS A 725 -48.73 -11.59 27.12
N GLY A 726 -47.92 -10.73 26.52
CA GLY A 726 -48.00 -10.49 25.09
C GLY A 726 -48.03 -9.00 24.83
N TYR A 727 -47.04 -8.50 24.11
CA TYR A 727 -46.96 -7.09 23.84
C TYR A 727 -47.84 -6.63 22.68
N GLU A 728 -48.88 -5.87 22.99
CA GLU A 728 -49.79 -5.35 21.98
C GLU A 728 -49.61 -3.84 21.91
N ALA A 729 -48.70 -3.42 21.04
CA ALA A 729 -48.37 -2.01 20.86
C ALA A 729 -49.53 -1.09 20.49
N LYS A 730 -50.56 -1.64 19.84
CA LYS A 730 -51.69 -0.84 19.43
C LYS A 730 -52.50 -0.32 20.61
N GLU A 731 -52.18 -0.82 21.80
CA GLU A 731 -52.88 -0.40 23.00
C GLU A 731 -52.42 0.95 23.53
N TYR A 732 -51.10 1.16 23.58
CA TYR A 732 -50.52 2.41 24.07
C TYR A 732 -50.85 3.56 23.12
N TYR A 733 -50.94 3.23 21.84
CA TYR A 733 -51.26 4.21 20.81
C TYR A 733 -52.70 4.67 20.99
N GLU A 734 -53.54 3.73 21.42
CA GLU A 734 -54.96 3.98 21.66
C GLU A 734 -55.19 4.69 22.98
N ALA A 735 -54.27 4.51 23.93
CA ALA A 735 -54.40 5.10 25.26
C ALA A 735 -53.58 6.36 25.51
N LEU A 736 -52.77 6.78 24.55
CA LEU A 736 -51.96 7.97 24.73
C LEU A 736 -52.11 8.93 23.56
N PRO A 737 -52.89 10.00 23.74
CA PRO A 737 -53.10 10.98 22.66
C PRO A 737 -51.81 11.63 22.14
N GLU A 738 -50.92 12.04 23.02
CA GLU A 738 -49.66 12.66 22.58
C GLU A 738 -48.89 11.72 21.66
N LEU A 739 -48.87 10.44 22.00
CA LEU A 739 -48.18 9.45 21.18
C LEU A 739 -48.92 9.26 19.86
N LYS A 740 -50.25 9.27 19.91
CA LYS A 740 -51.06 9.10 18.70
C LYS A 740 -50.82 10.21 17.70
N LEU A 741 -50.70 11.44 18.19
CA LEU A 741 -50.46 12.58 17.30
C LEU A 741 -49.12 12.38 16.59
N VAL A 742 -48.10 11.99 17.35
CA VAL A 742 -46.77 11.76 16.79
C VAL A 742 -46.84 10.67 15.74
N ILE A 743 -47.43 9.54 16.11
CA ILE A 743 -47.57 8.41 15.20
C ILE A 743 -48.31 8.79 13.93
N ASP A 744 -49.41 9.54 14.06
CA ASP A 744 -50.17 9.93 12.87
C ASP A 744 -49.35 10.83 11.96
N GLN A 745 -48.62 11.77 12.55
CA GLN A 745 -47.79 12.67 11.76
C GLN A 745 -46.75 11.87 10.98
N ILE A 746 -46.12 10.90 11.64
CA ILE A 746 -45.11 10.07 11.01
C ILE A 746 -45.70 9.15 9.94
N ASP A 747 -46.91 8.64 10.20
CA ASP A 747 -47.57 7.74 9.27
C ASP A 747 -48.25 8.44 8.09
N ASN A 748 -48.78 9.65 8.32
CA ASN A 748 -49.48 10.38 7.26
C ASN A 748 -48.64 11.30 6.39
N GLY A 749 -47.35 11.37 6.67
CA GLY A 749 -46.47 12.20 5.85
C GLY A 749 -46.12 13.59 6.35
N PHE A 750 -46.52 13.93 7.57
CA PHE A 750 -46.23 15.26 8.09
C PHE A 750 -44.73 15.58 8.03
N PHE A 751 -43.90 14.53 8.09
CA PHE A 751 -42.45 14.72 8.04
C PHE A 751 -41.83 14.28 6.72
N SER A 752 -42.68 13.96 5.75
CA SER A 752 -42.22 13.55 4.42
C SER A 752 -43.34 13.79 3.41
N PRO A 753 -43.74 15.07 3.26
CA PRO A 753 -44.80 15.43 2.31
C PRO A 753 -44.62 14.87 0.91
N LYS A 754 -43.39 14.95 0.39
CA LYS A 754 -43.11 14.44 -0.94
C LYS A 754 -43.22 12.92 -1.01
N GLN A 755 -43.21 12.26 0.14
CA GLN A 755 -43.29 10.80 0.21
C GLN A 755 -44.13 10.36 1.41
N PRO A 756 -45.46 10.54 1.31
CA PRO A 756 -46.48 10.22 2.31
C PRO A 756 -46.31 8.91 3.08
N ASP A 757 -45.84 7.86 2.41
CA ASP A 757 -45.67 6.56 3.06
C ASP A 757 -44.21 6.18 3.30
N LEU A 758 -43.33 7.17 3.23
CA LEU A 758 -41.90 6.93 3.43
C LEU A 758 -41.56 6.15 4.69
N PHE A 759 -42.22 6.47 5.81
CA PHE A 759 -41.92 5.79 7.06
C PHE A 759 -42.83 4.62 7.40
N LYS A 760 -43.45 4.06 6.37
CA LYS A 760 -44.36 2.91 6.54
C LYS A 760 -43.70 1.75 7.28
N ASP A 761 -42.50 1.37 6.84
CA ASP A 761 -41.79 0.26 7.48
C ASP A 761 -41.54 0.47 8.97
N ILE A 762 -41.33 1.71 9.38
CA ILE A 762 -41.10 2.02 10.78
C ILE A 762 -42.39 1.78 11.56
N ILE A 763 -43.48 2.36 11.07
CA ILE A 763 -44.80 2.23 11.68
C ILE A 763 -45.21 0.76 11.79
N ASN A 764 -44.95 0.02 10.72
CA ASN A 764 -45.29 -1.40 10.66
C ASN A 764 -44.54 -2.20 11.73
N MET A 765 -43.27 -1.90 11.91
CA MET A 765 -42.47 -2.60 12.89
C MET A 765 -42.93 -2.23 14.30
N LEU A 766 -43.26 -0.96 14.51
CA LEU A 766 -43.70 -0.51 15.82
C LEU A 766 -45.00 -1.15 16.26
N PHE A 767 -45.94 -1.31 15.34
CA PHE A 767 -47.23 -1.90 15.64
C PHE A 767 -47.28 -3.42 15.62
N TYR A 768 -46.35 -4.07 14.91
CA TYR A 768 -46.41 -5.52 14.82
C TYR A 768 -45.11 -6.32 15.03
N HIS A 769 -43.95 -5.69 14.89
CA HIS A 769 -42.69 -6.41 15.05
C HIS A 769 -41.67 -5.69 15.92
N ASP A 770 -42.10 -5.09 17.02
CA ASP A 770 -41.16 -4.37 17.89
C ASP A 770 -40.73 -5.15 19.13
N ARG A 771 -39.62 -5.86 19.02
CA ARG A 771 -39.10 -6.63 20.14
C ARG A 771 -38.54 -5.75 21.25
N PHE A 772 -38.44 -4.45 20.99
CA PHE A 772 -37.87 -3.55 21.98
C PHE A 772 -38.89 -2.65 22.68
N LYS A 773 -40.15 -2.99 22.45
CA LYS A 773 -41.27 -2.30 23.06
C LYS A 773 -41.10 -0.79 23.23
N VAL A 774 -41.01 -0.07 22.12
CA VAL A 774 -40.85 1.39 22.17
C VAL A 774 -42.08 2.06 22.80
N PHE A 775 -43.28 1.67 22.37
CA PHE A 775 -44.51 2.26 22.89
C PHE A 775 -44.71 2.01 24.39
N ALA A 776 -44.17 0.90 24.88
CA ALA A 776 -44.29 0.54 26.29
C ALA A 776 -43.53 1.44 27.28
N ASP A 777 -42.44 2.07 26.83
CA ASP A 777 -41.69 2.94 27.73
C ASP A 777 -41.90 4.41 27.40
N TYR A 778 -42.70 4.66 26.36
CA TYR A 778 -43.00 6.02 25.92
C TYR A 778 -43.49 6.95 27.03
N GLU A 779 -44.55 6.54 27.73
CA GLU A 779 -45.10 7.35 28.79
C GLU A 779 -44.14 7.67 29.93
N ALA A 780 -43.44 6.65 30.41
CA ALA A 780 -42.48 6.85 31.50
C ALA A 780 -41.32 7.74 31.02
N TYR A 781 -40.86 7.50 29.80
CA TYR A 781 -39.77 8.28 29.25
C TYR A 781 -40.13 9.78 29.23
N VAL A 782 -41.26 10.12 28.63
CA VAL A 782 -41.69 11.52 28.53
C VAL A 782 -41.84 12.20 29.90
N LYS A 783 -42.43 11.49 30.86
CA LYS A 783 -42.61 12.05 32.20
C LYS A 783 -41.25 12.26 32.85
N CYS A 784 -40.31 11.39 32.51
CA CYS A 784 -38.97 11.49 33.04
C CYS A 784 -38.34 12.74 32.45
N GLN A 785 -38.51 12.90 31.14
CA GLN A 785 -37.97 14.05 30.43
C GLN A 785 -38.52 15.37 30.98
N ASP A 786 -39.78 15.37 31.42
CA ASP A 786 -40.36 16.59 31.97
C ASP A 786 -39.65 16.96 33.28
N LYS A 787 -39.30 15.96 34.09
CA LYS A 787 -38.61 16.24 35.34
C LYS A 787 -37.21 16.81 35.07
N VAL A 788 -36.56 16.32 34.01
CA VAL A 788 -35.23 16.81 33.66
C VAL A 788 -35.30 18.29 33.37
N SER A 789 -36.32 18.69 32.61
CA SER A 789 -36.51 20.10 32.25
C SER A 789 -36.70 20.94 33.51
N GLN A 790 -37.48 20.43 34.45
CA GLN A 790 -37.70 21.13 35.71
C GLN A 790 -36.36 21.40 36.39
N LEU A 791 -35.60 20.34 36.59
CA LEU A 791 -34.31 20.45 37.27
C LEU A 791 -33.34 21.39 36.56
N TYR A 792 -33.34 21.36 35.23
CA TYR A 792 -32.44 22.20 34.46
C TYR A 792 -32.61 23.68 34.79
N MET A 793 -33.83 24.07 35.14
CA MET A 793 -34.12 25.46 35.47
C MET A 793 -33.60 25.85 36.86
N ASN A 794 -33.02 24.90 37.58
CA ASN A 794 -32.48 25.15 38.91
C ASN A 794 -30.98 24.84 38.92
N PRO A 795 -30.15 25.69 38.29
CA PRO A 795 -28.70 25.56 38.20
C PRO A 795 -28.00 25.02 39.44
N LYS A 796 -28.36 25.53 40.61
CA LYS A 796 -27.76 25.07 41.86
C LYS A 796 -28.02 23.58 42.02
N ALA A 797 -29.29 23.20 41.87
CA ALA A 797 -29.68 21.81 42.00
C ALA A 797 -29.08 20.93 40.90
N TRP A 798 -29.14 21.41 39.66
CA TRP A 798 -28.61 20.64 38.55
C TRP A 798 -27.13 20.33 38.68
N ASN A 799 -26.34 21.35 38.96
CA ASN A 799 -24.89 21.16 39.09
C ASN A 799 -24.52 20.38 40.34
N THR A 800 -25.34 20.48 41.37
CA THR A 800 -25.09 19.76 42.60
C THR A 800 -25.17 18.27 42.26
N MET A 801 -26.18 17.90 41.47
CA MET A 801 -26.35 16.50 41.06
C MET A 801 -25.17 16.13 40.15
N VAL A 802 -24.82 17.03 39.24
CA VAL A 802 -23.69 16.80 38.34
C VAL A 802 -22.46 16.44 39.15
N LEU A 803 -22.20 17.22 40.21
CA LEU A 803 -21.04 16.97 41.06
C LEU A 803 -21.08 15.61 41.74
N LYS A 804 -22.26 15.16 42.14
CA LYS A 804 -22.37 13.85 42.80
C LYS A 804 -22.09 12.76 41.79
N ASN A 805 -22.51 12.97 40.54
CA ASN A 805 -22.28 11.98 39.50
C ASN A 805 -20.77 11.88 39.24
N ILE A 806 -20.14 12.99 38.91
CA ILE A 806 -18.70 13.01 38.66
C ILE A 806 -17.96 12.43 39.86
N ALA A 807 -18.42 12.76 41.07
CA ALA A 807 -17.77 12.26 42.27
C ALA A 807 -17.91 10.75 42.38
N ALA A 808 -18.99 10.22 41.82
CA ALA A 808 -19.27 8.80 41.86
C ALA A 808 -18.84 8.05 40.61
N SER A 809 -18.05 8.67 39.74
CA SER A 809 -17.64 7.98 38.52
C SER A 809 -16.36 7.14 38.63
N GLY A 810 -15.60 7.36 39.69
CA GLY A 810 -14.35 6.62 39.91
C GLY A 810 -14.39 5.15 39.53
N LYS A 811 -15.44 4.46 39.95
CA LYS A 811 -15.61 3.03 39.67
C LYS A 811 -15.46 2.61 38.22
N PHE A 812 -15.76 3.53 37.32
CA PHE A 812 -15.75 3.22 35.91
C PHE A 812 -14.48 3.45 35.11
N SER A 813 -13.37 3.64 35.81
CA SER A 813 -12.08 3.80 35.16
C SER A 813 -11.72 2.41 34.68
N SER A 814 -11.18 2.30 33.47
CA SER A 814 -10.79 1.00 32.93
C SER A 814 -9.58 0.41 33.67
N ASP A 815 -8.95 1.23 34.51
CA ASP A 815 -7.80 0.78 35.31
C ASP A 815 -8.35 -0.18 36.37
N ARG A 816 -9.54 0.12 36.89
CA ARG A 816 -10.16 -0.74 37.91
C ARG A 816 -10.62 -2.03 37.25
N THR A 817 -11.16 -1.93 36.04
CA THR A 817 -11.60 -3.11 35.30
C THR A 817 -10.41 -4.05 35.08
N ILE A 818 -9.33 -3.52 34.55
CA ILE A 818 -8.12 -4.32 34.27
C ILE A 818 -7.50 -4.89 35.55
N LYS A 819 -7.63 -4.14 36.64
CA LYS A 819 -7.10 -4.56 37.93
C LYS A 819 -7.80 -5.86 38.34
N GLU A 820 -9.11 -5.90 38.15
CA GLU A 820 -9.90 -7.09 38.47
C GLU A 820 -9.61 -8.22 37.49
N TYR A 821 -9.29 -7.86 36.24
CA TYR A 821 -8.95 -8.89 35.24
C TYR A 821 -7.60 -9.50 35.61
N ALA A 822 -6.67 -8.63 35.99
CA ALA A 822 -5.32 -9.05 36.36
C ALA A 822 -5.34 -10.02 37.55
N GLN A 823 -6.10 -9.66 38.59
CA GLN A 823 -6.19 -10.49 39.78
C GLN A 823 -7.01 -11.78 39.67
N ASN A 824 -8.17 -11.71 39.02
CA ASN A 824 -9.05 -12.86 38.94
C ASN A 824 -9.03 -13.76 37.70
N ILE A 825 -8.43 -13.30 36.61
CA ILE A 825 -8.39 -14.13 35.40
C ILE A 825 -6.98 -14.38 34.86
N TRP A 826 -6.20 -13.32 34.66
CA TRP A 826 -4.86 -13.48 34.10
C TRP A 826 -3.77 -13.81 35.10
N ASN A 827 -4.01 -13.52 36.38
CA ASN A 827 -3.04 -13.77 37.43
C ASN A 827 -1.68 -13.13 37.12
N VAL A 828 -1.71 -11.81 36.95
CA VAL A 828 -0.50 -11.02 36.66
C VAL A 828 -0.51 -9.76 37.53
N GLU A 829 0.68 -9.20 37.76
CA GLU A 829 0.80 -7.99 38.59
C GLU A 829 1.51 -6.85 37.87
N PRO A 830 1.21 -5.61 38.27
CA PRO A 830 1.80 -4.41 37.69
C PRO A 830 3.32 -4.34 37.92
N GLY B 21 37.99 16.00 5.15
CA GLY B 21 37.52 14.68 5.54
C GLY B 21 37.38 14.50 7.03
N VAL B 22 37.70 15.54 7.79
CA VAL B 22 37.61 15.50 9.24
C VAL B 22 36.18 15.77 9.73
N GLU B 23 35.78 15.05 10.78
CA GLU B 23 34.46 15.21 11.37
C GLU B 23 33.32 14.79 10.44
N ASN B 24 33.64 14.23 9.27
CA ASN B 24 32.61 13.80 8.34
C ASN B 24 32.19 12.36 8.61
N VAL B 25 33.15 11.52 8.95
CA VAL B 25 32.84 10.13 9.25
C VAL B 25 32.13 10.07 10.59
N ALA B 26 32.69 10.78 11.56
CA ALA B 26 32.11 10.81 12.91
C ALA B 26 30.65 11.26 12.90
N GLU B 27 30.34 12.27 12.08
CA GLU B 27 28.96 12.76 12.01
C GLU B 27 28.08 11.78 11.26
N LEU B 28 28.64 11.10 10.25
CA LEU B 28 27.86 10.10 9.51
C LEU B 28 27.53 8.96 10.47
N LYS B 29 28.50 8.60 11.32
CA LYS B 29 28.30 7.53 12.31
C LYS B 29 27.21 7.92 13.30
N LYS B 30 27.32 9.12 13.88
CA LYS B 30 26.31 9.60 14.82
C LYS B 30 24.94 9.52 14.14
N SER B 31 24.82 10.18 13.00
CA SER B 31 23.56 10.19 12.27
C SER B 31 23.02 8.79 12.02
N PHE B 32 23.90 7.88 11.64
CA PHE B 32 23.49 6.51 11.35
C PHE B 32 22.87 5.88 12.60
N ASN B 33 23.51 6.07 13.74
CA ASN B 33 22.99 5.51 14.98
C ASN B 33 21.68 6.20 15.36
N ARG B 34 21.55 7.46 15.01
CA ARG B 34 20.35 8.21 15.32
C ARG B 34 19.16 7.61 14.56
N HIS B 35 19.37 7.28 13.29
CA HIS B 35 18.30 6.71 12.46
C HIS B 35 17.92 5.29 12.86
N LEU B 36 18.91 4.46 13.19
CA LEU B 36 18.64 3.09 13.57
C LEU B 36 17.73 3.11 14.79
N HIS B 37 18.02 4.05 15.68
CA HIS B 37 17.27 4.23 16.91
C HIS B 37 15.86 4.82 16.70
N PHE B 38 15.80 6.05 16.20
CA PHE B 38 14.53 6.75 16.00
C PHE B 38 13.72 6.35 14.78
N THR B 39 14.41 5.98 13.71
CA THR B 39 13.76 5.61 12.47
C THR B 39 13.45 4.12 12.33
N LEU B 40 14.31 3.26 12.88
CA LEU B 40 14.08 1.81 12.79
C LEU B 40 13.67 1.18 14.10
N VAL B 41 13.73 1.96 15.18
CA VAL B 41 13.36 1.48 16.50
C VAL B 41 14.17 0.23 16.86
N LYS B 42 15.47 0.29 16.64
CA LYS B 42 16.34 -0.86 16.92
C LYS B 42 17.64 -0.49 17.61
N ASP B 43 18.25 -1.47 18.26
CA ASP B 43 19.55 -1.27 18.90
C ASP B 43 20.45 -2.30 18.23
N ARG B 44 21.76 -2.23 18.46
CA ARG B 44 22.69 -3.15 17.82
C ARG B 44 22.52 -4.63 18.14
N ASN B 45 21.62 -4.97 19.07
CA ASN B 45 21.42 -6.37 19.42
C ASN B 45 20.23 -7.00 18.71
N VAL B 46 19.24 -6.17 18.36
CA VAL B 46 18.04 -6.67 17.71
C VAL B 46 17.87 -6.22 16.26
N ALA B 47 18.83 -5.46 15.75
CA ALA B 47 18.72 -4.98 14.38
C ALA B 47 19.01 -6.07 13.34
N THR B 48 18.21 -6.09 12.27
CA THR B 48 18.39 -7.03 11.17
C THR B 48 19.26 -6.34 10.13
N THR B 49 19.84 -7.10 9.21
CA THR B 49 20.68 -6.51 8.18
C THR B 49 19.89 -5.45 7.42
N ARG B 50 18.61 -5.74 7.20
CA ARG B 50 17.73 -4.81 6.49
C ARG B 50 17.60 -3.48 7.26
N ASP B 51 17.60 -3.55 8.58
CA ASP B 51 17.51 -2.33 9.36
C ASP B 51 18.77 -1.50 9.13
N TYR B 52 19.92 -2.15 9.14
CA TYR B 52 21.18 -1.44 8.90
C TYR B 52 21.15 -0.77 7.53
N TYR B 53 20.60 -1.45 6.53
CA TYR B 53 20.52 -0.87 5.19
C TYR B 53 19.65 0.39 5.20
N PHE B 54 18.47 0.29 5.79
CA PHE B 54 17.55 1.44 5.84
C PHE B 54 18.14 2.59 6.63
N ALA B 55 18.94 2.27 7.65
CA ALA B 55 19.56 3.29 8.49
C ALA B 55 20.61 4.07 7.71
N LEU B 56 21.34 3.35 6.86
CA LEU B 56 22.37 3.97 6.05
C LEU B 56 21.72 4.80 4.95
N ALA B 57 20.63 4.29 4.40
CA ALA B 57 19.92 4.95 3.33
C ALA B 57 19.35 6.29 3.80
N HIS B 58 18.74 6.31 4.99
CA HIS B 58 18.18 7.56 5.51
C HIS B 58 19.34 8.52 5.77
N THR B 59 20.46 7.97 6.21
CA THR B 59 21.65 8.76 6.51
C THR B 59 22.18 9.43 5.24
N VAL B 60 22.14 8.70 4.13
CA VAL B 60 22.61 9.21 2.85
C VAL B 60 21.56 10.17 2.30
N ARG B 61 20.31 9.73 2.39
CA ARG B 61 19.17 10.51 1.93
C ARG B 61 19.10 11.94 2.50
N ASP B 62 19.49 12.11 3.76
CA ASP B 62 19.46 13.44 4.39
C ASP B 62 20.35 14.43 3.66
N HIS B 63 21.39 13.94 2.99
CA HIS B 63 22.30 14.83 2.28
C HIS B 63 21.77 15.34 0.94
N LEU B 64 20.62 14.82 0.51
CA LEU B 64 20.00 15.24 -0.75
C LEU B 64 19.03 16.40 -0.53
N VAL B 65 18.42 16.42 0.66
CA VAL B 65 17.40 17.40 0.99
C VAL B 65 17.73 18.84 0.68
N GLY B 66 18.78 19.36 1.28
CA GLY B 66 19.15 20.75 1.06
C GLY B 66 19.18 21.11 -0.41
N ARG B 67 19.94 20.34 -1.17
CA ARG B 67 20.07 20.59 -2.60
C ARG B 67 18.78 20.35 -3.39
N TRP B 68 17.98 19.36 -2.99
CA TRP B 68 16.74 19.09 -3.71
C TRP B 68 15.82 20.31 -3.58
N ILE B 69 15.59 20.78 -2.35
CA ILE B 69 14.75 21.95 -2.15
C ILE B 69 15.32 23.17 -2.91
N ARG B 70 16.62 23.38 -2.75
CA ARG B 70 17.31 24.49 -3.39
C ARG B 70 17.25 24.42 -4.92
N THR B 71 17.48 23.23 -5.48
CA THR B 71 17.45 23.03 -6.92
C THR B 71 16.09 23.40 -7.49
N GLN B 72 15.03 22.85 -6.88
CA GLN B 72 13.69 23.12 -7.37
C GLN B 72 13.28 24.57 -7.12
N GLN B 73 13.78 25.15 -6.04
CA GLN B 73 13.46 26.55 -5.75
C GLN B 73 14.10 27.43 -6.82
N HIS B 74 15.29 27.02 -7.27
CA HIS B 74 16.02 27.75 -8.29
C HIS B 74 15.28 27.75 -9.63
N TYR B 75 14.78 26.59 -10.03
CA TYR B 75 14.05 26.50 -11.29
C TYR B 75 12.79 27.37 -11.21
N TYR B 76 12.33 27.62 -10.00
CA TYR B 76 11.15 28.45 -9.84
C TYR B 76 11.53 29.91 -9.99
N ASP B 77 12.66 30.29 -9.40
CA ASP B 77 13.13 31.65 -9.45
C ASP B 77 13.69 32.14 -10.79
N LYS B 78 14.46 31.30 -11.47
CA LYS B 78 15.07 31.70 -12.74
C LYS B 78 14.24 31.35 -13.96
N CYS B 79 13.21 30.54 -13.76
CA CYS B 79 12.32 30.14 -14.84
C CYS B 79 12.97 29.65 -16.14
N PRO B 80 13.91 28.69 -16.04
CA PRO B 80 14.54 28.22 -17.28
C PRO B 80 13.51 27.30 -17.98
N LYS B 81 13.69 27.04 -19.27
CA LYS B 81 12.76 26.17 -19.97
C LYS B 81 12.91 24.79 -19.31
N ARG B 82 11.79 24.13 -19.05
CA ARG B 82 11.81 22.82 -18.41
C ARG B 82 11.66 21.68 -19.42
N VAL B 83 12.35 20.57 -19.17
CA VAL B 83 12.25 19.42 -20.05
C VAL B 83 11.50 18.32 -19.31
N TYR B 84 10.53 17.71 -19.97
CA TYR B 84 9.74 16.67 -19.34
C TYR B 84 9.83 15.33 -20.07
N TYR B 85 10.57 14.39 -19.49
CA TYR B 85 10.75 13.08 -20.08
C TYR B 85 9.58 12.17 -19.69
N LEU B 86 8.61 12.05 -20.58
CA LEU B 86 7.43 11.23 -20.32
C LEU B 86 7.63 9.80 -20.84
N SER B 87 7.63 8.83 -19.92
CA SER B 87 7.84 7.45 -20.28
C SER B 87 7.05 6.47 -19.42
N LEU B 88 6.71 5.32 -19.99
CA LEU B 88 5.98 4.31 -19.26
C LEU B 88 6.98 3.53 -18.44
N GLU B 89 8.26 3.77 -18.72
CA GLU B 89 9.33 3.04 -18.05
C GLU B 89 10.54 3.83 -17.59
N PHE B 90 11.10 3.36 -16.49
CA PHE B 90 12.30 3.90 -15.90
C PHE B 90 12.88 2.71 -15.15
N TYR B 91 13.96 2.15 -15.68
CA TYR B 91 14.63 1.01 -15.08
C TYR B 91 15.76 1.63 -14.27
N MET B 92 15.47 2.00 -13.03
CA MET B 92 16.43 2.68 -12.16
C MET B 92 17.50 1.88 -11.42
N GLY B 93 17.23 0.60 -11.14
CA GLY B 93 18.20 -0.18 -10.40
C GLY B 93 18.28 0.33 -8.98
N ARG B 94 19.40 0.09 -8.31
CA ARG B 94 19.58 0.54 -6.92
C ARG B 94 20.01 2.00 -6.88
N THR B 95 19.56 2.67 -5.82
CA THR B 95 19.81 4.10 -5.60
C THR B 95 20.92 4.44 -4.61
N LEU B 96 21.12 3.59 -3.61
CA LEU B 96 22.11 3.86 -2.57
C LEU B 96 23.53 4.23 -3.03
N GLN B 97 24.26 3.28 -3.62
CA GLN B 97 25.63 3.58 -4.04
C GLN B 97 25.67 4.72 -5.04
N ASN B 98 24.73 4.73 -5.97
CA ASN B 98 24.68 5.78 -6.97
C ASN B 98 24.56 7.15 -6.32
N THR B 99 23.73 7.24 -5.28
CA THR B 99 23.53 8.52 -4.60
C THR B 99 24.79 8.93 -3.84
N MET B 100 25.44 7.95 -3.19
CA MET B 100 26.66 8.23 -2.44
C MET B 100 27.76 8.73 -3.36
N ILE B 101 27.89 8.11 -4.52
CA ILE B 101 28.93 8.52 -5.46
C ILE B 101 28.68 9.91 -6.05
N ASN B 102 27.46 10.17 -6.52
CA ASN B 102 27.18 11.46 -7.11
C ASN B 102 27.30 12.58 -6.09
N LEU B 103 27.10 12.27 -4.81
CA LEU B 103 27.20 13.29 -3.78
C LEU B 103 28.59 13.39 -3.16
N GLY B 104 29.49 12.52 -3.59
CA GLY B 104 30.84 12.53 -3.06
C GLY B 104 30.95 12.02 -1.63
N LEU B 105 30.04 11.13 -1.24
CA LEU B 105 30.04 10.60 0.12
C LEU B 105 30.42 9.14 0.29
N GLN B 106 30.60 8.41 -0.81
CA GLN B 106 30.91 6.98 -0.70
C GLN B 106 32.10 6.69 0.22
N ASN B 107 33.24 7.32 -0.05
CA ASN B 107 34.41 7.10 0.78
C ASN B 107 34.10 7.33 2.27
N ALA B 108 33.44 8.43 2.58
CA ALA B 108 33.11 8.73 3.98
C ALA B 108 32.10 7.76 4.59
N CYS B 109 31.12 7.32 3.81
CA CYS B 109 30.14 6.38 4.33
C CYS B 109 30.78 4.99 4.47
N ASP B 110 31.59 4.60 3.49
CA ASP B 110 32.27 3.31 3.58
C ASP B 110 33.00 3.28 4.92
N GLU B 111 33.74 4.35 5.18
CA GLU B 111 34.52 4.45 6.42
C GLU B 111 33.67 4.49 7.70
N ALA B 112 32.47 5.06 7.61
CA ALA B 112 31.61 5.13 8.79
C ALA B 112 31.02 3.75 9.08
N ILE B 113 30.60 3.06 8.03
CA ILE B 113 30.02 1.73 8.16
C ILE B 113 31.04 0.73 8.70
N TYR B 114 32.27 0.85 8.22
CA TYR B 114 33.36 -0.01 8.63
C TYR B 114 33.65 0.19 10.12
N GLN B 115 33.87 1.44 10.52
CA GLN B 115 34.16 1.75 11.91
C GLN B 115 33.06 1.26 12.84
N LEU B 116 31.83 1.24 12.34
CA LEU B 116 30.70 0.76 13.13
C LEU B 116 30.67 -0.77 13.15
N GLY B 117 31.71 -1.39 12.61
CA GLY B 117 31.79 -2.84 12.56
C GLY B 117 30.83 -3.52 11.60
N LEU B 118 30.37 -2.80 10.58
CA LEU B 118 29.45 -3.40 9.62
C LEU B 118 30.09 -3.59 8.24
N ASP B 119 29.52 -4.53 7.47
CA ASP B 119 29.97 -4.84 6.12
C ASP B 119 29.08 -4.08 5.14
N ILE B 120 29.59 -2.97 4.61
CA ILE B 120 28.78 -2.15 3.71
C ILE B 120 28.27 -2.88 2.48
N GLU B 121 29.04 -3.84 1.98
CA GLU B 121 28.61 -4.58 0.80
C GLU B 121 27.37 -5.39 1.14
N GLU B 122 27.35 -5.94 2.35
CA GLU B 122 26.23 -6.72 2.80
C GLU B 122 24.98 -5.85 2.86
N LEU B 123 25.15 -4.60 3.27
CA LEU B 123 24.01 -3.68 3.36
C LEU B 123 23.46 -3.27 1.99
N GLU B 124 24.35 -2.92 1.07
CA GLU B 124 23.91 -2.50 -0.25
C GLU B 124 23.12 -3.58 -1.00
N GLU B 125 23.45 -4.85 -0.78
CA GLU B 125 22.76 -5.94 -1.47
C GLU B 125 21.33 -6.09 -1.00
N ILE B 126 21.02 -5.49 0.13
CA ILE B 126 19.68 -5.56 0.69
C ILE B 126 18.73 -4.78 -0.20
N GLU B 127 19.19 -3.64 -0.70
CA GLU B 127 18.34 -2.80 -1.52
C GLU B 127 17.72 -3.51 -2.74
N GLU B 128 16.43 -3.31 -2.91
CA GLU B 128 15.69 -3.90 -4.03
C GLU B 128 15.88 -2.99 -5.23
N ASP B 129 15.97 -3.56 -6.42
CA ASP B 129 16.10 -2.76 -7.62
C ASP B 129 14.72 -2.21 -7.97
N ALA B 130 14.67 -0.95 -8.38
CA ALA B 130 13.39 -0.37 -8.81
C ALA B 130 13.36 -0.74 -10.29
N GLY B 131 12.89 -1.95 -10.59
CA GLY B 131 12.85 -2.38 -11.98
C GLY B 131 11.56 -2.06 -12.70
N LEU B 132 11.27 -0.78 -12.84
CA LEU B 132 10.06 -0.30 -13.52
C LEU B 132 10.30 -0.12 -15.01
N GLY B 133 11.01 -1.07 -15.59
CA GLY B 133 11.29 -1.03 -17.01
C GLY B 133 11.54 -2.45 -17.51
N ASN B 134 11.44 -2.64 -18.83
CA ASN B 134 11.64 -3.95 -19.45
C ASN B 134 13.07 -4.21 -19.86
N GLY B 135 13.69 -3.21 -20.48
CA GLY B 135 15.06 -3.38 -20.93
C GLY B 135 15.74 -2.07 -21.28
N GLY B 136 16.37 -2.04 -22.45
CA GLY B 136 17.08 -0.86 -22.88
C GLY B 136 16.27 0.42 -22.96
N LEU B 137 14.97 0.32 -23.25
CA LEU B 137 14.14 1.53 -23.34
C LEU B 137 13.99 2.18 -21.95
N GLY B 138 13.65 1.38 -20.95
CA GLY B 138 13.49 1.91 -19.61
C GLY B 138 14.82 2.32 -19.01
N ARG B 139 15.89 1.63 -19.38
CA ARG B 139 17.20 1.95 -18.84
C ARG B 139 17.75 3.25 -19.43
N LEU B 140 17.37 3.55 -20.67
CA LEU B 140 17.82 4.77 -21.34
C LEU B 140 17.24 5.95 -20.59
N ALA B 141 15.95 5.87 -20.26
CA ALA B 141 15.30 6.93 -19.50
C ALA B 141 16.07 7.16 -18.21
N ALA B 142 16.48 6.07 -17.56
CA ALA B 142 17.23 6.17 -16.30
C ALA B 142 18.55 6.91 -16.50
N CYS B 143 19.33 6.47 -17.50
CA CYS B 143 20.61 7.09 -17.83
C CYS B 143 20.43 8.57 -18.18
N PHE B 144 19.38 8.87 -18.94
CA PHE B 144 19.08 10.24 -19.34
C PHE B 144 18.82 11.12 -18.11
N LEU B 145 18.09 10.59 -17.13
CA LEU B 145 17.81 11.37 -15.92
C LEU B 145 19.11 11.74 -15.22
N ASP B 146 20.00 10.76 -15.06
CA ASP B 146 21.27 11.00 -14.39
C ASP B 146 22.07 12.07 -15.12
N SER B 147 22.14 11.96 -16.45
CA SER B 147 22.87 12.93 -17.26
C SER B 147 22.24 14.31 -17.23
N MET B 148 20.92 14.40 -17.41
CA MET B 148 20.28 15.71 -17.38
C MET B 148 20.59 16.42 -16.05
N ALA B 149 20.66 15.66 -14.96
CA ALA B 149 20.94 16.25 -13.64
C ALA B 149 22.40 16.66 -13.55
N THR B 150 23.25 15.88 -14.20
CA THR B 150 24.67 16.16 -14.18
C THR B 150 24.96 17.41 -15.01
N LEU B 151 24.19 17.61 -16.08
CA LEU B 151 24.38 18.79 -16.92
C LEU B 151 23.62 19.98 -16.34
N GLY B 152 22.99 19.78 -15.19
CA GLY B 152 22.26 20.86 -14.55
C GLY B 152 21.06 21.35 -15.32
N LEU B 153 20.39 20.47 -16.06
CA LEU B 153 19.20 20.86 -16.82
C LEU B 153 17.98 20.79 -15.93
N ALA B 154 17.01 21.67 -16.15
CA ALA B 154 15.79 21.66 -15.36
C ALA B 154 14.93 20.52 -15.92
N ALA B 155 15.34 19.28 -15.63
CA ALA B 155 14.65 18.10 -16.13
C ALA B 155 13.78 17.38 -15.10
N TYR B 156 12.72 16.75 -15.58
CA TYR B 156 11.78 16.03 -14.73
C TYR B 156 11.35 14.75 -15.43
N GLY B 157 11.48 13.62 -14.73
CA GLY B 157 11.04 12.37 -15.30
C GLY B 157 9.59 12.14 -14.92
N TYR B 158 8.79 11.60 -15.83
CA TYR B 158 7.37 11.34 -15.55
C TYR B 158 6.95 9.97 -16.01
N GLY B 159 6.54 9.15 -15.04
CA GLY B 159 6.08 7.82 -15.34
C GLY B 159 5.05 7.31 -14.34
N ILE B 160 4.90 5.99 -14.32
CA ILE B 160 3.95 5.36 -13.43
C ILE B 160 4.67 4.62 -12.29
N ARG B 161 4.13 4.73 -11.09
CA ARG B 161 4.71 4.05 -9.94
C ARG B 161 4.06 2.67 -9.85
N TYR B 162 4.67 1.69 -10.52
CA TYR B 162 4.17 0.32 -10.52
C TYR B 162 4.43 -0.32 -9.15
N GLU B 163 3.45 -1.07 -8.66
CA GLU B 163 3.58 -1.76 -7.39
C GLU B 163 4.50 -2.94 -7.69
N TYR B 164 4.36 -3.48 -8.89
CA TYR B 164 5.17 -4.60 -9.32
C TYR B 164 5.92 -4.28 -10.60
N GLY B 165 7.25 -4.24 -10.51
CA GLY B 165 8.06 -3.96 -11.67
C GLY B 165 8.16 -5.18 -12.56
N ILE B 166 9.24 -5.28 -13.32
CA ILE B 166 9.43 -6.43 -14.19
C ILE B 166 9.65 -7.65 -13.27
N PHE B 167 8.98 -8.76 -13.59
CA PHE B 167 9.05 -9.99 -12.79
C PHE B 167 10.43 -10.57 -12.51
N ASN B 168 10.56 -11.24 -11.37
CA ASN B 168 11.81 -11.90 -11.01
C ASN B 168 11.72 -13.22 -11.75
N GLN B 169 12.77 -13.56 -12.48
CA GLN B 169 12.81 -14.79 -13.26
C GLN B 169 13.62 -15.90 -12.58
N LYS B 170 13.04 -17.08 -12.53
CA LYS B 170 13.75 -18.22 -11.96
C LYS B 170 13.70 -19.37 -12.96
N ILE B 171 14.68 -20.26 -12.86
CA ILE B 171 14.74 -21.40 -13.76
C ILE B 171 14.36 -22.68 -13.03
N ARG B 172 13.20 -23.23 -13.39
CA ARG B 172 12.69 -24.47 -12.81
C ARG B 172 12.64 -25.53 -13.90
N ASP B 173 13.39 -26.61 -13.71
CA ASP B 173 13.46 -27.70 -14.67
C ASP B 173 13.82 -27.16 -16.05
N GLY B 174 14.74 -26.19 -16.07
CA GLY B 174 15.18 -25.62 -17.33
C GLY B 174 14.30 -24.54 -17.95
N TRP B 175 13.07 -24.39 -17.46
CA TRP B 175 12.16 -23.39 -18.01
C TRP B 175 12.12 -22.11 -17.16
N GLN B 176 11.73 -21.00 -17.79
CA GLN B 176 11.62 -19.74 -17.07
C GLN B 176 10.34 -19.71 -16.25
N VAL B 177 10.45 -19.29 -14.99
CA VAL B 177 9.28 -19.18 -14.14
C VAL B 177 9.28 -17.73 -13.67
N GLU B 178 8.11 -17.11 -13.66
CA GLU B 178 7.99 -15.72 -13.23
C GLU B 178 7.47 -15.58 -11.81
N GLU B 179 8.13 -14.72 -11.03
CA GLU B 179 7.70 -14.43 -9.66
C GLU B 179 7.48 -12.91 -9.55
N ALA B 180 6.36 -12.52 -8.95
CA ALA B 180 6.02 -11.09 -8.77
C ALA B 180 7.15 -10.30 -8.11
N ASP B 181 7.48 -9.14 -8.68
CA ASP B 181 8.54 -8.28 -8.15
C ASP B 181 7.92 -7.25 -7.20
N ASP B 182 7.67 -7.71 -5.98
CA ASP B 182 7.06 -6.89 -4.94
C ASP B 182 8.12 -5.98 -4.29
N TRP B 183 8.68 -5.09 -5.10
CA TRP B 183 9.74 -4.20 -4.64
C TRP B 183 9.39 -3.19 -3.55
N LEU B 184 8.10 -2.97 -3.28
CA LEU B 184 7.70 -2.00 -2.26
C LEU B 184 7.26 -2.64 -0.94
N ARG B 185 7.25 -3.96 -0.88
CA ARG B 185 6.83 -4.65 0.33
C ARG B 185 7.44 -4.12 1.63
N TYR B 186 8.76 -3.95 1.65
CA TYR B 186 9.41 -3.47 2.85
C TYR B 186 9.60 -1.97 2.90
N GLY B 187 9.12 -1.26 1.88
CA GLY B 187 9.25 0.19 1.86
C GLY B 187 10.41 0.72 1.04
N ASN B 188 10.19 1.87 0.39
CA ASN B 188 11.22 2.50 -0.41
C ASN B 188 11.50 3.89 0.16
N PRO B 189 12.64 4.05 0.83
CA PRO B 189 13.04 5.32 1.45
C PRO B 189 13.42 6.39 0.43
N TRP B 190 13.58 5.98 -0.82
CA TRP B 190 13.98 6.91 -1.86
C TRP B 190 12.85 7.67 -2.53
N GLU B 191 11.60 7.29 -2.26
CA GLU B 191 10.48 7.99 -2.87
C GLU B 191 9.84 8.91 -1.84
N LYS B 192 9.23 9.99 -2.31
CA LYS B 192 8.56 10.93 -1.42
C LYS B 192 7.18 11.24 -1.94
N SER B 193 6.18 10.73 -1.23
CA SER B 193 4.80 10.98 -1.62
C SER B 193 4.61 12.50 -1.64
N ARG B 194 3.81 13.00 -2.57
CA ARG B 194 3.50 14.43 -2.69
C ARG B 194 1.96 14.44 -2.80
N PRO B 195 1.26 14.17 -1.69
CA PRO B 195 -0.21 14.14 -1.69
C PRO B 195 -0.92 15.42 -2.09
N GLU B 196 -0.30 16.57 -1.86
CA GLU B 196 -0.98 17.80 -2.22
C GLU B 196 -1.16 17.97 -3.73
N PHE B 197 -0.46 17.14 -4.52
CA PHE B 197 -0.55 17.23 -5.97
C PHE B 197 -1.36 16.13 -6.62
N MET B 198 -2.20 15.47 -5.85
CA MET B 198 -3.04 14.40 -6.37
C MET B 198 -3.95 15.02 -7.44
N LEU B 199 -4.33 14.22 -8.42
CA LEU B 199 -5.18 14.69 -9.51
C LEU B 199 -6.17 13.63 -9.99
N PRO B 200 -7.31 14.06 -10.57
CA PRO B 200 -8.28 13.08 -11.06
C PRO B 200 -8.02 12.78 -12.54
N VAL B 201 -8.25 11.54 -12.94
CA VAL B 201 -8.07 11.10 -14.33
C VAL B 201 -9.41 10.48 -14.73
N HIS B 202 -9.86 10.76 -15.94
CA HIS B 202 -11.14 10.24 -16.38
C HIS B 202 -11.05 9.13 -17.41
N PHE B 203 -12.03 8.24 -17.37
CA PHE B 203 -12.10 7.09 -18.27
C PHE B 203 -13.55 6.86 -18.66
N TYR B 204 -13.77 6.28 -19.84
CA TYR B 204 -15.11 5.99 -20.33
C TYR B 204 -15.99 7.23 -20.51
N GLY B 205 -17.24 7.14 -20.06
CA GLY B 205 -18.14 8.27 -20.21
C GLY B 205 -18.50 8.47 -21.67
N LYS B 206 -19.09 9.62 -22.01
CA LYS B 206 -19.45 9.91 -23.39
C LYS B 206 -19.27 11.38 -23.75
N VAL B 207 -19.41 11.67 -25.04
CA VAL B 207 -19.24 13.02 -25.54
C VAL B 207 -20.56 13.72 -25.82
N GLU B 208 -20.72 14.89 -25.22
CA GLU B 208 -21.92 15.70 -25.38
C GLU B 208 -21.53 16.96 -26.15
N HIS B 209 -22.21 17.21 -27.26
CA HIS B 209 -21.92 18.40 -28.06
C HIS B 209 -22.92 19.50 -27.78
N THR B 210 -22.57 20.38 -26.86
CA THR B 210 -23.42 21.48 -26.47
C THR B 210 -22.94 22.82 -27.01
N ASN B 211 -23.74 23.85 -26.79
CA ASN B 211 -23.42 25.20 -27.24
C ASN B 211 -22.24 25.78 -26.48
N THR B 212 -21.91 25.17 -25.35
CA THR B 212 -20.77 25.61 -24.56
C THR B 212 -19.57 24.79 -25.02
N GLY B 213 -19.75 24.15 -26.17
CA GLY B 213 -18.69 23.34 -26.73
C GLY B 213 -18.92 21.86 -26.45
N THR B 214 -17.88 21.07 -26.67
CA THR B 214 -17.95 19.65 -26.44
C THR B 214 -17.66 19.34 -24.97
N LYS B 215 -18.45 18.44 -24.40
CA LYS B 215 -18.29 18.05 -23.01
C LYS B 215 -18.14 16.54 -22.89
N TRP B 216 -17.17 16.12 -22.08
CA TRP B 216 -16.93 14.69 -21.85
C TRP B 216 -17.59 14.39 -20.50
N ILE B 217 -18.76 13.76 -20.55
CA ILE B 217 -19.55 13.46 -19.34
C ILE B 217 -19.74 11.97 -19.01
N ASP B 218 -20.34 11.71 -17.85
CA ASP B 218 -20.60 10.35 -17.38
C ASP B 218 -19.33 9.51 -17.23
N THR B 219 -18.25 10.15 -16.82
CA THR B 219 -16.98 9.44 -16.68
C THR B 219 -16.73 8.79 -15.32
N GLN B 220 -15.90 7.75 -15.34
CA GLN B 220 -15.51 7.08 -14.11
C GLN B 220 -14.21 7.78 -13.75
N VAL B 221 -14.02 8.07 -12.47
CA VAL B 221 -12.82 8.78 -12.06
C VAL B 221 -11.83 7.94 -11.25
N VAL B 222 -10.54 8.19 -11.48
CA VAL B 222 -9.47 7.51 -10.77
C VAL B 222 -8.53 8.63 -10.32
N LEU B 223 -7.92 8.49 -9.15
CA LEU B 223 -7.03 9.53 -8.68
C LEU B 223 -5.59 9.18 -8.99
N ALA B 224 -4.77 10.22 -9.14
CA ALA B 224 -3.35 10.05 -9.43
C ALA B 224 -2.60 10.72 -8.30
N LEU B 225 -1.82 9.93 -7.57
CA LEU B 225 -1.03 10.39 -6.45
C LEU B 225 0.43 10.32 -6.89
N PRO B 226 1.08 11.47 -7.07
CA PRO B 226 2.48 11.44 -7.50
C PRO B 226 3.46 11.15 -6.38
N TYR B 227 4.58 10.51 -6.74
CA TYR B 227 5.64 10.21 -5.79
C TYR B 227 6.95 10.70 -6.46
N ASP B 228 7.67 11.58 -5.77
CA ASP B 228 8.93 12.13 -6.29
C ASP B 228 10.14 11.39 -5.74
N THR B 229 11.06 11.08 -6.64
CA THR B 229 12.31 10.41 -6.29
C THR B 229 13.39 11.41 -6.69
N PRO B 230 14.39 11.64 -5.82
CA PRO B 230 15.46 12.59 -6.16
C PRO B 230 16.42 11.98 -7.18
N VAL B 231 16.87 12.79 -8.13
CA VAL B 231 17.79 12.38 -9.19
C VAL B 231 19.02 13.28 -9.05
N PRO B 232 20.07 12.81 -8.37
CA PRO B 232 21.31 13.57 -8.13
C PRO B 232 22.30 13.70 -9.27
N GLY B 233 22.62 14.93 -9.62
CA GLY B 233 23.61 15.15 -10.65
C GLY B 233 24.93 14.69 -10.07
N TYR B 234 25.94 14.51 -10.93
CA TYR B 234 27.24 14.07 -10.45
C TYR B 234 28.08 15.24 -9.96
N MET B 235 28.36 15.27 -8.66
CA MET B 235 29.19 16.33 -8.08
C MET B 235 28.86 17.77 -8.49
N ASN B 236 27.59 18.15 -8.52
CA ASN B 236 27.28 19.52 -8.91
C ASN B 236 26.17 20.17 -8.10
N ASN B 237 25.75 19.54 -7.01
CA ASN B 237 24.68 20.11 -6.17
C ASN B 237 23.28 20.14 -6.80
N THR B 238 23.15 19.70 -8.04
CA THR B 238 21.82 19.69 -8.63
C THR B 238 21.14 18.38 -8.27
N VAL B 239 19.86 18.48 -7.91
CA VAL B 239 19.08 17.30 -7.58
C VAL B 239 17.73 17.48 -8.24
N ASN B 240 17.53 16.70 -9.29
CA ASN B 240 16.29 16.76 -10.06
C ASN B 240 15.25 15.81 -9.53
N THR B 241 14.09 15.82 -10.17
CA THR B 241 12.99 14.99 -9.74
C THR B 241 12.43 14.03 -10.77
N MET B 242 12.10 12.82 -10.32
CA MET B 242 11.44 11.83 -11.15
C MET B 242 10.09 11.64 -10.43
N ARG B 243 9.00 12.03 -11.08
CA ARG B 243 7.68 11.93 -10.49
C ARG B 243 6.89 10.78 -11.10
N LEU B 244 6.61 9.77 -10.28
CA LEU B 244 5.88 8.57 -10.68
C LEU B 244 4.49 8.61 -10.07
N TRP B 245 3.49 8.31 -10.90
CA TRP B 245 2.11 8.36 -10.43
C TRP B 245 1.55 7.02 -10.02
N SER B 246 0.76 7.04 -8.94
CA SER B 246 0.14 5.84 -8.44
C SER B 246 -1.38 6.01 -8.45
N ALA B 247 -2.07 4.99 -8.94
CA ALA B 247 -3.53 4.99 -9.05
C ALA B 247 -4.27 4.68 -7.75
N ARG B 248 -5.23 5.53 -7.40
CA ARG B 248 -6.02 5.35 -6.19
C ARG B 248 -7.50 5.54 -6.54
N ALA B 249 -8.38 4.81 -5.85
CA ALA B 249 -9.81 4.94 -6.07
C ALA B 249 -10.29 6.19 -5.32
N PRO B 250 -11.20 6.96 -5.93
CA PRO B 250 -11.72 8.17 -5.29
C PRO B 250 -12.68 7.82 -4.15
N ASN B 251 -12.71 8.67 -3.13
CA ASN B 251 -13.63 8.44 -2.03
C ASN B 251 -14.93 9.11 -2.42
N ASP B 252 -15.93 8.29 -2.76
CA ASP B 252 -17.26 8.73 -3.18
C ASP B 252 -17.98 7.56 -3.83
N GLY B 261 -24.68 -1.59 -4.38
CA GLY B 261 -25.40 -2.73 -3.85
C GLY B 261 -24.84 -3.25 -2.54
N ASP B 262 -23.73 -3.98 -2.60
CA ASP B 262 -23.09 -4.53 -1.40
C ASP B 262 -21.88 -3.72 -0.92
N TYR B 263 -21.94 -3.23 0.31
CA TYR B 263 -20.87 -2.43 0.90
C TYR B 263 -19.47 -3.03 0.83
N ILE B 264 -19.30 -4.24 1.38
CA ILE B 264 -18.01 -4.92 1.36
C ILE B 264 -17.48 -5.08 -0.06
N GLN B 265 -18.33 -5.55 -0.96
CA GLN B 265 -17.93 -5.73 -2.34
C GLN B 265 -17.49 -4.41 -2.96
N ALA B 266 -18.29 -3.37 -2.75
CA ALA B 266 -17.98 -2.04 -3.28
C ALA B 266 -16.60 -1.60 -2.86
N VAL B 267 -16.27 -1.81 -1.59
CA VAL B 267 -14.96 -1.43 -1.07
C VAL B 267 -13.87 -2.29 -1.71
N LEU B 268 -14.15 -3.56 -1.91
CA LEU B 268 -13.16 -4.44 -2.53
C LEU B 268 -12.99 -4.11 -4.00
N ASP B 269 -14.04 -3.60 -4.64
CA ASP B 269 -13.96 -3.25 -6.06
C ASP B 269 -13.08 -2.03 -6.31
N ARG B 270 -12.60 -1.41 -5.23
CA ARG B 270 -11.71 -0.27 -5.37
C ARG B 270 -10.37 -0.75 -5.94
N ASN B 271 -10.11 -2.06 -5.84
CA ASN B 271 -8.87 -2.62 -6.39
C ASN B 271 -8.82 -2.40 -7.92
N LEU B 272 -9.98 -2.40 -8.57
CA LEU B 272 -10.06 -2.21 -10.01
C LEU B 272 -9.42 -0.88 -10.47
N ALA B 273 -9.71 0.21 -9.77
CA ALA B 273 -9.13 1.50 -10.15
C ALA B 273 -7.63 1.48 -9.86
N GLU B 274 -7.26 0.77 -8.81
CA GLU B 274 -5.86 0.70 -8.41
C GLU B 274 -5.05 -0.29 -9.23
N ASN B 275 -5.74 -1.15 -9.98
CA ASN B 275 -5.07 -2.11 -10.84
C ASN B 275 -4.33 -1.40 -11.98
N ILE B 276 -4.73 -0.16 -12.26
CA ILE B 276 -4.10 0.59 -13.35
C ILE B 276 -2.59 0.85 -13.17
N SER B 277 -2.11 0.86 -11.94
CA SER B 277 -0.68 1.07 -11.76
C SER B 277 -0.12 -0.09 -10.93
N ARG B 278 -0.80 -1.23 -10.99
CA ARG B 278 -0.40 -2.40 -10.24
C ARG B 278 0.88 -3.08 -10.75
N VAL B 279 0.95 -3.32 -12.06
CA VAL B 279 2.10 -4.02 -12.60
C VAL B 279 2.54 -3.53 -13.99
N LEU B 280 3.84 -3.62 -14.22
CA LEU B 280 4.44 -3.21 -15.49
C LEU B 280 4.21 -4.26 -16.57
N TYR B 281 3.71 -3.86 -17.73
CA TYR B 281 3.52 -4.83 -18.80
C TYR B 281 4.92 -5.32 -19.17
N PRO B 282 5.19 -6.62 -18.94
CA PRO B 282 6.47 -7.26 -19.21
C PRO B 282 6.88 -7.53 -20.65
N ASN B 283 6.40 -6.73 -21.60
CA ASN B 283 6.74 -6.95 -22.99
C ASN B 283 7.80 -5.99 -23.50
N ASP B 284 8.79 -6.54 -24.18
CA ASP B 284 9.88 -5.76 -24.73
C ASP B 284 9.75 -5.82 -26.25
N ASN B 285 9.64 -4.66 -26.89
CA ASN B 285 9.52 -4.59 -28.34
C ASN B 285 8.34 -5.41 -28.85
N PHE B 286 7.19 -5.28 -28.20
CA PHE B 286 6.01 -6.01 -28.62
C PHE B 286 4.73 -5.34 -28.16
N PHE B 287 3.86 -5.04 -29.12
CA PHE B 287 2.58 -4.40 -28.84
C PHE B 287 1.48 -5.39 -28.41
N GLU B 288 0.91 -5.15 -27.24
CA GLU B 288 -0.16 -5.98 -26.73
C GLU B 288 -1.34 -5.03 -26.52
N GLY B 289 -2.34 -5.14 -27.38
CA GLY B 289 -3.51 -4.26 -27.29
C GLY B 289 -4.47 -4.57 -26.16
N LYS B 290 -3.99 -4.45 -24.92
CA LYS B 290 -4.85 -4.71 -23.76
C LYS B 290 -5.46 -3.40 -23.26
N GLU B 291 -6.67 -3.49 -22.72
CA GLU B 291 -7.37 -2.32 -22.22
C GLU B 291 -6.68 -1.71 -20.99
N LEU B 292 -6.21 -2.56 -20.08
CA LEU B 292 -5.53 -2.09 -18.88
C LEU B 292 -4.30 -1.29 -19.29
N ARG B 293 -3.57 -1.80 -20.29
CA ARG B 293 -2.38 -1.15 -20.83
C ARG B 293 -2.76 0.21 -21.40
N LEU B 294 -3.84 0.26 -22.18
CA LEU B 294 -4.26 1.55 -22.75
C LEU B 294 -4.57 2.50 -21.59
N LYS B 295 -5.15 1.96 -20.52
CA LYS B 295 -5.49 2.77 -19.37
C LYS B 295 -4.22 3.34 -18.71
N GLN B 296 -3.16 2.54 -18.65
CA GLN B 296 -1.93 3.02 -18.04
C GLN B 296 -1.40 4.17 -18.89
N GLU B 297 -1.38 3.96 -20.20
CA GLU B 297 -0.90 4.99 -21.11
C GLU B 297 -1.65 6.30 -20.94
N TYR B 298 -2.96 6.25 -20.89
CA TYR B 298 -3.71 7.50 -20.72
C TYR B 298 -3.50 8.07 -19.32
N PHE B 299 -3.46 7.18 -18.33
CA PHE B 299 -3.26 7.55 -16.94
C PHE B 299 -2.03 8.44 -16.73
N VAL B 300 -0.86 7.95 -17.13
CA VAL B 300 0.34 8.76 -16.92
C VAL B 300 0.33 10.05 -17.74
N VAL B 301 -0.32 9.99 -18.88
CA VAL B 301 -0.42 11.13 -19.77
C VAL B 301 -1.33 12.23 -19.23
N ALA B 302 -2.47 11.85 -18.66
CA ALA B 302 -3.43 12.82 -18.14
C ALA B 302 -2.95 13.44 -16.84
N ALA B 303 -2.33 12.63 -15.99
CA ALA B 303 -1.81 13.13 -14.72
C ALA B 303 -0.67 14.09 -15.02
N THR B 304 0.24 13.65 -15.88
CA THR B 304 1.41 14.45 -16.24
C THR B 304 1.12 15.78 -16.92
N LEU B 305 0.30 15.80 -17.95
CA LEU B 305 -0.03 17.05 -18.64
C LEU B 305 -0.71 18.05 -17.70
N GLN B 306 -1.64 17.57 -16.88
CA GLN B 306 -2.33 18.43 -15.92
C GLN B 306 -1.35 19.06 -14.93
N ASP B 307 -0.42 18.24 -14.44
CA ASP B 307 0.56 18.69 -13.47
C ASP B 307 1.54 19.70 -14.11
N ILE B 308 1.94 19.43 -15.35
CA ILE B 308 2.84 20.32 -16.08
C ILE B 308 2.15 21.65 -16.32
N ILE B 309 0.86 21.59 -16.69
CA ILE B 309 0.08 22.80 -16.93
C ILE B 309 -0.11 23.58 -15.64
N ARG B 310 -0.29 22.88 -14.53
CA ARG B 310 -0.47 23.55 -13.24
C ARG B 310 0.83 24.23 -12.82
N ARG B 311 1.97 23.60 -13.14
CA ARG B 311 3.25 24.19 -12.79
C ARG B 311 3.46 25.46 -13.61
N PHE B 312 3.14 25.39 -14.90
CA PHE B 312 3.28 26.55 -15.80
C PHE B 312 2.47 27.75 -15.29
N LYS B 313 1.23 27.50 -14.89
CA LYS B 313 0.38 28.57 -14.39
C LYS B 313 0.82 29.16 -13.05
N ALA B 314 1.48 28.34 -12.22
CA ALA B 314 1.95 28.76 -10.91
C ALA B 314 3.26 29.52 -10.99
N SER B 315 3.94 29.41 -12.12
CA SER B 315 5.19 30.12 -12.29
C SER B 315 4.78 31.47 -12.83
N LYS B 316 5.74 32.28 -13.24
CA LYS B 316 5.38 33.56 -13.82
C LYS B 316 4.88 33.23 -15.22
N PHE B 317 3.64 32.74 -15.28
CA PHE B 317 2.99 32.34 -16.53
C PHE B 317 3.58 33.02 -17.75
N VAL B 326 -1.09 34.29 -22.09
CA VAL B 326 -1.61 33.16 -21.33
C VAL B 326 -0.77 31.91 -21.57
N PHE B 327 -1.03 31.21 -22.68
CA PHE B 327 -0.29 30.00 -23.02
C PHE B 327 0.70 30.22 -24.15
N ASP B 328 0.76 31.44 -24.67
CA ASP B 328 1.67 31.76 -25.75
C ASP B 328 3.10 31.39 -25.42
N ALA B 329 3.48 31.52 -24.15
CA ALA B 329 4.84 31.22 -23.72
C ALA B 329 5.05 29.78 -23.30
N PHE B 330 3.98 28.99 -23.31
CA PHE B 330 4.04 27.58 -22.91
C PHE B 330 5.17 26.81 -23.59
N PRO B 331 5.21 26.81 -24.94
CA PRO B 331 6.25 26.09 -25.69
C PRO B 331 7.67 26.62 -25.42
N ASP B 332 7.76 27.85 -24.91
CA ASP B 332 9.08 28.42 -24.63
C ASP B 332 9.53 28.06 -23.23
N GLN B 333 8.61 27.53 -22.44
CA GLN B 333 8.89 27.13 -21.06
C GLN B 333 8.78 25.62 -20.89
N VAL B 334 8.11 24.98 -21.85
CA VAL B 334 7.87 23.55 -21.77
C VAL B 334 8.24 22.72 -23.01
N ALA B 335 9.02 21.66 -22.78
CA ALA B 335 9.40 20.73 -23.83
C ALA B 335 9.07 19.36 -23.25
N ILE B 336 8.29 18.58 -23.98
CA ILE B 336 7.91 17.24 -23.52
C ILE B 336 8.39 16.18 -24.52
N GLN B 337 9.33 15.36 -24.08
CA GLN B 337 9.87 14.28 -24.92
C GLN B 337 9.02 13.02 -24.76
N LEU B 338 8.48 12.53 -25.87
CA LEU B 338 7.64 11.33 -25.85
C LEU B 338 8.53 10.11 -26.13
N ASN B 339 8.82 9.36 -25.07
CA ASN B 339 9.65 8.17 -25.18
C ASN B 339 8.86 7.08 -25.90
N ASP B 340 9.10 6.96 -27.21
CA ASP B 340 8.40 6.00 -28.07
C ASP B 340 6.94 6.45 -28.11
N THR B 341 6.07 5.64 -28.72
CA THR B 341 4.66 5.98 -28.86
C THR B 341 3.76 5.73 -27.64
N HIS B 342 4.26 5.01 -26.64
CA HIS B 342 3.48 4.68 -25.47
C HIS B 342 2.68 5.86 -24.87
N PRO B 343 3.28 7.06 -24.85
CA PRO B 343 2.55 8.21 -24.30
C PRO B 343 1.96 9.07 -25.43
N ALA B 344 1.75 8.48 -26.60
CA ALA B 344 1.20 9.18 -27.75
C ALA B 344 -0.07 10.00 -27.44
N LEU B 345 -0.93 9.47 -26.58
CA LEU B 345 -2.18 10.15 -26.20
C LEU B 345 -1.96 11.52 -25.56
N ALA B 346 -0.71 11.84 -25.24
CA ALA B 346 -0.40 13.13 -24.66
C ALA B 346 -0.71 14.24 -25.67
N ILE B 347 -0.58 13.93 -26.95
CA ILE B 347 -0.87 14.94 -27.97
C ILE B 347 -2.35 15.33 -27.96
N PRO B 348 -3.26 14.36 -28.18
CA PRO B 348 -4.68 14.72 -28.16
C PRO B 348 -5.19 15.19 -26.78
N GLU B 349 -4.48 14.78 -25.73
CA GLU B 349 -4.85 15.18 -24.36
C GLU B 349 -4.54 16.66 -24.15
N LEU B 350 -3.41 17.13 -24.67
CA LEU B 350 -3.07 18.53 -24.53
C LEU B 350 -4.07 19.33 -25.36
N MET B 351 -4.42 18.83 -26.53
CA MET B 351 -5.40 19.52 -27.39
C MET B 351 -6.72 19.60 -26.64
N ARG B 352 -7.07 18.53 -25.95
CA ARG B 352 -8.30 18.47 -25.19
C ARG B 352 -8.26 19.55 -24.11
N ILE B 353 -7.17 19.61 -23.36
CA ILE B 353 -7.07 20.61 -22.32
C ILE B 353 -7.11 22.01 -22.90
N PHE B 354 -6.35 22.23 -23.96
CA PHE B 354 -6.30 23.54 -24.60
C PHE B 354 -7.66 24.03 -25.12
N VAL B 355 -8.35 23.15 -25.84
CA VAL B 355 -9.63 23.48 -26.43
C VAL B 355 -10.86 23.33 -25.53
N ASP B 356 -11.07 22.15 -24.94
CA ASP B 356 -12.24 21.96 -24.09
C ASP B 356 -12.15 22.63 -22.74
N ILE B 357 -10.94 22.75 -22.20
CA ILE B 357 -10.78 23.38 -20.89
C ILE B 357 -10.36 24.84 -20.96
N GLU B 358 -9.24 25.12 -21.61
CA GLU B 358 -8.73 26.48 -21.70
C GLU B 358 -9.40 27.35 -22.76
N LYS B 359 -10.32 26.77 -23.52
CA LYS B 359 -11.07 27.49 -24.54
C LYS B 359 -10.27 28.17 -25.65
N LEU B 360 -9.09 27.66 -25.95
CA LEU B 360 -8.28 28.25 -27.02
C LEU B 360 -8.80 27.74 -28.37
N PRO B 361 -8.65 28.54 -29.43
CA PRO B 361 -9.14 28.06 -30.73
C PRO B 361 -8.26 26.89 -31.18
N TRP B 362 -8.81 26.02 -32.03
CA TRP B 362 -8.07 24.86 -32.49
C TRP B 362 -6.72 25.20 -33.10
N SER B 363 -6.71 26.08 -34.09
CA SER B 363 -5.47 26.47 -34.76
C SER B 363 -4.33 26.87 -33.82
N LYS B 364 -4.64 27.70 -32.84
CA LYS B 364 -3.66 28.19 -31.89
C LYS B 364 -3.11 27.05 -31.04
N ALA B 365 -4.03 26.22 -30.55
CA ALA B 365 -3.67 25.09 -29.71
C ALA B 365 -2.82 24.05 -30.45
N TRP B 366 -3.19 23.75 -31.70
CA TRP B 366 -2.43 22.77 -32.47
C TRP B 366 -1.00 23.28 -32.61
N GLU B 367 -0.85 24.59 -32.77
CA GLU B 367 0.45 25.23 -32.92
C GLU B 367 1.28 25.10 -31.64
N LEU B 368 0.64 25.35 -30.51
CA LEU B 368 1.31 25.26 -29.22
C LEU B 368 1.76 23.82 -28.97
N THR B 369 0.92 22.89 -29.38
CA THR B 369 1.15 21.46 -29.22
C THR B 369 2.38 20.94 -29.95
N GLN B 370 2.47 21.18 -31.25
CA GLN B 370 3.60 20.73 -32.03
C GLN B 370 4.91 21.30 -31.51
N LYS B 371 4.85 22.54 -31.03
CA LYS B 371 6.04 23.21 -30.50
C LYS B 371 6.47 22.61 -29.17
N THR B 372 5.50 22.08 -28.43
CA THR B 372 5.75 21.48 -27.13
C THR B 372 6.31 20.06 -27.19
N PHE B 373 5.77 19.26 -28.09
CA PHE B 373 6.18 17.87 -28.24
C PHE B 373 7.30 17.51 -29.21
N ALA B 374 8.00 16.44 -28.85
CA ALA B 374 9.09 15.87 -29.64
C ALA B 374 8.92 14.37 -29.43
N TYR B 375 9.13 13.61 -30.50
CA TYR B 375 8.96 12.17 -30.47
C TYR B 375 10.24 11.41 -30.80
N THR B 376 10.53 10.38 -30.01
CA THR B 376 11.72 9.53 -30.21
C THR B 376 11.29 8.11 -30.62
N ASN B 377 11.61 7.72 -31.85
CA ASN B 377 11.26 6.38 -32.30
C ASN B 377 12.30 5.42 -31.78
N HIS B 378 11.85 4.34 -31.14
CA HIS B 378 12.75 3.37 -30.57
C HIS B 378 12.72 2.01 -31.24
N THR B 379 12.01 1.88 -32.35
CA THR B 379 11.94 0.59 -33.03
C THR B 379 11.16 0.58 -34.34
N VAL B 380 11.56 -0.30 -35.26
CA VAL B 380 10.89 -0.43 -36.55
C VAL B 380 10.28 -1.83 -36.71
N LEU B 381 10.39 -2.66 -35.67
CA LEU B 381 9.84 -4.01 -35.70
C LEU B 381 8.32 -3.94 -35.75
N PRO B 382 7.71 -4.47 -36.82
CA PRO B 382 6.26 -4.46 -37.01
C PRO B 382 5.45 -4.93 -35.79
N GLU B 383 5.95 -5.95 -35.09
CA GLU B 383 5.25 -6.46 -33.94
C GLU B 383 5.29 -5.52 -32.74
N ALA B 384 6.13 -4.50 -32.81
CA ALA B 384 6.24 -3.54 -31.71
C ALA B 384 5.46 -2.25 -31.96
N LEU B 385 4.92 -2.07 -33.17
CA LEU B 385 4.17 -0.86 -33.50
C LEU B 385 2.79 -0.84 -32.86
N GLU B 386 2.52 0.19 -32.06
CA GLU B 386 1.23 0.31 -31.42
C GLU B 386 0.17 0.76 -32.40
N ARG B 387 -0.87 -0.06 -32.54
CA ARG B 387 -1.98 0.22 -33.43
C ARG B 387 -3.25 -0.15 -32.67
N TRP B 388 -3.83 0.82 -31.97
CA TRP B 388 -5.04 0.59 -31.19
C TRP B 388 -6.33 0.55 -32.00
N PRO B 389 -7.22 -0.40 -31.69
CA PRO B 389 -8.50 -0.53 -32.39
C PRO B 389 -9.36 0.69 -32.05
N VAL B 390 -9.93 1.33 -33.07
CA VAL B 390 -10.75 2.51 -32.84
C VAL B 390 -11.89 2.27 -31.87
N ASP B 391 -12.41 1.05 -31.85
CA ASP B 391 -13.49 0.72 -30.94
C ASP B 391 -13.08 0.77 -29.47
N LEU B 392 -11.93 0.18 -29.15
CA LEU B 392 -11.45 0.17 -27.78
C LEU B 392 -11.26 1.60 -27.30
N VAL B 393 -10.68 2.43 -28.16
CA VAL B 393 -10.46 3.82 -27.83
C VAL B 393 -11.77 4.59 -27.67
N GLU B 394 -12.70 4.40 -28.60
CA GLU B 394 -13.99 5.12 -28.51
C GLU B 394 -14.68 4.84 -27.18
N LYS B 395 -14.65 3.58 -26.76
CA LYS B 395 -15.27 3.18 -25.52
C LYS B 395 -14.55 3.73 -24.28
N LEU B 396 -13.22 3.72 -24.31
CA LEU B 396 -12.43 4.20 -23.18
C LEU B 396 -12.14 5.71 -23.15
N LEU B 397 -11.80 6.25 -24.31
CA LEU B 397 -11.47 7.67 -24.43
C LEU B 397 -12.22 8.30 -25.60
N PRO B 398 -13.57 8.31 -25.55
CA PRO B 398 -14.37 8.88 -26.63
C PRO B 398 -14.01 10.28 -27.11
N ARG B 399 -13.74 11.21 -26.20
CA ARG B 399 -13.41 12.56 -26.60
C ARG B 399 -12.10 12.60 -27.36
N HIS B 400 -11.17 11.72 -26.98
CA HIS B 400 -9.86 11.62 -27.61
C HIS B 400 -9.90 11.03 -29.01
N LEU B 401 -10.87 10.14 -29.26
CA LEU B 401 -11.01 9.57 -30.59
C LEU B 401 -11.51 10.66 -31.53
N GLU B 402 -12.37 11.55 -31.03
CA GLU B 402 -12.89 12.65 -31.85
C GLU B 402 -11.75 13.59 -32.22
N ILE B 403 -10.90 13.89 -31.24
CA ILE B 403 -9.77 14.78 -31.48
C ILE B 403 -8.75 14.13 -32.43
N ILE B 404 -8.56 12.83 -32.33
CA ILE B 404 -7.62 12.16 -33.22
C ILE B 404 -8.17 12.22 -34.65
N TYR B 405 -9.48 12.03 -34.79
CA TYR B 405 -10.10 12.11 -36.10
C TYR B 405 -9.88 13.50 -36.69
N GLU B 406 -10.21 14.52 -35.92
CA GLU B 406 -10.06 15.91 -36.36
C GLU B 406 -8.63 16.29 -36.75
N ILE B 407 -7.65 15.73 -36.05
CA ILE B 407 -6.25 15.99 -36.38
C ILE B 407 -6.00 15.31 -37.73
N ASN B 408 -6.56 14.13 -37.91
CA ASN B 408 -6.39 13.39 -39.14
C ASN B 408 -7.07 14.13 -40.29
N GLN B 409 -8.27 14.64 -40.05
CA GLN B 409 -9.00 15.38 -41.08
C GLN B 409 -8.14 16.56 -41.54
N LYS B 410 -7.69 17.39 -40.61
CA LYS B 410 -6.84 18.54 -40.94
C LYS B 410 -5.61 18.05 -41.71
N HIS B 411 -4.92 17.09 -41.12
CA HIS B 411 -3.72 16.50 -41.71
C HIS B 411 -3.89 16.06 -43.15
N LEU B 412 -4.95 15.29 -43.42
CA LEU B 412 -5.20 14.82 -44.77
C LEU B 412 -5.64 15.92 -45.72
N ASP B 413 -6.33 16.94 -45.21
CA ASP B 413 -6.77 18.04 -46.07
C ASP B 413 -5.53 18.71 -46.64
N ARG B 414 -4.45 18.68 -45.87
CA ARG B 414 -3.18 19.27 -46.29
C ARG B 414 -2.53 18.43 -47.40
N ILE B 415 -2.54 17.11 -47.22
CA ILE B 415 -1.95 16.21 -48.21
C ILE B 415 -2.68 16.40 -49.53
N VAL B 416 -4.00 16.35 -49.47
CA VAL B 416 -4.86 16.54 -50.65
C VAL B 416 -4.50 17.82 -51.39
N ALA B 417 -4.37 18.91 -50.64
CA ALA B 417 -4.05 20.21 -51.22
C ALA B 417 -2.67 20.24 -51.86
N LEU B 418 -1.75 19.42 -51.36
CA LEU B 418 -0.40 19.38 -51.90
C LEU B 418 -0.25 18.35 -53.03
N PHE B 419 -1.07 17.30 -52.99
CA PHE B 419 -1.03 16.25 -54.01
C PHE B 419 -2.45 15.85 -54.40
N PRO B 420 -3.13 16.70 -55.20
CA PRO B 420 -4.50 16.45 -55.63
C PRO B 420 -4.74 15.03 -56.15
N LYS B 421 -3.79 14.50 -56.90
CA LYS B 421 -3.92 13.16 -57.47
C LYS B 421 -3.65 12.00 -56.52
N ASP B 422 -2.36 11.71 -56.30
CA ASP B 422 -1.95 10.60 -55.44
C ASP B 422 -2.90 10.36 -54.26
N VAL B 423 -3.81 9.40 -54.44
CA VAL B 423 -4.77 9.06 -53.40
C VAL B 423 -4.17 8.05 -52.43
N ASP B 424 -3.17 7.31 -52.89
CA ASP B 424 -2.53 6.31 -52.05
C ASP B 424 -1.76 6.98 -50.91
N ARG B 425 -1.16 8.13 -51.18
CA ARG B 425 -0.40 8.83 -50.17
C ARG B 425 -1.27 9.12 -48.94
N LEU B 426 -2.55 9.35 -49.19
CA LEU B 426 -3.48 9.63 -48.10
C LEU B 426 -3.55 8.39 -47.20
N ARG B 427 -3.66 7.23 -47.83
CA ARG B 427 -3.75 5.96 -47.12
C ARG B 427 -2.49 5.66 -46.31
N ARG B 428 -1.34 5.98 -46.87
CA ARG B 428 -0.06 5.73 -46.22
C ARG B 428 0.28 6.76 -45.14
N MET B 429 -0.40 7.90 -45.18
CA MET B 429 -0.13 8.97 -44.22
C MET B 429 -1.21 9.20 -43.17
N SER B 430 -2.32 8.48 -43.28
CA SER B 430 -3.44 8.62 -42.36
C SER B 430 -3.17 8.00 -41.00
N LEU B 431 -3.70 8.63 -39.96
CA LEU B 431 -3.53 8.13 -38.59
C LEU B 431 -4.40 6.89 -38.38
N ILE B 432 -5.39 6.71 -39.26
CA ILE B 432 -6.31 5.58 -39.18
C ILE B 432 -5.98 4.51 -40.22
N GLU B 433 -5.97 3.25 -39.79
CA GLU B 433 -5.72 2.13 -40.69
C GLU B 433 -7.08 1.48 -40.90
N GLU B 434 -7.50 1.35 -42.14
CA GLU B 434 -8.80 0.77 -42.46
C GLU B 434 -8.86 -0.74 -42.64
N GLU B 435 -7.84 -1.33 -43.25
CA GLU B 435 -7.78 -2.77 -43.48
C GLU B 435 -8.39 -3.61 -42.35
N GLY B 436 -9.58 -4.16 -42.58
CA GLY B 436 -10.24 -4.97 -41.58
C GLY B 436 -10.82 -4.14 -40.45
N SER B 437 -10.32 -4.37 -39.24
CA SER B 437 -10.78 -3.59 -38.09
C SER B 437 -9.94 -2.32 -38.03
N LYS B 438 -10.61 -1.18 -38.03
CA LYS B 438 -9.93 0.11 -37.98
C LYS B 438 -9.08 0.26 -36.72
N ARG B 439 -7.83 0.67 -36.93
CA ARG B 439 -6.91 0.86 -35.82
C ARG B 439 -6.27 2.24 -35.96
N ILE B 440 -5.65 2.71 -34.90
CA ILE B 440 -4.98 4.01 -34.91
C ILE B 440 -3.48 3.80 -34.94
N ASN B 441 -2.80 4.46 -35.87
CA ASN B 441 -1.36 4.32 -35.99
C ASN B 441 -0.71 5.40 -35.12
N MET B 442 -0.42 5.06 -33.86
CA MET B 442 0.17 6.00 -32.90
C MET B 442 1.47 6.66 -33.35
N ALA B 443 2.21 6.00 -34.23
CA ALA B 443 3.44 6.56 -34.73
C ALA B 443 3.13 7.83 -35.51
N HIS B 444 2.13 7.75 -36.38
CA HIS B 444 1.74 8.90 -37.20
C HIS B 444 1.23 10.07 -36.38
N LEU B 445 0.47 9.78 -35.33
CA LEU B 445 -0.05 10.84 -34.47
C LEU B 445 1.11 11.60 -33.84
N CYS B 446 2.13 10.87 -33.42
CA CYS B 446 3.31 11.48 -32.79
C CYS B 446 4.04 12.38 -33.76
N ILE B 447 4.17 11.94 -35.01
CA ILE B 447 4.86 12.74 -36.02
C ILE B 447 4.16 14.08 -36.32
N VAL B 448 2.87 14.04 -36.63
CA VAL B 448 2.15 15.28 -36.94
C VAL B 448 2.07 16.15 -35.70
N GLY B 449 2.00 15.53 -34.54
CA GLY B 449 1.91 16.27 -33.29
C GLY B 449 3.22 16.77 -32.73
N SER B 450 4.33 16.42 -33.37
CA SER B 450 5.64 16.85 -32.87
C SER B 450 6.44 17.71 -33.86
N HIS B 451 7.34 18.53 -33.34
CA HIS B 451 8.16 19.39 -34.19
C HIS B 451 9.49 18.70 -34.52
N ALA B 452 9.78 17.63 -33.79
CA ALA B 452 11.02 16.90 -34.02
C ALA B 452 10.83 15.41 -33.77
N VAL B 453 11.40 14.60 -34.66
CA VAL B 453 11.31 13.16 -34.55
C VAL B 453 12.71 12.61 -34.68
N ASN B 454 13.11 11.71 -33.77
CA ASN B 454 14.45 11.16 -33.88
C ASN B 454 14.56 9.66 -33.68
N GLY B 455 15.64 9.11 -34.21
CA GLY B 455 15.94 7.70 -34.08
C GLY B 455 17.04 7.64 -33.03
N VAL B 456 17.51 6.44 -32.70
CA VAL B 456 18.53 6.32 -31.66
C VAL B 456 19.92 5.85 -32.07
N ALA B 457 20.18 5.90 -33.37
CA ALA B 457 21.48 5.53 -33.93
C ALA B 457 21.40 5.85 -35.41
N LYS B 458 22.52 6.31 -35.97
CA LYS B 458 22.59 6.68 -37.39
C LYS B 458 21.80 5.80 -38.35
N ILE B 459 22.08 4.50 -38.32
CA ILE B 459 21.42 3.56 -39.20
C ILE B 459 19.91 3.48 -39.00
N HIS B 460 19.47 3.57 -37.75
CA HIS B 460 18.05 3.50 -37.45
C HIS B 460 17.35 4.81 -37.78
N SER B 461 18.02 5.93 -37.47
CA SER B 461 17.42 7.23 -37.77
C SER B 461 17.26 7.40 -39.27
N ASP B 462 18.21 6.87 -40.03
CA ASP B 462 18.15 6.95 -41.49
C ASP B 462 16.98 6.08 -42.00
N ILE B 463 16.82 4.90 -41.42
CA ILE B 463 15.73 4.00 -41.79
C ILE B 463 14.37 4.62 -41.51
N VAL B 464 14.24 5.24 -40.34
CA VAL B 464 13.00 5.89 -39.93
C VAL B 464 12.65 7.02 -40.91
N LYS B 465 13.61 7.92 -41.11
CA LYS B 465 13.43 9.07 -41.98
C LYS B 465 13.22 8.76 -43.47
N THR B 466 14.03 7.86 -44.02
CA THR B 466 13.93 7.55 -45.45
C THR B 466 13.06 6.39 -45.90
N LYS B 467 12.77 5.45 -45.02
CA LYS B 467 11.98 4.29 -45.41
C LYS B 467 10.60 4.20 -44.76
N VAL B 468 10.59 4.01 -43.45
CA VAL B 468 9.34 3.90 -42.70
C VAL B 468 8.45 5.14 -42.81
N PHE B 469 9.03 6.31 -42.58
CA PHE B 469 8.25 7.55 -42.65
C PHE B 469 8.73 8.47 -43.77
N LYS B 470 9.04 7.85 -44.90
CA LYS B 470 9.52 8.52 -46.11
C LYS B 470 8.54 9.60 -46.57
N ASP B 471 7.26 9.25 -46.69
CA ASP B 471 6.27 10.22 -47.13
C ASP B 471 6.24 11.44 -46.19
N PHE B 472 6.54 11.23 -44.92
CA PHE B 472 6.52 12.33 -43.95
C PHE B 472 7.72 13.27 -43.99
N SER B 473 8.93 12.71 -44.07
CA SER B 473 10.12 13.54 -44.10
C SER B 473 10.22 14.33 -45.39
N GLU B 474 9.69 13.80 -46.48
CA GLU B 474 9.73 14.51 -47.75
C GLU B 474 9.07 15.89 -47.59
N LEU B 475 7.94 15.91 -46.89
CA LEU B 475 7.22 17.16 -46.67
C LEU B 475 7.97 18.02 -45.66
N GLU B 476 8.29 17.45 -44.51
CA GLU B 476 9.02 18.15 -43.46
C GLU B 476 10.37 17.47 -43.29
N PRO B 477 11.34 17.83 -44.13
CA PRO B 477 12.70 17.26 -44.09
C PRO B 477 13.42 17.48 -42.77
N ASP B 478 13.48 18.75 -42.35
CA ASP B 478 14.16 19.12 -41.12
C ASP B 478 13.63 18.49 -39.83
N LYS B 479 12.38 18.02 -39.86
CA LYS B 479 11.79 17.41 -38.68
C LYS B 479 12.54 16.21 -38.13
N PHE B 480 12.93 15.28 -38.99
CA PHE B 480 13.63 14.08 -38.54
C PHE B 480 15.08 14.31 -38.24
N GLN B 481 15.55 13.73 -37.14
CA GLN B 481 16.94 13.87 -36.70
C GLN B 481 17.44 12.55 -36.14
N ASN B 482 18.70 12.56 -35.72
CA ASN B 482 19.29 11.39 -35.11
C ASN B 482 19.84 11.79 -33.74
N LYS B 483 19.80 10.84 -32.81
CA LYS B 483 20.32 11.07 -31.46
C LYS B 483 20.87 9.76 -30.93
N THR B 484 22.10 9.46 -31.31
CA THR B 484 22.74 8.22 -30.90
C THR B 484 22.62 8.04 -29.40
N ASN B 485 22.12 6.87 -28.99
CA ASN B 485 21.96 6.56 -27.57
C ASN B 485 23.28 6.63 -26.83
N GLY B 486 23.17 6.70 -25.51
CA GLY B 486 24.34 6.73 -24.67
C GLY B 486 24.02 6.08 -23.34
N ILE B 487 25.04 5.87 -22.52
CA ILE B 487 24.87 5.27 -21.20
C ILE B 487 25.57 6.21 -20.23
N THR B 488 25.14 6.20 -18.98
CA THR B 488 25.77 7.09 -18.01
C THR B 488 27.05 6.47 -17.47
N PRO B 489 28.17 7.21 -17.51
CA PRO B 489 29.47 6.74 -17.03
C PRO B 489 29.56 6.61 -15.52
N ARG B 490 28.56 7.13 -14.81
CA ARG B 490 28.58 7.00 -13.37
C ARG B 490 28.17 5.59 -12.94
N ARG B 491 26.95 5.17 -13.29
CA ARG B 491 26.51 3.82 -12.90
C ARG B 491 27.27 2.73 -13.67
N TRP B 492 27.57 3.01 -14.93
CA TRP B 492 28.22 2.00 -15.75
C TRP B 492 29.75 1.99 -15.79
N LEU B 493 30.39 2.80 -14.96
CA LEU B 493 31.85 2.79 -14.88
C LEU B 493 32.30 3.00 -13.43
N LEU B 494 32.06 4.20 -12.91
CA LEU B 494 32.45 4.51 -11.52
C LEU B 494 31.89 3.55 -10.48
N LEU B 495 30.61 3.24 -10.59
CA LEU B 495 29.95 2.37 -9.64
C LEU B 495 30.21 0.87 -9.85
N CYS B 496 29.84 0.36 -11.02
CA CYS B 496 30.00 -1.06 -11.33
C CYS B 496 31.43 -1.59 -11.54
N ASN B 497 32.38 -0.70 -11.86
CA ASN B 497 33.74 -1.14 -12.10
C ASN B 497 34.78 -0.22 -11.44
N PRO B 498 34.73 -0.10 -10.10
CA PRO B 498 35.68 0.76 -9.38
C PRO B 498 37.15 0.49 -9.72
N GLY B 499 37.46 -0.76 -10.07
CA GLY B 499 38.82 -1.11 -10.44
C GLY B 499 39.29 -0.37 -11.68
N LEU B 500 38.47 -0.39 -12.73
CA LEU B 500 38.81 0.28 -13.98
C LEU B 500 38.76 1.80 -13.87
N ALA B 501 37.82 2.33 -13.08
CA ALA B 501 37.70 3.78 -12.92
C ALA B 501 38.95 4.36 -12.26
N GLU B 502 39.44 3.65 -11.25
CA GLU B 502 40.63 4.06 -10.52
C GLU B 502 41.85 3.90 -11.41
N LEU B 503 41.93 2.78 -12.14
CA LEU B 503 43.05 2.53 -13.03
C LEU B 503 43.23 3.68 -14.00
N ILE B 504 42.13 4.03 -14.66
CA ILE B 504 42.09 5.11 -15.63
C ILE B 504 42.39 6.45 -14.99
N ALA B 505 41.90 6.63 -13.76
CA ALA B 505 42.11 7.89 -13.05
C ALA B 505 43.58 8.11 -12.71
N GLU B 506 44.30 7.04 -12.41
CA GLU B 506 45.71 7.16 -12.06
C GLU B 506 46.55 7.47 -13.30
N LYS B 507 45.98 7.25 -14.47
CA LYS B 507 46.69 7.48 -15.71
C LYS B 507 46.37 8.79 -16.43
N ILE B 508 45.14 9.28 -16.34
CA ILE B 508 44.79 10.52 -17.02
C ILE B 508 43.96 11.52 -16.22
N GLY B 509 43.81 11.28 -14.92
CA GLY B 509 43.02 12.20 -14.11
C GLY B 509 41.56 11.82 -14.00
N GLU B 510 40.80 12.60 -13.23
CA GLU B 510 39.38 12.36 -13.00
C GLU B 510 38.48 13.06 -14.00
N ASP B 511 39.03 14.03 -14.72
CA ASP B 511 38.27 14.80 -15.69
C ASP B 511 37.30 13.98 -16.56
N TYR B 512 37.72 12.79 -16.96
CA TYR B 512 36.88 11.94 -17.82
C TYR B 512 35.48 11.61 -17.29
N VAL B 513 35.27 11.73 -15.99
CA VAL B 513 33.97 11.42 -15.40
C VAL B 513 32.88 12.40 -15.83
N LYS B 514 33.26 13.63 -16.13
CA LYS B 514 32.31 14.65 -16.57
C LYS B 514 32.43 14.91 -18.07
N ASP B 515 33.43 14.29 -18.70
CA ASP B 515 33.66 14.41 -20.13
C ASP B 515 34.32 13.12 -20.58
N LEU B 516 33.52 12.16 -21.02
CA LEU B 516 34.03 10.86 -21.42
C LEU B 516 35.02 10.87 -22.59
N SER B 517 34.89 11.84 -23.50
CA SER B 517 35.79 11.92 -24.63
C SER B 517 37.26 11.98 -24.19
N GLN B 518 37.48 12.42 -22.95
CA GLN B 518 38.84 12.50 -22.38
C GLN B 518 39.50 11.12 -22.35
N LEU B 519 38.71 10.09 -22.61
CA LEU B 519 39.19 8.72 -22.62
C LEU B 519 40.17 8.46 -23.77
N THR B 520 40.13 9.28 -24.82
CA THR B 520 41.05 9.10 -25.95
C THR B 520 42.50 9.27 -25.49
N LYS B 521 42.68 9.95 -24.37
CA LYS B 521 44.00 10.19 -23.79
C LYS B 521 44.68 8.88 -23.36
N LEU B 522 43.91 7.81 -23.23
CA LEU B 522 44.47 6.53 -22.83
C LEU B 522 45.38 5.98 -23.94
N HIS B 523 45.21 6.51 -25.15
CA HIS B 523 46.01 6.07 -26.31
C HIS B 523 47.51 6.17 -26.05
N SER B 524 47.92 7.16 -25.25
CA SER B 524 49.32 7.37 -24.93
C SER B 524 49.95 6.08 -24.38
N PHE B 525 49.11 5.18 -23.90
CA PHE B 525 49.59 3.92 -23.33
C PHE B 525 49.50 2.71 -24.25
N LEU B 526 49.34 2.96 -25.56
CA LEU B 526 49.25 1.87 -26.52
C LEU B 526 50.45 0.92 -26.49
N GLY B 527 51.61 1.44 -26.08
CA GLY B 527 52.80 0.59 -26.05
C GLY B 527 53.17 0.07 -24.67
N ASP B 528 52.76 0.80 -23.63
CA ASP B 528 53.08 0.43 -22.25
C ASP B 528 52.55 -0.93 -21.83
N ASP B 529 53.43 -1.93 -21.81
CA ASP B 529 53.07 -3.29 -21.41
C ASP B 529 52.63 -3.32 -19.95
N VAL B 530 53.29 -2.52 -19.13
CA VAL B 530 52.97 -2.43 -17.72
C VAL B 530 51.47 -2.13 -17.59
N PHE B 531 51.02 -1.11 -18.33
CA PHE B 531 49.63 -0.70 -18.33
C PHE B 531 48.71 -1.81 -18.82
N LEU B 532 49.12 -2.50 -19.88
CA LEU B 532 48.32 -3.57 -20.44
C LEU B 532 48.19 -4.71 -19.42
N ARG B 533 49.22 -4.92 -18.64
CA ARG B 533 49.19 -5.96 -17.61
C ARG B 533 48.17 -5.53 -16.56
N GLU B 534 48.20 -4.25 -16.20
CA GLU B 534 47.27 -3.68 -15.22
C GLU B 534 45.82 -3.79 -15.71
N LEU B 535 45.61 -3.48 -16.98
CA LEU B 535 44.27 -3.55 -17.58
C LEU B 535 43.76 -4.98 -17.50
N ALA B 536 44.65 -5.93 -17.73
CA ALA B 536 44.27 -7.34 -17.69
C ALA B 536 44.00 -7.81 -16.26
N LYS B 537 44.72 -7.22 -15.31
CA LYS B 537 44.58 -7.56 -13.90
C LYS B 537 43.18 -7.14 -13.41
N VAL B 538 42.82 -5.89 -13.66
CA VAL B 538 41.51 -5.39 -13.25
C VAL B 538 40.43 -6.32 -13.83
N LYS B 539 40.56 -6.66 -15.10
CA LYS B 539 39.60 -7.54 -15.74
C LYS B 539 39.63 -8.87 -15.01
N GLN B 540 40.82 -9.29 -14.58
CA GLN B 540 40.94 -10.56 -13.89
C GLN B 540 40.23 -10.53 -12.56
N GLU B 541 40.45 -9.49 -11.77
CA GLU B 541 39.80 -9.39 -10.46
C GLU B 541 38.28 -9.43 -10.58
N ASN B 542 37.75 -8.82 -11.64
CA ASN B 542 36.30 -8.79 -11.85
C ASN B 542 35.74 -10.17 -12.17
N LYS B 543 36.48 -10.94 -12.96
CA LYS B 543 36.05 -12.29 -13.33
C LYS B 543 36.13 -13.21 -12.11
N LEU B 544 37.17 -13.05 -11.30
CA LEU B 544 37.36 -13.87 -10.11
C LEU B 544 36.24 -13.59 -9.09
N LYS B 545 35.88 -12.31 -8.92
CA LYS B 545 34.82 -11.95 -8.01
C LYS B 545 33.45 -12.45 -8.51
N PHE B 546 33.24 -12.35 -9.83
CA PHE B 546 31.99 -12.80 -10.43
C PHE B 546 31.91 -14.34 -10.50
N SER B 547 33.07 -15.00 -10.55
CA SER B 547 33.09 -16.46 -10.60
C SER B 547 32.54 -17.01 -9.29
N GLN B 548 32.84 -16.31 -8.21
CA GLN B 548 32.38 -16.70 -6.89
C GLN B 548 30.85 -16.71 -6.92
N PHE B 549 30.29 -15.69 -7.55
CA PHE B 549 28.83 -15.57 -7.66
C PHE B 549 28.28 -16.78 -8.40
N LEU B 550 28.76 -16.98 -9.62
CA LEU B 550 28.30 -18.08 -10.46
C LEU B 550 28.33 -19.45 -9.78
N GLU B 551 29.50 -19.91 -9.34
CA GLU B 551 29.59 -21.22 -8.71
C GLU B 551 28.72 -21.36 -7.45
N THR B 552 28.46 -20.24 -6.78
CA THR B 552 27.63 -20.27 -5.59
C THR B 552 26.15 -20.41 -6.01
N GLU B 553 25.80 -19.82 -7.13
CA GLU B 553 24.42 -19.87 -7.62
C GLU B 553 24.17 -21.09 -8.50
N TYR B 554 25.21 -21.59 -9.16
CA TYR B 554 25.07 -22.76 -10.04
C TYR B 554 26.04 -23.87 -9.69
N LYS B 555 25.63 -25.11 -9.91
CA LYS B 555 26.44 -26.28 -9.60
C LYS B 555 27.76 -26.27 -10.37
N VAL B 556 27.72 -25.78 -11.60
CA VAL B 556 28.87 -25.71 -12.50
C VAL B 556 30.17 -25.20 -11.87
N LYS B 557 31.29 -25.73 -12.32
CA LYS B 557 32.60 -25.32 -11.84
C LYS B 557 33.23 -24.45 -12.92
N ILE B 558 33.60 -23.24 -12.57
CA ILE B 558 34.18 -22.30 -13.54
C ILE B 558 35.69 -22.37 -13.70
N ASN B 559 36.14 -22.19 -14.93
CA ASN B 559 37.55 -22.18 -15.28
C ASN B 559 37.91 -20.70 -15.45
N PRO B 560 38.32 -20.04 -14.36
CA PRO B 560 38.70 -18.63 -14.29
C PRO B 560 39.71 -18.13 -15.32
N SER B 561 40.34 -19.05 -16.03
CA SER B 561 41.30 -18.67 -17.04
C SER B 561 40.62 -18.62 -18.39
N SER B 562 39.40 -19.15 -18.44
CA SER B 562 38.64 -19.19 -19.70
C SER B 562 38.17 -17.81 -20.12
N MET B 563 37.71 -17.72 -21.37
CA MET B 563 37.22 -16.48 -21.94
C MET B 563 35.75 -16.31 -21.58
N PHE B 564 35.40 -15.17 -20.98
CA PHE B 564 34.01 -14.92 -20.63
C PHE B 564 33.23 -14.37 -21.82
N ASP B 565 32.51 -15.26 -22.49
CA ASP B 565 31.68 -14.97 -23.65
C ASP B 565 30.28 -14.67 -23.12
N VAL B 566 29.83 -13.42 -23.27
CA VAL B 566 28.52 -13.03 -22.73
C VAL B 566 27.51 -12.39 -23.66
N GLN B 567 26.25 -12.81 -23.52
CA GLN B 567 25.14 -12.26 -24.28
C GLN B 567 23.98 -12.06 -23.29
N VAL B 568 23.89 -10.86 -22.71
CA VAL B 568 22.81 -10.57 -21.76
C VAL B 568 21.93 -9.44 -22.25
N LYS B 569 20.69 -9.78 -22.54
CA LYS B 569 19.68 -8.85 -23.06
C LYS B 569 18.35 -9.61 -23.02
N ARG B 570 17.25 -8.95 -23.34
CA ARG B 570 15.94 -9.63 -23.34
C ARG B 570 15.92 -10.72 -24.42
N ILE B 571 15.37 -11.89 -24.08
CA ILE B 571 15.29 -13.00 -25.02
C ILE B 571 14.37 -12.64 -26.18
N HIS B 572 14.94 -12.59 -27.37
CA HIS B 572 14.23 -12.23 -28.61
C HIS B 572 14.76 -13.07 -29.77
N GLU B 573 13.93 -13.25 -30.80
CA GLU B 573 14.39 -13.98 -31.98
C GLU B 573 15.29 -13.02 -32.77
N TYR B 574 14.89 -11.76 -32.85
CA TYR B 574 15.68 -10.80 -33.61
C TYR B 574 17.07 -10.55 -33.00
N LYS B 575 17.20 -10.72 -31.69
CA LYS B 575 18.47 -10.52 -31.02
C LYS B 575 19.32 -11.78 -31.23
N ARG B 576 18.67 -12.80 -31.77
CA ARG B 576 19.29 -14.08 -32.11
C ARG B 576 20.13 -14.82 -31.08
N GLN B 577 19.56 -15.14 -29.92
CA GLN B 577 20.29 -15.90 -28.91
C GLN B 577 20.43 -17.31 -29.44
N LEU B 578 19.61 -17.65 -30.43
CA LEU B 578 19.64 -18.96 -31.06
C LEU B 578 20.98 -19.13 -31.78
N LEU B 579 21.30 -18.16 -32.64
CA LEU B 579 22.54 -18.18 -33.39
C LEU B 579 23.67 -18.53 -32.40
N ASN B 580 23.75 -17.75 -31.33
CA ASN B 580 24.76 -17.97 -30.31
C ASN B 580 24.73 -19.42 -29.82
N CYS B 581 23.51 -19.93 -29.65
CA CYS B 581 23.28 -21.28 -29.19
C CYS B 581 23.78 -22.28 -30.24
N LEU B 582 23.61 -21.94 -31.51
CA LEU B 582 24.07 -22.80 -32.59
C LEU B 582 25.58 -22.87 -32.59
N HIS B 583 26.24 -21.82 -32.10
CA HIS B 583 27.70 -21.77 -32.03
C HIS B 583 28.24 -22.61 -30.86
N VAL B 584 27.58 -22.49 -29.71
CA VAL B 584 27.98 -23.23 -28.53
C VAL B 584 27.97 -24.73 -28.83
N ILE B 585 26.92 -25.18 -29.51
CA ILE B 585 26.79 -26.59 -29.86
C ILE B 585 27.82 -26.97 -30.91
N THR B 586 28.01 -26.09 -31.89
CA THR B 586 28.99 -26.33 -32.94
C THR B 586 30.33 -26.59 -32.27
N MET B 587 30.61 -25.85 -31.20
CA MET B 587 31.86 -26.01 -30.48
C MET B 587 31.85 -27.37 -29.77
N TYR B 588 30.75 -27.65 -29.07
CA TYR B 588 30.61 -28.90 -28.35
C TYR B 588 30.95 -30.06 -29.29
N ASN B 589 30.40 -30.05 -30.48
CA ASN B 589 30.65 -31.13 -31.43
C ASN B 589 32.10 -31.19 -31.92
N ARG B 590 32.85 -30.12 -31.67
CA ARG B 590 34.26 -30.07 -32.08
C ARG B 590 35.16 -30.72 -31.05
N ILE B 591 34.88 -30.48 -29.77
CA ILE B 591 35.69 -31.07 -28.71
C ILE B 591 35.52 -32.58 -28.70
N LYS B 592 34.29 -33.04 -28.90
CA LYS B 592 33.97 -34.45 -28.92
C LYS B 592 34.58 -35.11 -30.15
N LYS B 593 35.01 -34.27 -31.09
CA LYS B 593 35.59 -34.73 -32.34
C LYS B 593 37.09 -35.00 -32.18
N ASP B 594 37.74 -34.19 -31.34
CA ASP B 594 39.17 -34.34 -31.08
C ASP B 594 39.50 -33.81 -29.69
N PRO B 595 39.25 -34.64 -28.66
CA PRO B 595 39.48 -34.32 -27.26
C PRO B 595 40.89 -33.86 -26.92
N LYS B 596 41.80 -33.88 -27.89
CA LYS B 596 43.17 -33.47 -27.65
C LYS B 596 43.55 -32.25 -28.48
N LYS B 597 42.60 -31.76 -29.26
CA LYS B 597 42.83 -30.59 -30.11
C LYS B 597 42.76 -29.32 -29.27
N LEU B 598 43.80 -28.49 -29.38
CA LEU B 598 43.86 -27.25 -28.63
C LEU B 598 42.57 -26.44 -28.74
N PHE B 599 41.96 -26.16 -27.60
CA PHE B 599 40.71 -25.42 -27.55
C PHE B 599 40.80 -24.23 -26.61
N VAL B 600 40.51 -23.04 -27.12
CA VAL B 600 40.55 -21.84 -26.30
C VAL B 600 39.37 -21.90 -25.35
N PRO B 601 39.63 -22.23 -24.07
CA PRO B 601 38.59 -22.34 -23.04
C PRO B 601 37.62 -21.15 -22.98
N ARG B 602 36.34 -21.47 -22.78
CA ARG B 602 35.31 -20.45 -22.70
C ARG B 602 34.27 -20.78 -21.64
N THR B 603 33.74 -19.73 -21.03
CA THR B 603 32.67 -19.86 -20.06
C THR B 603 31.61 -19.00 -20.74
N VAL B 604 30.64 -19.66 -21.35
CA VAL B 604 29.60 -18.94 -22.07
C VAL B 604 28.40 -18.59 -21.20
N ILE B 605 28.13 -17.30 -21.09
CA ILE B 605 27.03 -16.81 -20.30
C ILE B 605 25.96 -16.15 -21.14
N ILE B 606 24.76 -16.72 -21.13
CA ILE B 606 23.63 -16.19 -21.87
C ILE B 606 22.49 -15.98 -20.90
N GLY B 607 22.10 -14.72 -20.70
CA GLY B 607 21.02 -14.43 -19.79
C GLY B 607 20.03 -13.43 -20.34
N GLY B 608 18.91 -13.28 -19.65
CA GLY B 608 17.89 -12.37 -20.07
C GLY B 608 16.53 -12.96 -19.78
N LYS B 609 15.53 -12.10 -19.64
CA LYS B 609 14.18 -12.55 -19.36
C LYS B 609 13.38 -12.71 -20.66
N ALA B 610 12.34 -13.52 -20.58
CA ALA B 610 11.48 -13.75 -21.72
C ALA B 610 10.11 -13.23 -21.35
N ALA B 611 9.48 -12.50 -22.25
CA ALA B 611 8.15 -11.97 -21.99
C ALA B 611 7.27 -13.19 -21.73
N PRO B 612 6.48 -13.17 -20.63
CA PRO B 612 5.58 -14.27 -20.26
C PRO B 612 4.82 -14.95 -21.41
N GLY B 613 4.26 -14.15 -22.31
CA GLY B 613 3.51 -14.74 -23.43
C GLY B 613 4.35 -15.06 -24.67
N TYR B 614 5.66 -14.82 -24.61
CA TYR B 614 6.53 -15.08 -25.76
C TYR B 614 6.99 -16.55 -25.83
N HIS B 615 6.16 -17.38 -26.48
CA HIS B 615 6.40 -18.80 -26.62
C HIS B 615 7.76 -19.18 -27.19
N MET B 616 8.13 -18.59 -28.33
CA MET B 616 9.41 -18.93 -28.94
C MET B 616 10.57 -18.56 -28.03
N ALA B 617 10.44 -17.43 -27.34
CA ALA B 617 11.51 -16.99 -26.43
C ALA B 617 11.69 -18.01 -25.31
N LYS B 618 10.58 -18.51 -24.79
CA LYS B 618 10.66 -19.50 -23.73
C LYS B 618 11.23 -20.81 -24.25
N MET B 619 10.96 -21.13 -25.51
CA MET B 619 11.52 -22.36 -26.08
C MET B 619 13.03 -22.25 -26.17
N ILE B 620 13.48 -21.07 -26.60
CA ILE B 620 14.91 -20.77 -26.74
C ILE B 620 15.64 -20.86 -25.40
N ILE B 621 14.94 -20.51 -24.32
CA ILE B 621 15.51 -20.59 -23.01
C ILE B 621 15.71 -22.06 -22.64
N LYS B 622 14.68 -22.87 -22.86
CA LYS B 622 14.71 -24.30 -22.57
C LYS B 622 15.78 -25.00 -23.41
N LEU B 623 16.01 -24.52 -24.63
CA LEU B 623 17.03 -25.10 -25.49
C LEU B 623 18.43 -24.73 -24.97
N ILE B 624 18.58 -23.50 -24.48
CA ILE B 624 19.86 -23.08 -23.96
C ILE B 624 20.20 -23.82 -22.66
N THR B 625 19.21 -24.00 -21.79
CA THR B 625 19.48 -24.71 -20.53
C THR B 625 19.74 -26.20 -20.73
N SER B 626 19.08 -26.80 -21.72
CA SER B 626 19.23 -28.21 -22.04
C SER B 626 20.64 -28.44 -22.59
N VAL B 627 21.02 -27.59 -23.54
CA VAL B 627 22.34 -27.66 -24.13
C VAL B 627 23.37 -27.54 -23.01
N ALA B 628 23.21 -26.50 -22.19
CA ALA B 628 24.11 -26.26 -21.07
C ALA B 628 24.30 -27.54 -20.24
N ASP B 629 23.21 -28.14 -19.83
CA ASP B 629 23.26 -29.37 -19.02
C ASP B 629 24.06 -30.49 -19.68
N VAL B 630 24.04 -30.54 -21.01
CA VAL B 630 24.78 -31.55 -21.75
C VAL B 630 26.26 -31.23 -21.87
N VAL B 631 26.58 -29.95 -22.01
CA VAL B 631 27.97 -29.52 -22.14
C VAL B 631 28.70 -29.47 -20.80
N ASN B 632 28.02 -28.95 -19.79
CA ASN B 632 28.61 -28.82 -18.46
C ASN B 632 28.87 -30.14 -17.77
N ASN B 633 28.12 -31.17 -18.14
CA ASN B 633 28.30 -32.47 -17.50
C ASN B 633 29.04 -33.50 -18.35
N ASP B 634 29.38 -33.14 -19.58
CA ASP B 634 30.11 -34.06 -20.45
C ASP B 634 31.54 -34.14 -19.93
N PRO B 635 31.97 -35.32 -19.47
CA PRO B 635 33.32 -35.55 -18.93
C PRO B 635 34.47 -35.21 -19.89
N MET B 636 34.27 -35.52 -21.17
CA MET B 636 35.30 -35.27 -22.17
C MET B 636 35.57 -33.80 -22.46
N VAL B 637 34.60 -32.94 -22.17
CA VAL B 637 34.78 -31.50 -22.41
C VAL B 637 35.51 -30.83 -21.25
N GLY B 638 35.24 -31.29 -20.03
CA GLY B 638 35.90 -30.73 -18.86
C GLY B 638 35.94 -29.22 -18.78
N SER B 639 37.10 -28.69 -18.38
CA SER B 639 37.29 -27.26 -18.20
C SER B 639 37.50 -26.47 -19.50
N LYS B 640 37.11 -27.04 -20.63
CA LYS B 640 37.26 -26.34 -21.90
C LYS B 640 36.04 -25.48 -22.21
N LEU B 641 34.89 -25.87 -21.69
CA LEU B 641 33.67 -25.13 -21.95
C LEU B 641 32.60 -25.35 -20.88
N LYS B 642 31.87 -24.29 -20.55
CA LYS B 642 30.80 -24.32 -19.57
C LYS B 642 29.74 -23.31 -20.02
N VAL B 643 28.48 -23.73 -20.01
CA VAL B 643 27.39 -22.86 -20.40
C VAL B 643 26.61 -22.48 -19.16
N ILE B 644 26.32 -21.19 -19.02
CA ILE B 644 25.59 -20.70 -17.88
C ILE B 644 24.47 -19.79 -18.36
N PHE B 645 23.22 -20.15 -18.07
CA PHE B 645 22.13 -19.26 -18.42
C PHE B 645 21.99 -18.42 -17.16
N LEU B 646 22.39 -17.16 -17.22
CA LEU B 646 22.33 -16.27 -16.07
C LEU B 646 20.89 -15.89 -15.73
N GLU B 647 20.37 -16.46 -14.65
CA GLU B 647 19.01 -16.20 -14.21
C GLU B 647 18.76 -14.76 -13.73
N ASN B 648 17.53 -14.31 -13.92
CA ASN B 648 17.10 -12.98 -13.49
C ASN B 648 17.97 -11.80 -13.88
N TYR B 649 18.33 -11.69 -15.16
CA TYR B 649 19.14 -10.58 -15.60
C TYR B 649 18.40 -9.28 -15.30
N ARG B 650 19.08 -8.33 -14.66
CA ARG B 650 18.49 -7.05 -14.26
C ARG B 650 19.62 -6.07 -14.02
N VAL B 651 19.29 -4.78 -13.95
CA VAL B 651 20.31 -3.76 -13.73
C VAL B 651 21.39 -4.10 -12.68
N SER B 652 20.99 -4.56 -11.51
CA SER B 652 21.97 -4.86 -10.47
C SER B 652 22.90 -6.00 -10.87
N LEU B 653 22.38 -6.98 -11.61
CA LEU B 653 23.18 -8.12 -12.06
C LEU B 653 24.08 -7.72 -13.21
N ALA B 654 23.56 -6.82 -14.06
CA ALA B 654 24.29 -6.33 -15.22
C ALA B 654 25.56 -5.66 -14.74
N GLU B 655 25.46 -4.93 -13.62
CA GLU B 655 26.59 -4.23 -13.01
C GLU B 655 27.62 -5.25 -12.53
N LYS B 656 27.20 -6.50 -12.40
CA LYS B 656 28.09 -7.57 -11.93
C LYS B 656 28.83 -8.28 -13.07
N VAL B 657 28.08 -8.83 -14.01
CA VAL B 657 28.66 -9.58 -15.12
C VAL B 657 29.35 -8.72 -16.18
N ILE B 658 28.84 -7.52 -16.44
CA ILE B 658 29.46 -6.66 -17.45
C ILE B 658 30.96 -6.40 -17.20
N PRO B 659 31.35 -5.90 -16.02
CA PRO B 659 32.76 -5.64 -15.74
C PRO B 659 33.62 -6.91 -15.85
N ALA B 660 32.99 -8.07 -15.76
CA ALA B 660 33.71 -9.34 -15.81
C ALA B 660 33.75 -9.96 -17.19
N THR B 661 33.19 -9.26 -18.18
CA THR B 661 33.11 -9.76 -19.55
C THR B 661 34.36 -9.55 -20.41
N ASP B 662 34.69 -10.56 -21.22
CA ASP B 662 35.83 -10.48 -22.13
C ASP B 662 35.32 -10.24 -23.54
N LEU B 663 34.31 -11.01 -23.93
CA LEU B 663 33.72 -10.88 -25.26
C LEU B 663 32.22 -10.56 -25.14
N SER B 664 31.77 -9.57 -25.89
CA SER B 664 30.38 -9.17 -25.86
C SER B 664 29.66 -9.59 -27.13
N GLU B 665 28.55 -10.30 -26.97
CA GLU B 665 27.76 -10.80 -28.10
C GLU B 665 26.66 -9.81 -28.43
N GLN B 666 26.76 -9.18 -29.59
CA GLN B 666 25.76 -8.22 -30.06
C GLN B 666 25.49 -8.66 -31.48
N ILE B 667 24.69 -9.71 -31.63
CA ILE B 667 24.43 -10.31 -32.94
C ILE B 667 23.03 -10.24 -33.54
N SER B 668 22.33 -9.11 -33.35
CA SER B 668 21.00 -9.01 -33.93
C SER B 668 21.08 -8.88 -35.45
N THR B 669 20.07 -9.36 -36.15
CA THR B 669 20.03 -9.27 -37.60
C THR B 669 20.19 -7.80 -37.98
N ALA B 670 20.89 -7.53 -39.07
CA ALA B 670 21.10 -6.15 -39.51
C ALA B 670 19.76 -5.44 -39.74
N GLY B 671 19.63 -4.24 -39.16
CA GLY B 671 18.42 -3.46 -39.32
C GLY B 671 17.35 -3.70 -38.28
N THR B 672 17.62 -4.58 -37.31
CA THR B 672 16.63 -4.88 -36.28
C THR B 672 16.85 -4.15 -34.96
N GLU B 673 18.11 -4.04 -34.54
CA GLU B 673 18.42 -3.35 -33.29
C GLU B 673 18.50 -1.87 -33.59
N ALA B 674 17.49 -1.11 -33.16
CA ALA B 674 17.50 0.32 -33.42
C ALA B 674 18.80 0.93 -32.90
N SER B 675 19.26 0.46 -31.76
CA SER B 675 20.51 0.99 -31.20
C SER B 675 21.28 0.03 -30.30
N GLY B 676 20.63 -0.39 -29.23
CA GLY B 676 21.28 -1.25 -28.27
C GLY B 676 22.07 -0.31 -27.39
N THR B 677 22.29 -0.71 -26.14
CA THR B 677 23.06 0.10 -25.21
C THR B 677 23.97 -0.82 -24.40
N GLY B 678 23.59 -2.10 -24.35
CA GLY B 678 24.42 -3.06 -23.64
C GLY B 678 25.79 -3.01 -24.29
N ASN B 679 25.78 -3.00 -25.62
CA ASN B 679 27.02 -2.93 -26.38
C ASN B 679 27.90 -1.83 -25.84
N MET B 680 27.32 -0.66 -25.60
CA MET B 680 28.08 0.45 -25.04
C MET B 680 28.70 0.14 -23.67
N LYS B 681 27.91 -0.46 -22.77
CA LYS B 681 28.39 -0.79 -21.43
C LYS B 681 29.61 -1.69 -21.50
N PHE B 682 29.49 -2.75 -22.29
CA PHE B 682 30.58 -3.69 -22.47
C PHE B 682 31.83 -2.97 -23.00
N MET B 683 31.65 -2.17 -24.05
CA MET B 683 32.77 -1.46 -24.67
C MET B 683 33.50 -0.60 -23.63
N LEU B 684 32.72 0.13 -22.84
CA LEU B 684 33.25 1.00 -21.81
C LEU B 684 33.94 0.20 -20.70
N ASN B 685 33.49 -1.03 -20.47
CA ASN B 685 34.05 -1.84 -19.39
C ASN B 685 35.16 -2.83 -19.74
N GLY B 686 35.81 -2.64 -20.89
CA GLY B 686 36.92 -3.51 -21.25
C GLY B 686 36.67 -4.85 -21.91
N ALA B 687 35.63 -4.94 -22.73
CA ALA B 687 35.36 -6.19 -23.42
C ALA B 687 35.38 -5.94 -24.93
N LEU B 688 35.65 -7.00 -25.70
CA LEU B 688 35.67 -6.87 -27.15
C LEU B 688 34.29 -7.29 -27.64
N THR B 689 33.86 -6.71 -28.75
CA THR B 689 32.54 -7.01 -29.28
C THR B 689 32.52 -7.79 -30.58
N ILE B 690 31.74 -8.86 -30.61
CA ILE B 690 31.58 -9.63 -31.83
C ILE B 690 30.13 -9.35 -32.22
N GLY B 691 29.92 -8.84 -33.43
CA GLY B 691 28.56 -8.55 -33.83
C GLY B 691 28.34 -8.09 -35.27
N THR B 692 27.07 -7.86 -35.59
CA THR B 692 26.67 -7.41 -36.90
C THR B 692 26.72 -5.89 -36.99
N MET B 693 26.69 -5.36 -38.20
CA MET B 693 26.69 -3.92 -38.38
C MET B 693 25.26 -3.43 -38.16
N ASP B 694 24.79 -3.56 -36.93
CA ASP B 694 23.44 -3.13 -36.61
C ASP B 694 23.47 -2.06 -35.52
N GLY B 695 22.37 -1.31 -35.41
CA GLY B 695 22.28 -0.27 -34.41
C GLY B 695 23.51 0.56 -34.16
N ALA B 696 23.84 0.76 -32.89
CA ALA B 696 24.99 1.55 -32.53
C ALA B 696 26.32 0.80 -32.71
N ASN B 697 26.26 -0.45 -33.16
CA ASN B 697 27.50 -1.20 -33.39
C ASN B 697 28.27 -0.47 -34.48
N VAL B 698 27.55 -0.07 -35.53
CA VAL B 698 28.13 0.66 -36.64
C VAL B 698 28.96 1.85 -36.13
N GLU B 699 28.37 2.61 -35.23
CA GLU B 699 29.05 3.78 -34.69
C GLU B 699 30.18 3.45 -33.75
N MET B 700 30.08 2.33 -33.05
CA MET B 700 31.15 1.91 -32.14
C MET B 700 32.35 1.61 -33.03
N ALA B 701 32.09 0.92 -34.15
CA ALA B 701 33.12 0.58 -35.11
C ALA B 701 33.78 1.83 -35.69
N GLU B 702 32.97 2.79 -36.12
CA GLU B 702 33.50 4.04 -36.67
C GLU B 702 34.44 4.72 -35.68
N GLU B 703 34.07 4.71 -34.40
CA GLU B 703 34.85 5.34 -33.35
C GLU B 703 36.13 4.61 -32.93
N ALA B 704 36.06 3.30 -32.82
CA ALA B 704 37.24 2.54 -32.40
C ALA B 704 38.04 1.93 -33.54
N GLY B 705 37.46 1.93 -34.74
CA GLY B 705 38.14 1.34 -35.88
C GLY B 705 37.53 -0.03 -36.12
N GLU B 706 36.92 -0.20 -37.28
CA GLU B 706 36.26 -1.43 -37.64
C GLU B 706 37.07 -2.70 -37.40
N GLU B 707 38.40 -2.61 -37.40
CA GLU B 707 39.21 -3.80 -37.17
C GLU B 707 39.46 -4.03 -35.69
N ASN B 708 38.93 -3.16 -34.84
CA ASN B 708 39.11 -3.32 -33.40
C ASN B 708 37.86 -3.91 -32.78
N LEU B 709 37.02 -4.46 -33.66
CA LEU B 709 35.78 -5.11 -33.27
C LEU B 709 35.65 -6.27 -34.25
N PHE B 710 34.94 -7.33 -33.84
CA PHE B 710 34.76 -8.48 -34.72
C PHE B 710 33.42 -8.39 -35.42
N ILE B 711 33.37 -7.65 -36.52
CA ILE B 711 32.14 -7.49 -37.29
C ILE B 711 31.99 -8.69 -38.21
N PHE B 712 30.75 -9.04 -38.55
CA PHE B 712 30.50 -10.19 -39.39
C PHE B 712 29.05 -10.21 -39.86
N GLY B 713 28.80 -11.09 -40.83
CA GLY B 713 27.45 -11.27 -41.35
C GLY B 713 26.91 -10.26 -42.33
N MET B 714 25.68 -10.50 -42.75
CA MET B 714 24.99 -9.63 -43.68
C MET B 714 24.83 -8.22 -43.12
N ARG B 715 24.71 -7.26 -44.03
CA ARG B 715 24.51 -5.87 -43.66
C ARG B 715 23.11 -5.55 -44.15
N ILE B 716 22.56 -4.41 -43.73
CA ILE B 716 21.20 -4.05 -44.12
C ILE B 716 20.89 -4.35 -45.59
N ASP B 717 21.81 -4.01 -46.48
CA ASP B 717 21.63 -4.26 -47.92
C ASP B 717 21.67 -5.74 -48.26
N ASP B 718 22.55 -6.49 -47.59
CA ASP B 718 22.66 -7.92 -47.83
C ASP B 718 21.34 -8.58 -47.45
N VAL B 719 20.73 -8.08 -46.38
CA VAL B 719 19.46 -8.62 -45.88
C VAL B 719 18.33 -8.35 -46.87
N ALA B 720 18.29 -7.15 -47.42
CA ALA B 720 17.27 -6.79 -48.38
C ALA B 720 17.40 -7.67 -49.62
N ALA B 721 18.64 -7.83 -50.10
CA ALA B 721 18.90 -8.65 -51.27
C ALA B 721 18.43 -10.09 -51.06
N LEU B 722 18.67 -10.60 -49.85
CA LEU B 722 18.26 -11.96 -49.53
C LEU B 722 16.74 -12.07 -49.46
N ASP B 723 16.08 -11.00 -49.02
CA ASP B 723 14.62 -11.01 -48.94
C ASP B 723 14.04 -11.01 -50.34
N LYS B 724 14.46 -10.03 -51.15
CA LYS B 724 13.99 -9.92 -52.52
C LYS B 724 14.07 -11.27 -53.21
N LYS B 725 15.22 -11.93 -53.06
CA LYS B 725 15.43 -13.23 -53.66
C LYS B 725 14.52 -14.25 -53.01
N GLY B 726 14.62 -14.36 -51.69
CA GLY B 726 13.81 -15.31 -50.94
C GLY B 726 14.70 -16.12 -50.04
N TYR B 727 14.36 -16.19 -48.75
CA TYR B 727 15.15 -16.94 -47.78
C TYR B 727 14.75 -18.40 -47.74
N GLU B 728 15.73 -19.26 -47.97
CA GLU B 728 15.51 -20.70 -47.94
C GLU B 728 16.49 -21.32 -46.95
N ALA B 729 16.19 -21.19 -45.67
CA ALA B 729 17.02 -21.72 -44.61
C ALA B 729 17.54 -23.13 -44.87
N LYS B 730 16.79 -23.94 -45.59
CA LYS B 730 17.20 -25.32 -45.85
C LYS B 730 18.49 -25.44 -46.66
N GLU B 731 18.79 -24.44 -47.48
CA GLU B 731 20.00 -24.47 -48.30
C GLU B 731 21.26 -24.47 -47.44
N TYR B 732 21.37 -23.52 -46.51
CA TYR B 732 22.56 -23.44 -45.66
C TYR B 732 22.69 -24.70 -44.83
N TYR B 733 21.55 -25.29 -44.48
CA TYR B 733 21.51 -26.53 -43.71
C TYR B 733 22.09 -27.62 -44.59
N GLU B 734 21.65 -27.61 -45.85
CA GLU B 734 22.07 -28.58 -46.85
C GLU B 734 23.54 -28.39 -47.20
N ALA B 735 24.00 -27.13 -47.21
CA ALA B 735 25.37 -26.81 -47.57
C ALA B 735 26.34 -26.58 -46.43
N LEU B 736 25.98 -26.97 -45.21
CA LEU B 736 26.89 -26.76 -44.09
C LEU B 736 26.97 -27.92 -43.11
N PRO B 737 27.93 -28.84 -43.33
CA PRO B 737 28.09 -29.99 -42.44
C PRO B 737 27.99 -29.65 -40.95
N GLU B 738 28.89 -28.82 -40.43
CA GLU B 738 28.86 -28.47 -39.01
C GLU B 738 27.48 -28.04 -38.55
N LEU B 739 26.75 -27.35 -39.43
CA LEU B 739 25.41 -26.89 -39.11
C LEU B 739 24.39 -28.03 -39.11
N LYS B 740 24.35 -28.80 -40.19
CA LYS B 740 23.41 -29.91 -40.32
C LYS B 740 23.38 -30.76 -39.06
N LEU B 741 24.56 -31.02 -38.49
CA LEU B 741 24.67 -31.82 -37.28
C LEU B 741 23.95 -31.13 -36.11
N VAL B 742 24.40 -29.92 -35.76
CA VAL B 742 23.79 -29.16 -34.66
C VAL B 742 22.27 -29.28 -34.73
N ILE B 743 21.71 -29.05 -35.91
CA ILE B 743 20.28 -29.12 -36.12
C ILE B 743 19.73 -30.52 -35.86
N ASP B 744 20.26 -31.53 -36.55
CA ASP B 744 19.80 -32.91 -36.36
C ASP B 744 19.83 -33.29 -34.89
N GLN B 745 20.81 -32.75 -34.15
CA GLN B 745 20.91 -33.06 -32.72
C GLN B 745 19.75 -32.43 -31.96
N ILE B 746 19.37 -31.21 -32.36
CA ILE B 746 18.27 -30.50 -31.72
C ILE B 746 16.92 -31.12 -32.05
N ASP B 747 16.76 -31.49 -33.32
CA ASP B 747 15.51 -32.06 -33.81
C ASP B 747 15.31 -33.54 -33.49
N ASN B 748 16.38 -34.23 -33.13
CA ASN B 748 16.29 -35.66 -32.85
C ASN B 748 16.35 -36.05 -31.36
N GLY B 749 16.51 -35.08 -30.48
CA GLY B 749 16.52 -35.37 -29.06
C GLY B 749 17.86 -35.51 -28.35
N PHE B 750 18.95 -35.13 -29.00
CA PHE B 750 20.26 -35.25 -28.36
C PHE B 750 20.30 -34.44 -27.07
N PHE B 751 19.58 -33.32 -27.03
CA PHE B 751 19.56 -32.45 -25.86
C PHE B 751 18.29 -32.57 -25.02
N SER B 752 17.37 -33.42 -25.46
CA SER B 752 16.10 -33.65 -24.76
C SER B 752 15.64 -35.09 -25.01
N PRO B 753 16.35 -36.07 -24.42
CA PRO B 753 15.99 -37.49 -24.61
C PRO B 753 14.55 -37.83 -24.21
N LYS B 754 14.17 -37.45 -23.00
CA LYS B 754 12.83 -37.73 -22.50
C LYS B 754 11.77 -37.12 -23.42
N GLN B 755 12.15 -36.07 -24.12
CA GLN B 755 11.24 -35.37 -25.03
C GLN B 755 11.92 -35.13 -26.37
N PRO B 756 11.97 -36.15 -27.23
CA PRO B 756 12.59 -36.10 -28.56
C PRO B 756 12.15 -34.98 -29.51
N ASP B 757 10.87 -34.66 -29.55
CA ASP B 757 10.39 -33.61 -30.46
C ASP B 757 10.17 -32.29 -29.72
N LEU B 758 10.76 -32.17 -28.55
CA LEU B 758 10.62 -30.97 -27.73
C LEU B 758 10.87 -29.65 -28.47
N PHE B 759 11.90 -29.62 -29.31
CA PHE B 759 12.25 -28.40 -30.02
C PHE B 759 11.69 -28.25 -31.43
N LYS B 760 10.63 -28.99 -31.70
CA LYS B 760 9.96 -28.95 -33.00
C LYS B 760 9.66 -27.53 -33.46
N ASP B 761 8.98 -26.76 -32.61
CA ASP B 761 8.61 -25.39 -32.92
C ASP B 761 9.80 -24.53 -33.35
N ILE B 762 10.98 -24.81 -32.77
CA ILE B 762 12.19 -24.07 -33.09
C ILE B 762 12.70 -24.49 -34.47
N ILE B 763 12.80 -25.80 -34.70
CA ILE B 763 13.25 -26.32 -35.97
C ILE B 763 12.33 -25.82 -37.08
N ASN B 764 11.03 -25.88 -36.82
CA ASN B 764 10.05 -25.46 -37.80
C ASN B 764 10.11 -23.97 -38.10
N MET B 765 10.54 -23.18 -37.12
CA MET B 765 10.64 -21.73 -37.32
C MET B 765 11.91 -21.43 -38.08
N LEU B 766 13.00 -22.08 -37.69
CA LEU B 766 14.29 -21.90 -38.33
C LEU B 766 14.26 -22.30 -39.82
N PHE B 767 13.34 -23.19 -40.18
CA PHE B 767 13.26 -23.65 -41.55
C PHE B 767 12.20 -23.00 -42.43
N TYR B 768 11.05 -22.66 -41.87
CA TYR B 768 10.00 -22.09 -42.71
C TYR B 768 9.40 -20.76 -42.27
N HIS B 769 9.95 -20.16 -41.21
CA HIS B 769 9.44 -18.88 -40.72
C HIS B 769 10.48 -18.04 -39.99
N ASP B 770 11.72 -18.03 -40.49
CA ASP B 770 12.76 -17.24 -39.83
C ASP B 770 12.92 -15.88 -40.46
N ARG B 771 12.29 -14.88 -39.86
CA ARG B 771 12.38 -13.51 -40.36
C ARG B 771 13.72 -12.88 -40.03
N PHE B 772 14.50 -13.55 -39.19
CA PHE B 772 15.78 -13.01 -38.79
C PHE B 772 16.99 -13.78 -39.32
N LYS B 773 16.72 -14.57 -40.37
CA LYS B 773 17.72 -15.33 -41.10
C LYS B 773 18.89 -15.85 -40.27
N VAL B 774 18.60 -16.71 -39.31
CA VAL B 774 19.65 -17.26 -38.45
C VAL B 774 20.78 -17.99 -39.18
N PHE B 775 20.43 -18.99 -39.99
CA PHE B 775 21.44 -19.77 -40.72
C PHE B 775 22.24 -18.90 -41.68
N ALA B 776 21.56 -17.97 -42.34
CA ALA B 776 22.19 -17.07 -43.29
C ALA B 776 23.43 -16.36 -42.75
N ASP B 777 23.53 -16.22 -41.43
CA ASP B 777 24.69 -15.58 -40.81
C ASP B 777 25.49 -16.58 -39.98
N TYR B 778 25.06 -17.84 -40.00
CA TYR B 778 25.76 -18.86 -39.23
C TYR B 778 27.23 -19.08 -39.65
N GLU B 779 27.47 -19.17 -40.95
CA GLU B 779 28.83 -19.39 -41.44
C GLU B 779 29.77 -18.25 -41.09
N ALA B 780 29.34 -17.03 -41.36
CA ALA B 780 30.16 -15.86 -41.06
C ALA B 780 30.43 -15.78 -39.57
N TYR B 781 29.38 -15.99 -38.77
CA TYR B 781 29.50 -15.93 -37.31
C TYR B 781 30.51 -16.93 -36.75
N VAL B 782 30.47 -18.17 -37.23
CA VAL B 782 31.40 -19.18 -36.74
C VAL B 782 32.85 -18.88 -37.09
N LYS B 783 33.09 -18.45 -38.33
CA LYS B 783 34.45 -18.12 -38.72
C LYS B 783 34.90 -16.94 -37.87
N CYS B 784 33.99 -15.99 -37.62
CA CYS B 784 34.33 -14.82 -36.82
C CYS B 784 34.77 -15.21 -35.40
N GLN B 785 34.05 -16.13 -34.78
CA GLN B 785 34.37 -16.58 -33.44
C GLN B 785 35.76 -17.21 -33.33
N ASP B 786 36.15 -17.98 -34.35
CA ASP B 786 37.47 -18.64 -34.34
C ASP B 786 38.58 -17.60 -34.26
N LYS B 787 38.39 -16.47 -34.93
CA LYS B 787 39.39 -15.42 -34.89
C LYS B 787 39.44 -14.83 -33.49
N VAL B 788 38.29 -14.75 -32.84
CA VAL B 788 38.23 -14.22 -31.47
C VAL B 788 39.10 -15.13 -30.61
N SER B 789 38.90 -16.43 -30.76
CA SER B 789 39.68 -17.42 -30.01
C SER B 789 41.17 -17.19 -30.29
N GLN B 790 41.51 -17.00 -31.56
CA GLN B 790 42.91 -16.78 -31.95
C GLN B 790 43.49 -15.62 -31.18
N LEU B 791 42.83 -14.47 -31.27
CA LEU B 791 43.28 -13.27 -30.60
C LEU B 791 43.38 -13.40 -29.08
N TYR B 792 42.53 -14.24 -28.49
CA TYR B 792 42.53 -14.40 -27.03
C TYR B 792 43.79 -15.10 -26.52
N MET B 793 44.34 -15.98 -27.35
CA MET B 793 45.56 -16.70 -26.96
C MET B 793 46.73 -15.73 -26.91
N ASN B 794 46.51 -14.50 -27.38
CA ASN B 794 47.54 -13.49 -27.39
C ASN B 794 47.15 -12.33 -26.47
N PRO B 795 47.52 -12.43 -25.18
CA PRO B 795 47.21 -11.40 -24.18
C PRO B 795 47.53 -9.99 -24.65
N LYS B 796 48.77 -9.80 -25.11
CA LYS B 796 49.25 -8.50 -25.57
C LYS B 796 48.37 -7.86 -26.64
N ALA B 797 47.99 -8.63 -27.65
CA ALA B 797 47.16 -8.11 -28.73
C ALA B 797 45.70 -7.94 -28.33
N TRP B 798 45.22 -8.83 -27.47
CA TRP B 798 43.83 -8.76 -27.02
C TRP B 798 43.62 -7.50 -26.21
N ASN B 799 44.47 -7.29 -25.21
CA ASN B 799 44.38 -6.12 -24.36
C ASN B 799 44.69 -4.85 -25.11
N THR B 800 45.48 -4.95 -26.17
CA THR B 800 45.79 -3.77 -26.98
C THR B 800 44.50 -3.33 -27.68
N MET B 801 43.79 -4.30 -28.25
CA MET B 801 42.53 -4.00 -28.93
C MET B 801 41.54 -3.45 -27.91
N VAL B 802 41.51 -4.04 -26.72
CA VAL B 802 40.61 -3.58 -25.65
C VAL B 802 40.88 -2.12 -25.33
N LEU B 803 42.13 -1.77 -25.11
CA LEU B 803 42.51 -0.40 -24.81
C LEU B 803 41.94 0.57 -25.85
N LYS B 804 41.98 0.14 -27.12
CA LYS B 804 41.47 0.95 -28.22
C LYS B 804 39.96 1.13 -28.16
N ASN B 805 39.26 0.20 -27.52
CA ASN B 805 37.81 0.31 -27.39
C ASN B 805 37.46 1.23 -26.22
N ILE B 806 38.17 1.09 -25.11
CA ILE B 806 37.91 1.93 -23.95
C ILE B 806 38.20 3.41 -24.24
N ALA B 807 39.23 3.67 -25.03
CA ALA B 807 39.60 5.05 -25.36
C ALA B 807 38.68 5.70 -26.38
N ALA B 808 37.88 4.88 -27.06
CA ALA B 808 36.97 5.39 -28.08
C ALA B 808 35.49 5.36 -27.66
N SER B 809 35.22 4.92 -26.44
CA SER B 809 33.85 4.84 -25.96
C SER B 809 33.24 6.17 -25.52
N GLY B 810 34.05 7.20 -25.41
CA GLY B 810 33.57 8.51 -24.99
C GLY B 810 32.33 9.04 -25.69
N LYS B 811 32.17 8.73 -26.96
CA LYS B 811 31.01 9.22 -27.71
C LYS B 811 29.69 8.65 -27.18
N PHE B 812 29.79 7.50 -26.51
CA PHE B 812 28.61 6.81 -26.01
C PHE B 812 28.15 7.15 -24.60
N SER B 813 28.70 8.23 -24.05
CA SER B 813 28.32 8.71 -22.73
C SER B 813 26.98 9.42 -22.92
N SER B 814 26.00 9.12 -22.07
CA SER B 814 24.69 9.76 -22.20
C SER B 814 24.77 11.27 -22.04
N ASP B 815 25.88 11.79 -21.52
CA ASP B 815 26.02 13.23 -21.38
C ASP B 815 26.13 13.88 -22.76
N ARG B 816 26.71 13.15 -23.72
CA ARG B 816 26.84 13.67 -25.08
C ARG B 816 25.45 13.67 -25.73
N THR B 817 24.73 12.56 -25.56
CA THR B 817 23.39 12.42 -26.11
C THR B 817 22.47 13.55 -25.63
N ILE B 818 22.42 13.73 -24.32
CA ILE B 818 21.57 14.74 -23.73
C ILE B 818 21.91 16.14 -24.23
N LYS B 819 23.21 16.42 -24.33
CA LYS B 819 23.66 17.71 -24.81
C LYS B 819 23.11 17.98 -26.22
N GLU B 820 23.08 16.94 -27.06
CA GLU B 820 22.56 17.07 -28.43
C GLU B 820 21.05 17.28 -28.47
N TYR B 821 20.32 16.62 -27.57
CA TYR B 821 18.87 16.77 -27.49
C TYR B 821 18.58 18.18 -27.05
N ALA B 822 19.35 18.66 -26.08
CA ALA B 822 19.17 20.01 -25.54
C ALA B 822 19.32 21.09 -26.60
N GLN B 823 20.40 21.01 -27.39
CA GLN B 823 20.66 22.01 -28.42
C GLN B 823 19.72 21.97 -29.63
N ASN B 824 19.44 20.78 -30.12
CA ASN B 824 18.64 20.65 -31.33
C ASN B 824 17.17 20.28 -31.22
N ILE B 825 16.73 19.92 -30.02
CA ILE B 825 15.33 19.57 -29.87
C ILE B 825 14.59 20.41 -28.83
N TRP B 826 15.07 20.38 -27.59
CA TRP B 826 14.44 21.10 -26.49
C TRP B 826 14.82 22.58 -26.41
N ASN B 827 15.96 22.92 -27.00
CA ASN B 827 16.42 24.30 -27.00
C ASN B 827 16.56 24.85 -25.58
N VAL B 828 17.38 24.20 -24.76
CA VAL B 828 17.63 24.63 -23.40
C VAL B 828 19.13 24.55 -23.10
N GLU B 829 19.56 25.25 -22.05
CA GLU B 829 20.96 25.25 -21.65
C GLU B 829 21.10 24.77 -20.21
N PRO B 830 22.28 24.26 -19.85
CA PRO B 830 22.59 23.75 -18.51
C PRO B 830 22.34 24.75 -17.37
N SER B 831 21.13 24.73 -16.81
CA SER B 831 20.76 25.63 -15.72
C SER B 831 21.83 25.65 -14.64
#